data_2ET4
# 
_entry.id   2ET4 
# 
_audit_conform.dict_name       mmcif_pdbx.dic 
_audit_conform.dict_version    5.376 
_audit_conform.dict_location   http://mmcif.pdb.org/dictionaries/ascii/mmcif_pdbx.dic 
# 
loop_
_database_2.database_id 
_database_2.database_code 
_database_2.pdbx_database_accession 
_database_2.pdbx_DOI 
PDB   2ET4         pdb_00002et4 10.2210/pdb2et4/pdb 
NDB   DR0016       ?            ?                   
RCSB  RCSB035059   ?            ?                   
WWPDB D_1000035059 ?            ?                   
# 
_pdbx_database_related.db_name        PDB 
_pdbx_database_related.db_id          1J7T 
_pdbx_database_related.details        'COMPLEX BETWEEN PAROMOMYCIN AND THE 16S-RRNA A-SITE AT 2.5A RESOLUTION' 
_pdbx_database_related.content_type   unspecified 
# 
_pdbx_database_status.status_code                     REL 
_pdbx_database_status.entry_id                        2ET4 
_pdbx_database_status.recvd_initial_deposition_date   2005-10-27 
_pdbx_database_status.deposit_site                    RCSB 
_pdbx_database_status.process_site                    RCSB 
_pdbx_database_status.status_code_sf                  REL 
_pdbx_database_status.status_code_mr                  ? 
_pdbx_database_status.SG_entry                        ? 
_pdbx_database_status.pdb_format_compatible           Y 
_pdbx_database_status.status_code_cs                  ? 
_pdbx_database_status.status_code_nmr_data            ? 
_pdbx_database_status.methods_development_category    ? 
# 
_audit_author.name           'Westhof, E.' 
_audit_author.pdbx_ordinal   1 
# 
_citation.id                        primary 
_citation.title                     
;Crystal structures of complexes between aminoglycosides and decoding A site oligonucleotides: role of the number of rings and positive charges in the specific binding leading to miscoding.
;
_citation.journal_abbrev            'Nucleic Acids Res.' 
_citation.journal_volume            33 
_citation.page_first                5677 
_citation.page_last                 5690 
_citation.year                      2005 
_citation.journal_id_ASTM           NARHAD 
_citation.country                   UK 
_citation.journal_id_ISSN           0305-1048 
_citation.journal_id_CSD            0389 
_citation.book_publisher            ? 
_citation.pdbx_database_id_PubMed   16214802 
_citation.pdbx_database_id_DOI      10.1093/nar/gki862 
# 
loop_
_citation_author.citation_id 
_citation_author.name 
_citation_author.ordinal 
_citation_author.identifier_ORCID 
primary 'Francois, B.'  1 ? 
primary 'Russell, R.J.' 2 ? 
primary 'Murray, J.B.'  3 ? 
primary 'Aboul-ela, F.' 4 ? 
primary 'Masquida, B.'  5 ? 
primary 'Vicens, Q.'    6 ? 
primary 'Westhof, E.'   7 ? 
# 
_cell.entry_id           2ET4 
_cell.length_a           33.220 
_cell.length_b           45.950 
_cell.length_c           93.810 
_cell.angle_alpha        90.00 
_cell.angle_beta         90.00 
_cell.angle_gamma        90.00 
_cell.Z_PDB              8 
_cell.pdbx_unique_axis   ? 
# 
_symmetry.entry_id                         2ET4 
_symmetry.space_group_name_H-M             'P 21 21 21' 
_symmetry.pdbx_full_space_group_name_H-M   ? 
_symmetry.cell_setting                     ? 
_symmetry.Int_Tables_number                19 
_symmetry.space_group_name_Hall            ? 
# 
loop_
_entity.id 
_entity.type 
_entity.src_method 
_entity.pdbx_description 
_entity.formula_weight 
_entity.pdbx_number_of_molecules 
_entity.pdbx_ec 
_entity.pdbx_mutation 
_entity.pdbx_fragment 
_entity.details 
1 polymer     syn "5'-R(*CP*GP*CP*GP*UP*CP*AP*CP*AP*CP*CP*GP*GP*UP*GP*AP*AP*GP*UP*CP*GP*C)-3'" 7048.259 2  ? ? ? ? 
2 non-polymer syn NEOMYCIN                                                                     614.644  2  ? ? ? ? 
3 water       nat water                                                                        18.015   48 ? ? ? ? 
# 
_entity_poly.entity_id                      1 
_entity_poly.type                           polyribonucleotide 
_entity_poly.nstd_linkage                   no 
_entity_poly.nstd_monomer                   no 
_entity_poly.pdbx_seq_one_letter_code       CGCGUCACACCGGUGAAGUCGC 
_entity_poly.pdbx_seq_one_letter_code_can   CGCGUCACACCGGUGAAGUCGC 
_entity_poly.pdbx_strand_id                 A,B 
_entity_poly.pdbx_target_identifier         ? 
# 
loop_
_entity_poly_seq.entity_id 
_entity_poly_seq.num 
_entity_poly_seq.mon_id 
_entity_poly_seq.hetero 
1 1  C n 
1 2  G n 
1 3  C n 
1 4  G n 
1 5  U n 
1 6  C n 
1 7  A n 
1 8  C n 
1 9  A n 
1 10 C n 
1 11 C n 
1 12 G n 
1 13 G n 
1 14 U n 
1 15 G n 
1 16 A n 
1 17 A n 
1 18 G n 
1 19 U n 
1 20 C n 
1 21 G n 
1 22 C n 
# 
_struct_ref.id                         1 
_struct_ref.entity_id                  1 
_struct_ref.db_name                    PDB 
_struct_ref.db_code                    2ET4 
_struct_ref.pdbx_db_accession          2ET4 
_struct_ref.pdbx_db_isoform            ? 
_struct_ref.pdbx_seq_one_letter_code   ? 
_struct_ref.pdbx_align_begin           ? 
# 
loop_
_struct_ref_seq.align_id 
_struct_ref_seq.ref_id 
_struct_ref_seq.pdbx_PDB_id_code 
_struct_ref_seq.pdbx_strand_id 
_struct_ref_seq.seq_align_beg 
_struct_ref_seq.pdbx_seq_align_beg_ins_code 
_struct_ref_seq.seq_align_end 
_struct_ref_seq.pdbx_seq_align_end_ins_code 
_struct_ref_seq.pdbx_db_accession 
_struct_ref_seq.db_align_beg 
_struct_ref_seq.pdbx_db_align_beg_ins_code 
_struct_ref_seq.db_align_end 
_struct_ref_seq.pdbx_db_align_end_ins_code 
_struct_ref_seq.pdbx_auth_seq_align_beg 
_struct_ref_seq.pdbx_auth_seq_align_end 
1 1 2ET4 A 1 ? 22 ? 2ET4 1  ? 22 ? 1  22 
2 1 2ET4 B 1 ? 22 ? 2ET4 24 ? 45 ? 24 45 
# 
loop_
_chem_comp.id 
_chem_comp.type 
_chem_comp.mon_nstd_flag 
_chem_comp.name 
_chem_comp.pdbx_synonyms 
_chem_comp.formula 
_chem_comp.formula_weight 
A   'RNA linking' y "ADENOSINE-5'-MONOPHOSPHATE" ?                                           'C10 H14 N5 O7 P' 347.221 
C   'RNA linking' y "CYTIDINE-5'-MONOPHOSPHATE"  ?                                           'C9 H14 N3 O8 P'  323.197 
G   'RNA linking' y "GUANOSINE-5'-MONOPHOSPHATE" ?                                           'C10 H14 N5 O8 P' 363.221 
HOH non-polymer   . WATER                        ?                                           'H2 O'            18.015  
NMY non-polymer   . NEOMYCIN                     'MYCIFRADIN; NEOMAS; PIMAVECORT; VONAMYCIN' 'C23 H46 N6 O13'  614.644 
U   'RNA linking' y "URIDINE-5'-MONOPHOSPHATE"   ?                                           'C9 H13 N2 O9 P'  324.181 
# 
_exptl.entry_id          2ET4 
_exptl.method            'X-RAY DIFFRACTION' 
_exptl.crystals_number   1 
# 
_exptl_crystal.id                    1 
_exptl_crystal.density_meas          ? 
_exptl_crystal.density_Matthews      2.54 
_exptl_crystal.density_percent_sol   51.57 
_exptl_crystal.description           ? 
_exptl_crystal.F_000                 ? 
_exptl_crystal.preparation           ? 
# 
_exptl_crystal_grow.crystal_id      1 
_exptl_crystal_grow.method          'VAPOR DIFFUSION, HANGING DROP' 
_exptl_crystal_grow.temp            310 
_exptl_crystal_grow.temp_details    ? 
_exptl_crystal_grow.pH              6.4 
_exptl_crystal_grow.pdbx_details    
'MPD, NACL, MGSO4, GLYCEROL, NA CACODYLATE, pH 6.4, VAPOR DIFFUSION, HANGING DROP, temperature 310K' 
_exptl_crystal_grow.pdbx_pH_range   . 
# 
loop_
_exptl_crystal_grow_comp.crystal_id 
_exptl_crystal_grow_comp.id 
_exptl_crystal_grow_comp.sol_id 
_exptl_crystal_grow_comp.name 
_exptl_crystal_grow_comp.volume 
_exptl_crystal_grow_comp.conc 
_exptl_crystal_grow_comp.details 
1 1  1 MPD             ? ? ? 
1 2  1 NACL            ? ? ? 
1 3  1 MGSO4           ? ? ? 
1 4  1 GLYCEROL        ? ? ? 
1 5  1 'NA CACODYLATE' ? ? ? 
1 6  1 H2O             ? ? ? 
1 7  2 MPD             ? ? ? 
1 8  2 NACL            ? ? ? 
1 9  2 MGSO4           ? ? ? 
1 10 2 'NA CACODYLATE' ? ? ? 
# 
_diffrn.id                     1 
_diffrn.ambient_temp           110 
_diffrn.ambient_temp_details   ? 
_diffrn.crystal_id             1 
# 
_diffrn_detector.diffrn_id              1 
_diffrn_detector.detector               CCD 
_diffrn_detector.type                   'ADSC QUANTUM 4' 
_diffrn_detector.pdbx_collection_date   ? 
_diffrn_detector.details                ? 
# 
_diffrn_radiation.diffrn_id                        1 
_diffrn_radiation.wavelength_id                    1 
_diffrn_radiation.pdbx_monochromatic_or_laue_m_l   M 
_diffrn_radiation.monochromator                    ? 
_diffrn_radiation.pdbx_diffrn_protocol             'SINGLE WAVELENGTH' 
_diffrn_radiation.pdbx_scattering_type             x-ray 
# 
_diffrn_radiation_wavelength.id           1 
_diffrn_radiation_wavelength.wavelength   0.936 
_diffrn_radiation_wavelength.wt           1.0 
# 
_diffrn_source.diffrn_id                   1 
_diffrn_source.source                      SYNCHROTRON 
_diffrn_source.type                        'ESRF BEAMLINE ID29' 
_diffrn_source.pdbx_synchrotron_site       ESRF 
_diffrn_source.pdbx_synchrotron_beamline   ID29 
_diffrn_source.pdbx_wavelength             ? 
_diffrn_source.pdbx_wavelength_list        0.936 
# 
_reflns.entry_id                     2ET4 
_reflns.observed_criterion_sigma_I   5 
_reflns.observed_criterion_sigma_F   5 
_reflns.d_resolution_low             50 
_reflns.d_resolution_high            2.3 
_reflns.number_obs                   7300 
_reflns.number_all                   7300 
_reflns.percent_possible_obs         ? 
_reflns.pdbx_Rmerge_I_obs            ? 
_reflns.pdbx_Rsym_value              ? 
_reflns.pdbx_netI_over_sigmaI        ? 
_reflns.B_iso_Wilson_estimate        ? 
_reflns.pdbx_redundancy              ? 
_reflns.R_free_details               ? 
_reflns.pdbx_chi_squared             ? 
_reflns.pdbx_scaling_rejects         ? 
_reflns.pdbx_diffrn_id               1 
_reflns.pdbx_ordinal                 1 
# 
_refine.entry_id                                 2ET4 
_refine.ls_number_reflns_obs                     5398 
_refine.ls_number_reflns_all                     6016 
_refine.pdbx_ls_sigma_I                          ? 
_refine.pdbx_ls_sigma_F                          1.5 
_refine.pdbx_data_cutoff_high_absF               ? 
_refine.pdbx_data_cutoff_low_absF                ? 
_refine.pdbx_data_cutoff_high_rms_absF           ? 
_refine.ls_d_res_low                             30 
_refine.ls_d_res_high                            2.4 
_refine.ls_percent_reflns_obs                    89.7 
_refine.ls_R_factor_obs                          0.2085 
_refine.ls_R_factor_all                          ? 
_refine.ls_R_factor_R_work                       0.2085 
_refine.ls_R_factor_R_free                       0.2583 
_refine.ls_R_factor_R_free_error                 ? 
_refine.ls_R_factor_R_free_error_details         ? 
_refine.ls_percent_reflns_R_free                 ? 
_refine.ls_number_reflns_R_free                  569 
_refine.ls_number_parameters                     ? 
_refine.ls_number_restraints                     ? 
_refine.occupancy_min                            ? 
_refine.occupancy_max                            ? 
_refine.correlation_coeff_Fo_to_Fc               ? 
_refine.correlation_coeff_Fo_to_Fc_free          ? 
_refine.B_iso_mean                               ? 
_refine.aniso_B[1][1]                            ? 
_refine.aniso_B[2][2]                            ? 
_refine.aniso_B[3][3]                            ? 
_refine.aniso_B[1][2]                            ? 
_refine.aniso_B[1][3]                            ? 
_refine.aniso_B[2][3]                            ? 
_refine.solvent_model_details                    ? 
_refine.solvent_model_param_ksol                 ? 
_refine.solvent_model_param_bsol                 ? 
_refine.pdbx_solvent_vdw_probe_radii             ? 
_refine.pdbx_solvent_ion_probe_radii             ? 
_refine.pdbx_solvent_shrinkage_radii             ? 
_refine.pdbx_ls_cross_valid_method               ? 
_refine.details                                  ? 
_refine.pdbx_starting_model                      'PDB Entry: 1J7T' 
_refine.pdbx_method_to_determine_struct          'MOLECULAR REPLACEMENT' 
_refine.pdbx_isotropic_thermal_model             ? 
_refine.pdbx_stereochemistry_target_values       
;G. PARKINSON, J. VOJTECHOVSKY, L. CLOWNEY,A.T. BRUNGER, H.M. BERMAN, NEW PARAMETERSFOR THE REFINEMENT OF NUCLEIC ACID CONTAINING STRUCTURES, ACTA CRYST. D, 52,57-64 (1996)
;
_refine.pdbx_stereochem_target_val_spec_case     ? 
_refine.pdbx_R_Free_selection_details            RANDOM 
_refine.pdbx_overall_ESU_R                       ? 
_refine.pdbx_overall_ESU_R_Free                  ? 
_refine.overall_SU_ML                            ? 
_refine.overall_SU_B                             ? 
_refine.ls_redundancy_reflns_obs                 ? 
_refine.overall_SU_R_Cruickshank_DPI             ? 
_refine.overall_SU_R_free                        ? 
_refine.ls_wR_factor_R_free                      ? 
_refine.ls_wR_factor_R_work                      ? 
_refine.overall_FOM_free_R_set                   ? 
_refine.overall_FOM_work_R_set                   ? 
_refine.pdbx_refine_id                           'X-RAY DIFFRACTION' 
_refine.pdbx_diffrn_id                           1 
_refine.pdbx_TLS_residual_ADP_flag               ? 
_refine.pdbx_overall_phase_error                 ? 
_refine.pdbx_overall_SU_R_free_Cruickshank_DPI   ? 
_refine.pdbx_overall_SU_R_Blow_DPI               ? 
_refine.pdbx_overall_SU_R_free_Blow_DPI          ? 
# 
_refine_analyze.entry_id                        2ET4 
_refine_analyze.Luzzati_coordinate_error_obs    0.33 
_refine_analyze.Luzzati_sigma_a_obs             0.39 
_refine_analyze.Luzzati_d_res_low_obs           5.0 
_refine_analyze.Luzzati_coordinate_error_free   0.44 
_refine_analyze.Luzzati_sigma_a_free            0.50 
_refine_analyze.Luzzati_d_res_low_free          ? 
_refine_analyze.number_disordered_residues      ? 
_refine_analyze.occupancy_sum_hydrogen          ? 
_refine_analyze.occupancy_sum_non_hydrogen      ? 
_refine_analyze.pdbx_refine_id                  'X-RAY DIFFRACTION' 
# 
_refine_hist.pdbx_refine_id                   'X-RAY DIFFRACTION' 
_refine_hist.cycle_id                         LAST 
_refine_hist.pdbx_number_atoms_protein        0 
_refine_hist.pdbx_number_atoms_nucleic_acid   898 
_refine_hist.pdbx_number_atoms_ligand         84 
_refine_hist.number_atoms_solvent             48 
_refine_hist.number_atoms_total               1030 
_refine_hist.d_res_high                       2.4 
_refine_hist.d_res_low                        30 
# 
loop_
_refine_ls_restr.type 
_refine_ls_restr.dev_ideal 
_refine_ls_restr.dev_ideal_target 
_refine_ls_restr.weight 
_refine_ls_restr.number 
_refine_ls_restr.pdbx_refine_id 
_refine_ls_restr.pdbx_restraint_function 
c_bond_d           0.0055 ? ? ? 'X-RAY DIFFRACTION' ? 
c_angle_d          0.9095 ? ? ? 'X-RAY DIFFRACTION' ? 
c_dihedral_angle_d 9.2824 ? ? ? 'X-RAY DIFFRACTION' ? 
c_improper_angle_d 1.2894 ? ? ? 'X-RAY DIFFRACTION' ? 
# 
_struct.entry_id                  2ET4 
_struct.title                     'Complex Between Neomycin B and the 16S-RRNA A-Site' 
_struct.pdbx_model_details        ? 
_struct.pdbx_CASP_flag            ? 
_struct.pdbx_model_type_details   ? 
# 
_struct_keywords.entry_id        2ET4 
_struct_keywords.pdbx_keywords   RNA 
_struct_keywords.text            'RNA-AMINOGLYCOSIDE INTERACTIONS, A SITE, UOU PAIRS, AA BULGES, RNA' 
# 
loop_
_struct_asym.id 
_struct_asym.pdbx_blank_PDB_chainid_flag 
_struct_asym.pdbx_modified 
_struct_asym.entity_id 
_struct_asym.details 
A N N 1 ? 
B N N 1 ? 
C N N 2 ? 
D N N 2 ? 
E N N 3 ? 
F N N 3 ? 
# 
loop_
_struct_conn.id 
_struct_conn.conn_type_id 
_struct_conn.pdbx_leaving_atom_flag 
_struct_conn.pdbx_PDB_id 
_struct_conn.ptnr1_label_asym_id 
_struct_conn.ptnr1_label_comp_id 
_struct_conn.ptnr1_label_seq_id 
_struct_conn.ptnr1_label_atom_id 
_struct_conn.pdbx_ptnr1_label_alt_id 
_struct_conn.pdbx_ptnr1_PDB_ins_code 
_struct_conn.pdbx_ptnr1_standard_comp_id 
_struct_conn.ptnr1_symmetry 
_struct_conn.ptnr2_label_asym_id 
_struct_conn.ptnr2_label_comp_id 
_struct_conn.ptnr2_label_seq_id 
_struct_conn.ptnr2_label_atom_id 
_struct_conn.pdbx_ptnr2_label_alt_id 
_struct_conn.pdbx_ptnr2_PDB_ins_code 
_struct_conn.ptnr1_auth_asym_id 
_struct_conn.ptnr1_auth_comp_id 
_struct_conn.ptnr1_auth_seq_id 
_struct_conn.ptnr2_auth_asym_id 
_struct_conn.ptnr2_auth_comp_id 
_struct_conn.ptnr2_auth_seq_id 
_struct_conn.ptnr2_symmetry 
_struct_conn.pdbx_ptnr3_label_atom_id 
_struct_conn.pdbx_ptnr3_label_seq_id 
_struct_conn.pdbx_ptnr3_label_comp_id 
_struct_conn.pdbx_ptnr3_label_asym_id 
_struct_conn.pdbx_ptnr3_label_alt_id 
_struct_conn.pdbx_ptnr3_PDB_ins_code 
_struct_conn.details 
_struct_conn.pdbx_dist_value 
_struct_conn.pdbx_value_order 
_struct_conn.pdbx_role 
hydrog1  hydrog ? ? A G 2  N1 ? ? ? 1_555 B C 22 N3 ? ? A G 2  B C 45 1_555 ? ? ? ? ? ? WATSON-CRICK  ? ? ? 
hydrog2  hydrog ? ? A G 2  N2 ? ? ? 1_555 B C 22 O2 ? ? A G 2  B C 45 1_555 ? ? ? ? ? ? WATSON-CRICK  ? ? ? 
hydrog3  hydrog ? ? A G 2  O6 ? ? ? 1_555 B C 22 N4 ? ? A G 2  B C 45 1_555 ? ? ? ? ? ? WATSON-CRICK  ? ? ? 
hydrog4  hydrog ? ? A C 3  N3 ? ? ? 1_555 B G 21 N1 ? ? A C 3  B G 44 1_555 ? ? ? ? ? ? WATSON-CRICK  ? ? ? 
hydrog5  hydrog ? ? A C 3  N4 ? ? ? 1_555 B G 21 O6 ? ? A C 3  B G 44 1_555 ? ? ? ? ? ? WATSON-CRICK  ? ? ? 
hydrog6  hydrog ? ? A C 3  O2 ? ? ? 1_555 B G 21 N2 ? ? A C 3  B G 44 1_555 ? ? ? ? ? ? WATSON-CRICK  ? ? ? 
hydrog7  hydrog ? ? A G 4  N1 ? ? ? 1_555 B C 20 N3 ? ? A G 4  B C 43 1_555 ? ? ? ? ? ? WATSON-CRICK  ? ? ? 
hydrog8  hydrog ? ? A G 4  N2 ? ? ? 1_555 B C 20 O2 ? ? A G 4  B C 43 1_555 ? ? ? ? ? ? WATSON-CRICK  ? ? ? 
hydrog9  hydrog ? ? A G 4  O6 ? ? ? 1_555 B C 20 N4 ? ? A G 4  B C 43 1_555 ? ? ? ? ? ? WATSON-CRICK  ? ? ? 
hydrog10 hydrog ? ? A U 5  O4 ? ? ? 1_555 B U 19 N3 ? ? A U 5  B U 42 1_555 ? ? ? ? ? ? 'U-U MISPAIR' ? ? ? 
hydrog11 hydrog ? ? A C 6  N3 ? ? ? 1_555 B G 18 N1 ? ? A C 6  B G 41 1_555 ? ? ? ? ? ? WATSON-CRICK  ? ? ? 
hydrog12 hydrog ? ? A C 6  N4 ? ? ? 1_555 B G 18 O6 ? ? A C 6  B G 41 1_555 ? ? ? ? ? ? WATSON-CRICK  ? ? ? 
hydrog13 hydrog ? ? A C 6  O2 ? ? ? 1_555 B G 18 N2 ? ? A C 6  B G 41 1_555 ? ? ? ? ? ? WATSON-CRICK  ? ? ? 
hydrog14 hydrog ? ? A C 8  N3 ? ? ? 1_555 B G 15 N1 ? ? A C 8  B G 38 1_555 ? ? ? ? ? ? WATSON-CRICK  ? ? ? 
hydrog15 hydrog ? ? A C 8  N4 ? ? ? 1_555 B G 15 O6 ? ? A C 8  B G 38 1_555 ? ? ? ? ? ? WATSON-CRICK  ? ? ? 
hydrog16 hydrog ? ? A C 8  O2 ? ? ? 1_555 B G 15 N2 ? ? A C 8  B G 38 1_555 ? ? ? ? ? ? WATSON-CRICK  ? ? ? 
hydrog17 hydrog ? ? A A 9  N1 ? ? ? 1_555 B U 14 N3 ? ? A A 9  B U 37 1_555 ? ? ? ? ? ? WATSON-CRICK  ? ? ? 
hydrog18 hydrog ? ? A A 9  N6 ? ? ? 1_555 B U 14 O4 ? ? A A 9  B U 37 1_555 ? ? ? ? ? ? WATSON-CRICK  ? ? ? 
hydrog19 hydrog ? ? A C 10 N3 ? ? ? 1_555 B G 13 N1 ? ? A C 10 B G 36 1_555 ? ? ? ? ? ? WATSON-CRICK  ? ? ? 
hydrog20 hydrog ? ? A C 10 N4 ? ? ? 1_555 B G 13 O6 ? ? A C 10 B G 36 1_555 ? ? ? ? ? ? WATSON-CRICK  ? ? ? 
hydrog21 hydrog ? ? A C 10 O2 ? ? ? 1_555 B G 13 N2 ? ? A C 10 B G 36 1_555 ? ? ? ? ? ? WATSON-CRICK  ? ? ? 
hydrog22 hydrog ? ? A C 11 N3 ? ? ? 1_555 B G 12 N1 ? ? A C 11 B G 35 1_555 ? ? ? ? ? ? WATSON-CRICK  ? ? ? 
hydrog23 hydrog ? ? A C 11 N4 ? ? ? 1_555 B G 12 O6 ? ? A C 11 B G 35 1_555 ? ? ? ? ? ? WATSON-CRICK  ? ? ? 
hydrog24 hydrog ? ? A C 11 O2 ? ? ? 1_555 B G 12 N2 ? ? A C 11 B G 35 1_555 ? ? ? ? ? ? WATSON-CRICK  ? ? ? 
hydrog25 hydrog ? ? A G 12 N1 ? ? ? 1_555 B C 11 N3 ? ? A G 12 B C 34 1_555 ? ? ? ? ? ? WATSON-CRICK  ? ? ? 
hydrog26 hydrog ? ? A G 12 N2 ? ? ? 1_555 B C 11 O2 ? ? A G 12 B C 34 1_555 ? ? ? ? ? ? WATSON-CRICK  ? ? ? 
hydrog27 hydrog ? ? A G 12 O6 ? ? ? 1_555 B C 11 N4 ? ? A G 12 B C 34 1_555 ? ? ? ? ? ? WATSON-CRICK  ? ? ? 
hydrog28 hydrog ? ? A G 13 N1 ? ? ? 1_555 B C 10 N3 ? ? A G 13 B C 33 1_555 ? ? ? ? ? ? WATSON-CRICK  ? ? ? 
hydrog29 hydrog ? ? A G 13 N2 ? ? ? 1_555 B C 10 O2 ? ? A G 13 B C 33 1_555 ? ? ? ? ? ? WATSON-CRICK  ? ? ? 
hydrog30 hydrog ? ? A G 13 O6 ? ? ? 1_555 B C 10 N4 ? ? A G 13 B C 33 1_555 ? ? ? ? ? ? WATSON-CRICK  ? ? ? 
hydrog31 hydrog ? ? A U 14 N3 ? ? ? 1_555 B A 9  N1 ? ? A U 14 B A 32 1_555 ? ? ? ? ? ? WATSON-CRICK  ? ? ? 
hydrog32 hydrog ? ? A U 14 O4 ? ? ? 1_555 B A 9  N6 ? ? A U 14 B A 32 1_555 ? ? ? ? ? ? WATSON-CRICK  ? ? ? 
hydrog33 hydrog ? ? A G 15 N1 ? ? ? 1_555 B C 8  N3 ? ? A G 15 B C 31 1_555 ? ? ? ? ? ? WATSON-CRICK  ? ? ? 
hydrog34 hydrog ? ? A G 15 N2 ? ? ? 1_555 B C 8  O2 ? ? A G 15 B C 31 1_555 ? ? ? ? ? ? WATSON-CRICK  ? ? ? 
hydrog35 hydrog ? ? A G 15 O6 ? ? ? 1_555 B C 8  N4 ? ? A G 15 B C 31 1_555 ? ? ? ? ? ? WATSON-CRICK  ? ? ? 
hydrog36 hydrog ? ? A G 18 N1 ? ? ? 1_555 B C 6  N3 ? ? A G 18 B C 29 1_555 ? ? ? ? ? ? WATSON-CRICK  ? ? ? 
hydrog37 hydrog ? ? A G 18 N2 ? ? ? 1_555 B C 6  O2 ? ? A G 18 B C 29 1_555 ? ? ? ? ? ? WATSON-CRICK  ? ? ? 
hydrog38 hydrog ? ? A G 18 O6 ? ? ? 1_555 B C 6  N4 ? ? A G 18 B C 29 1_555 ? ? ? ? ? ? WATSON-CRICK  ? ? ? 
hydrog39 hydrog ? ? A U 19 N3 ? ? ? 1_555 B U 5  O4 ? ? A U 19 B U 28 1_555 ? ? ? ? ? ? 'U-U MISPAIR' ? ? ? 
hydrog40 hydrog ? ? A C 20 N3 ? ? ? 1_555 B G 4  N1 ? ? A C 20 B G 27 1_555 ? ? ? ? ? ? WATSON-CRICK  ? ? ? 
hydrog41 hydrog ? ? A C 20 N4 ? ? ? 1_555 B G 4  O6 ? ? A C 20 B G 27 1_555 ? ? ? ? ? ? WATSON-CRICK  ? ? ? 
hydrog42 hydrog ? ? A C 20 O2 ? ? ? 1_555 B G 4  N2 ? ? A C 20 B G 27 1_555 ? ? ? ? ? ? WATSON-CRICK  ? ? ? 
hydrog43 hydrog ? ? A G 21 N1 ? ? ? 1_555 B C 3  N3 ? ? A G 21 B C 26 1_555 ? ? ? ? ? ? WATSON-CRICK  ? ? ? 
hydrog44 hydrog ? ? A G 21 N2 ? ? ? 1_555 B C 3  O2 ? ? A G 21 B C 26 1_555 ? ? ? ? ? ? WATSON-CRICK  ? ? ? 
hydrog45 hydrog ? ? A G 21 O6 ? ? ? 1_555 B C 3  N4 ? ? A G 21 B C 26 1_555 ? ? ? ? ? ? WATSON-CRICK  ? ? ? 
hydrog46 hydrog ? ? A C 22 O2 ? ? ? 1_555 B G 2  N2 ? ? A C 22 B G 25 1_555 ? ? ? ? ? ? 'C-G PAIR'    ? ? ? 
# 
_struct_conn_type.id          hydrog 
_struct_conn_type.criteria    ? 
_struct_conn_type.reference   ? 
# 
loop_
_struct_site.id 
_struct_site.pdbx_evidence_code 
_struct_site.pdbx_auth_asym_id 
_struct_site.pdbx_auth_comp_id 
_struct_site.pdbx_auth_seq_id 
_struct_site.pdbx_auth_ins_code 
_struct_site.pdbx_num_residues 
_struct_site.details 
AC1 Software A NMY 50 ? 11 'BINDING SITE FOR RESIDUE NMY A 50' 
AC2 Software B NMY 51 ? 14 'BINDING SITE FOR RESIDUE NMY B 51' 
1   ?        ? ?   ?  ? ?  ?                                   
# 
loop_
_struct_site_gen.id 
_struct_site_gen.site_id 
_struct_site_gen.pdbx_num_res 
_struct_site_gen.label_comp_id 
_struct_site_gen.label_asym_id 
_struct_site_gen.label_seq_id 
_struct_site_gen.pdbx_auth_ins_code 
_struct_site_gen.auth_comp_id 
_struct_site_gen.auth_asym_id 
_struct_site_gen.auth_seq_id 
_struct_site_gen.label_atom_id 
_struct_site_gen.label_alt_id 
_struct_site_gen.symmetry 
_struct_site_gen.details 
1  AC1 11 G   A 15 ? G   A 15  . ? 1_555 ? 
2  AC1 11 A   A 16 ? A   A 16  . ? 1_555 ? 
3  AC1 11 A   A 17 ? A   A 17  . ? 1_555 ? 
4  AC1 11 G   A 18 ? G   A 18  . ? 1_555 ? 
5  AC1 11 U   A 19 ? U   A 19  . ? 1_555 ? 
6  AC1 11 HOH E .  ? HOH A 203 . ? 1_555 ? 
7  AC1 11 HOH E .  ? HOH A 219 . ? 1_555 ? 
8  AC1 11 HOH E .  ? HOH A 246 . ? 1_555 ? 
9  AC1 11 G   B 4  ? G   B 27  . ? 1_555 ? 
10 AC1 11 C   B 6  ? C   B 29  . ? 1_555 ? 
11 AC1 11 A   B 7  ? A   B 30  . ? 1_555 ? 
12 AC2 14 G   A 4  ? G   A 4   . ? 1_555 ? 
13 AC2 14 U   A 5  ? U   A 5   . ? 1_555 ? 
14 AC2 14 C   A 6  ? C   A 6   . ? 1_555 ? 
15 AC2 14 A   A 7  ? A   A 7   . ? 1_555 ? 
16 AC2 14 C   A 8  ? C   A 8   . ? 1_555 ? 
17 AC2 14 HOH E .  ? HOH A 240 . ? 1_555 ? 
18 AC2 14 G   B 15 ? G   B 38  . ? 1_555 ? 
19 AC2 14 A   B 16 ? A   B 39  . ? 1_555 ? 
20 AC2 14 A   B 17 ? A   B 40  . ? 1_555 ? 
21 AC2 14 G   B 18 ? G   B 41  . ? 1_555 ? 
22 AC2 14 U   B 19 ? U   B 42  . ? 1_555 ? 
23 AC2 14 HOH F .  ? HOH B 202 . ? 1_555 ? 
24 AC2 14 HOH F .  ? HOH B 213 . ? 1_555 ? 
25 AC2 14 HOH F .  ? HOH B 214 . ? 1_555 ? 
# 
_atom_sites.entry_id                    2ET4 
_atom_sites.fract_transf_matrix[1][1]   -0.02140953 
_atom_sites.fract_transf_matrix[1][2]   0.01522064 
_atom_sites.fract_transf_matrix[1][3]   0.01470016 
_atom_sites.fract_transf_matrix[2][1]   -0.00488714 
_atom_sites.fract_transf_matrix[2][2]   0.01076989 
_atom_sites.fract_transf_matrix[2][3]   -0.01826892 
_atom_sites.fract_transf_matrix[3][1]   -0.00710087 
_atom_sites.fract_transf_matrix[3][2]   -0.00753350 
_atom_sites.fract_transf_matrix[3][3]   -0.00254158 
_atom_sites.fract_transf_vector[1]      0.221926 
_atom_sites.fract_transf_vector[2]      0.447977 
_atom_sites.fract_transf_vector[3]      0.122865 
# 
loop_
_atom_type.symbol 
C 
N 
O 
P 
# 
loop_
_atom_site.group_PDB 
_atom_site.id 
_atom_site.type_symbol 
_atom_site.label_atom_id 
_atom_site.label_alt_id 
_atom_site.label_comp_id 
_atom_site.label_asym_id 
_atom_site.label_entity_id 
_atom_site.label_seq_id 
_atom_site.pdbx_PDB_ins_code 
_atom_site.Cartn_x 
_atom_site.Cartn_y 
_atom_site.Cartn_z 
_atom_site.occupancy 
_atom_site.B_iso_or_equiv 
_atom_site.pdbx_formal_charge 
_atom_site.auth_seq_id 
_atom_site.auth_comp_id 
_atom_site.auth_asym_id 
_atom_site.auth_atom_id 
_atom_site.pdbx_PDB_model_num 
ATOM   1    P P     . G   A 1 2  ? 4.621   -2.048  26.809  1.00 70.00 ? 2   G   A P     1 
ATOM   2    O OP1   . G   A 1 2  ? 5.970   -2.042  26.066  1.00 69.64 ? 2   G   A OP1   1 
ATOM   3    O OP2   . G   A 1 2  ? 4.734   -1.531  28.251  1.00 68.32 ? 2   G   A OP2   1 
ATOM   4    O "O5'" . G   A 1 2  ? 4.200   -3.622  26.912  1.00 70.00 ? 2   G   A "O5'" 1 
ATOM   5    C "C5'" . G   A 1 2  ? 3.752   -4.334  25.743  1.00 68.30 ? 2   G   A "C5'" 1 
ATOM   6    C "C4'" . G   A 1 2  ? 2.877   -5.503  26.134  1.00 66.10 ? 2   G   A "C4'" 1 
ATOM   7    O "O4'" . G   A 1 2  ? 2.007   -5.145  27.241  1.00 65.39 ? 2   G   A "O4'" 1 
ATOM   8    C "C3'" . G   A 1 2  ? 1.930   -5.925  25.028  1.00 66.41 ? 2   G   A "C3'" 1 
ATOM   9    O "O3'" . G   A 1 2  ? 2.584   -6.814  24.140  1.00 67.18 ? 2   G   A "O3'" 1 
ATOM   10   C "C2'" . G   A 1 2  ? 0.786   -6.574  25.793  1.00 64.11 ? 2   G   A "C2'" 1 
ATOM   11   O "O2'" . G   A 1 2  ? 1.091   -7.897  26.182  1.00 63.44 ? 2   G   A "O2'" 1 
ATOM   12   C "C1'" . G   A 1 2  ? 0.707   -5.671  27.026  1.00 63.04 ? 2   G   A "C1'" 1 
ATOM   13   N N9    . G   A 1 2  ? -0.210  -4.544  26.889  1.00 62.78 ? 2   G   A N9    1 
ATOM   14   C C8    . G   A 1 2  ? 0.118   -3.210  26.954  1.00 62.86 ? 2   G   A C8    1 
ATOM   15   N N7    . G   A 1 2  ? -0.911  -2.418  26.813  1.00 62.49 ? 2   G   A N7    1 
ATOM   16   C C5    . G   A 1 2  ? -1.985  -3.279  26.643  1.00 60.86 ? 2   G   A C5    1 
ATOM   17   C C6    . G   A 1 2  ? -3.359  -2.998  26.444  1.00 59.90 ? 2   G   A C6    1 
ATOM   18   O O6    . G   A 1 2  ? -3.919  -1.897  26.385  1.00 59.07 ? 2   G   A O6    1 
ATOM   19   N N1    . G   A 1 2  ? -4.105  -4.163  26.308  1.00 59.14 ? 2   G   A N1    1 
ATOM   20   C C2    . G   A 1 2  ? -3.595  -5.437  26.356  1.00 61.55 ? 2   G   A C2    1 
ATOM   21   N N2    . G   A 1 2  ? -4.480  -6.434  26.191  1.00 61.98 ? 2   G   A N2    1 
ATOM   22   N N3    . G   A 1 2  ? -2.314  -5.715  26.547  1.00 61.95 ? 2   G   A N3    1 
ATOM   23   C C4    . G   A 1 2  ? -1.572  -4.595  26.682  1.00 62.47 ? 2   G   A C4    1 
ATOM   24   P P     . C   A 1 3  ? 2.278   -6.715  22.573  1.00 67.28 ? 3   C   A P     1 
ATOM   25   O OP1   . C   A 1 3  ? 3.286   -7.536  21.848  1.00 69.33 ? 3   C   A OP1   1 
ATOM   26   O OP2   . C   A 1 3  ? 2.135   -5.271  22.251  1.00 68.15 ? 3   C   A OP2   1 
ATOM   27   O "O5'" . C   A 1 3  ? 0.852   -7.411  22.433  1.00 64.07 ? 3   C   A "O5'" 1 
ATOM   28   C "C5'" . C   A 1 3  ? 0.649   -8.757  22.855  1.00 58.48 ? 3   C   A "C5'" 1 
ATOM   29   C "C4'" . C   A 1 3  ? -0.804  -9.128  22.701  1.00 57.34 ? 3   C   A "C4'" 1 
ATOM   30   O "O4'" . C   A 1 3  ? -1.599  -8.432  23.696  1.00 54.29 ? 3   C   A "O4'" 1 
ATOM   31   C "C3'" . C   A 1 3  ? -1.404  -8.681  21.381  1.00 57.36 ? 3   C   A "C3'" 1 
ATOM   32   O "O3'" . C   A 1 3  ? -1.125  -9.590  20.337  1.00 57.93 ? 3   C   A "O3'" 1 
ATOM   33   C "C2'" . C   A 1 3  ? -2.887  -8.598  21.705  1.00 55.71 ? 3   C   A "C2'" 1 
ATOM   34   O "O2'" . C   A 1 3  ? -3.531  -9.852  21.684  1.00 55.42 ? 3   C   A "O2'" 1 
ATOM   35   C "C1'" . C   A 1 3  ? -2.844  -8.052  23.131  1.00 54.86 ? 3   C   A "C1'" 1 
ATOM   36   N N1    . C   A 1 3  ? -2.944  -6.587  23.174  1.00 52.30 ? 3   C   A N1    1 
ATOM   37   C C2    . C   A 1 3  ? -4.178  -5.996  22.903  1.00 50.96 ? 3   C   A C2    1 
ATOM   38   O O2    . C   A 1 3  ? -5.135  -6.722  22.616  1.00 51.29 ? 3   C   A O2    1 
ATOM   39   N N3    . C   A 1 3  ? -4.296  -4.651  22.956  1.00 50.70 ? 3   C   A N3    1 
ATOM   40   C C4    . C   A 1 3  ? -3.234  -3.901  23.264  1.00 52.11 ? 3   C   A C4    1 
ATOM   41   N N4    . C   A 1 3  ? -3.397  -2.572  23.324  1.00 47.56 ? 3   C   A N4    1 
ATOM   42   C C5    . C   A 1 3  ? -1.955  -4.479  23.531  1.00 50.43 ? 3   C   A C5    1 
ATOM   43   C C6    . C   A 1 3  ? -1.859  -5.814  23.478  1.00 51.03 ? 3   C   A C6    1 
ATOM   44   P P     . G   A 1 4  ? -1.147  -9.064  18.827  1.00 61.06 ? 4   G   A P     1 
ATOM   45   O OP1   . G   A 1 4  ? -0.719  -10.172 17.929  1.00 62.86 ? 4   G   A OP1   1 
ATOM   46   O OP2   . G   A 1 4  ? -0.425  -7.762  18.790  1.00 58.91 ? 4   G   A OP2   1 
ATOM   47   O "O5'" . G   A 1 4  ? -2.693  -8.801  18.563  1.00 58.68 ? 4   G   A "O5'" 1 
ATOM   48   C "C5'" . G   A 1 4  ? -3.615  -9.883  18.550  1.00 55.70 ? 4   G   A "C5'" 1 
ATOM   49   C "C4'" . G   A 1 4  ? -4.956  -9.402  18.073  1.00 54.14 ? 4   G   A "C4'" 1 
ATOM   50   O "O4'" . G   A 1 4  ? -5.577  -8.599  19.108  1.00 55.59 ? 4   G   A "O4'" 1 
ATOM   51   C "C3'" . G   A 1 4  ? -4.887  -8.490  16.864  1.00 53.56 ? 4   G   A "C3'" 1 
ATOM   52   O "O3'" . G   A 1 4  ? -4.819  -9.252  15.667  1.00 53.59 ? 4   G   A "O3'" 1 
ATOM   53   C "C2'" . G   A 1 4  ? -6.169  -7.673  16.992  1.00 52.65 ? 4   G   A "C2'" 1 
ATOM   54   O "O2'" . G   A 1 4  ? -7.307  -8.318  16.455  1.00 52.83 ? 4   G   A "O2'" 1 
ATOM   55   C "C1'" . G   A 1 4  ? -6.299  -7.535  18.514  1.00 53.01 ? 4   G   A "C1'" 1 
ATOM   56   N N9    . G   A 1 4  ? -5.761  -6.283  19.034  1.00 51.30 ? 4   G   A N9    1 
ATOM   57   C C8    . G   A 1 4  ? -4.508  -6.073  19.556  1.00 49.78 ? 4   G   A C8    1 
ATOM   58   N N7    . G   A 1 4  ? -4.305  -4.835  19.912  1.00 48.84 ? 4   G   A N7    1 
ATOM   59   C C5    . G   A 1 4  ? -5.495  -4.190  19.609  1.00 49.51 ? 4   G   A C5    1 
ATOM   60   C C6    . G   A 1 4  ? -5.874  -2.830  19.766  1.00 47.68 ? 4   G   A C6    1 
ATOM   61   O O6    . G   A 1 4  ? -5.206  -1.888  20.199  1.00 45.18 ? 4   G   A O6    1 
ATOM   62   N N1    . G   A 1 4  ? -7.180  -2.612  19.345  1.00 48.66 ? 4   G   A N1    1 
ATOM   63   C C2    . G   A 1 4  ? -8.015  -3.569  18.830  1.00 47.79 ? 4   G   A C2    1 
ATOM   64   N N2    . G   A 1 4  ? -9.237  -3.154  18.468  1.00 46.30 ? 4   G   A N2    1 
ATOM   65   N N3    . G   A 1 4  ? -7.674  -4.836  18.673  1.00 49.03 ? 4   G   A N3    1 
ATOM   66   C C4    . G   A 1 4  ? -6.409  -5.073  19.079  1.00 49.65 ? 4   G   A C4    1 
ATOM   67   P P     . U   A 1 5  ? -4.614  -8.502  14.263  1.00 57.83 ? 5   U   A P     1 
ATOM   68   O OP1   . U   A 1 5  ? -4.505  -9.539  13.201  1.00 58.91 ? 5   U   A OP1   1 
ATOM   69   O OP2   . U   A 1 5  ? -3.526  -7.502  14.422  1.00 55.80 ? 5   U   A OP2   1 
ATOM   70   O "O5'" . U   A 1 5  ? -6.007  -7.749  14.067  1.00 56.47 ? 5   U   A "O5'" 1 
ATOM   71   C "C5'" . U   A 1 5  ? -6.167  -6.721  13.104  1.00 53.91 ? 5   U   A "C5'" 1 
ATOM   72   C "C4'" . U   A 1 5  ? -7.585  -6.202  13.139  1.00 52.93 ? 5   U   A "C4'" 1 
ATOM   73   O "O4'" . U   A 1 5  ? -7.957  -5.885  14.510  1.00 52.12 ? 5   U   A "O4'" 1 
ATOM   74   C "C3'" . U   A 1 5  ? -7.807  -4.904  12.389  1.00 53.69 ? 5   U   A "C3'" 1 
ATOM   75   O "O3'" . U   A 1 5  ? -7.984  -5.110  10.995  1.00 55.16 ? 5   U   A "O3'" 1 
ATOM   76   C "C2'" . U   A 1 5  ? -9.054  -4.353  13.063  1.00 53.56 ? 5   U   A "C2'" 1 
ATOM   77   O "O2'" . U   A 1 5  ? -10.256 -4.920  12.583  1.00 58.46 ? 5   U   A "O2'" 1 
ATOM   78   C "C1'" . U   A 1 5  ? -8.804  -4.741  14.524  1.00 52.99 ? 5   U   A "C1'" 1 
ATOM   79   N N1    . U   A 1 5  ? -8.110  -3.651  15.224  1.00 52.08 ? 5   U   A N1    1 
ATOM   80   C C2    . U   A 1 5  ? -8.802  -2.464  15.385  1.00 50.98 ? 5   U   A C2    1 
ATOM   81   O O2    . U   A 1 5  ? -9.970  -2.330  15.058  1.00 50.47 ? 5   U   A O2    1 
ATOM   82   N N3    . U   A 1 5  ? -8.076  -1.440  15.948  1.00 48.95 ? 5   U   A N3    1 
ATOM   83   C C4    . U   A 1 5  ? -6.762  -1.488  16.370  1.00 48.62 ? 5   U   A C4    1 
ATOM   84   O O4    . U   A 1 5  ? -6.206  -0.444  16.714  1.00 47.77 ? 5   U   A O4    1 
ATOM   85   C C5    . U   A 1 5  ? -6.132  -2.767  16.223  1.00 46.40 ? 5   U   A C5    1 
ATOM   86   C C6    . U   A 1 5  ? -6.810  -3.780  15.671  1.00 49.01 ? 5   U   A C6    1 
ATOM   87   P P     . C   A 1 6  ? -7.314  -4.080  9.958   1.00 59.89 ? 6   C   A P     1 
ATOM   88   O OP1   . C   A 1 6  ? -7.951  -4.258  8.629   1.00 62.05 ? 6   C   A OP1   1 
ATOM   89   O OP2   . C   A 1 6  ? -5.837  -4.201  10.086  1.00 59.96 ? 6   C   A OP2   1 
ATOM   90   O "O5'" . C   A 1 6  ? -7.757  -2.650  10.502  1.00 58.28 ? 6   C   A "O5'" 1 
ATOM   91   C "C5'" . C   A 1 6  ? -9.134  -2.330  10.662  1.00 54.52 ? 6   C   A "C5'" 1 
ATOM   92   C "C4'" . C   A 1 6  ? -9.288  -0.869  11.001  1.00 53.92 ? 6   C   A "C4'" 1 
ATOM   93   O "O4'" . C   A 1 6  ? -8.865  -0.611  12.364  1.00 51.78 ? 6   C   A "O4'" 1 
ATOM   94   C "C3'" . C   A 1 6  ? -8.420  0.051   10.171  1.00 54.11 ? 6   C   A "C3'" 1 
ATOM   95   O "O3'" . C   A 1 6  ? -9.032  0.306   8.922   1.00 58.17 ? 6   C   A "O3'" 1 
ATOM   96   C "C2'" . C   A 1 6  ? -8.351  1.301   11.035  1.00 51.49 ? 6   C   A "C2'" 1 
ATOM   97   O "O2'" . C   A 1 6  ? -9.479  2.131   10.864  1.00 51.60 ? 6   C   A "O2'" 1 
ATOM   98   C "C1'" . C   A 1 6  ? -8.326  0.701   12.446  1.00 49.17 ? 6   C   A "C1'" 1 
ATOM   99   N N1    . C   A 1 6  ? -6.967  0.611   12.997  1.00 44.89 ? 6   C   A N1    1 
ATOM   100  C C2    . C   A 1 6  ? -6.350  1.778   13.463  1.00 43.45 ? 6   C   A C2    1 
ATOM   101  O O2    . C   A 1 6  ? -6.977  2.850   13.418  1.00 41.24 ? 6   C   A O2    1 
ATOM   102  N N3    . C   A 1 6  ? -5.083  1.711   13.943  1.00 41.74 ? 6   C   A N3    1 
ATOM   103  C C4    . C   A 1 6  ? -4.439  0.541   13.961  1.00 40.44 ? 6   C   A C4    1 
ATOM   104  N N4    . C   A 1 6  ? -3.182  0.524   14.409  1.00 37.72 ? 6   C   A N4    1 
ATOM   105  C C5    . C   A 1 6  ? -5.054  -0.666  13.510  1.00 41.46 ? 6   C   A C5    1 
ATOM   106  C C6    . C   A 1 6  ? -6.306  -0.585  13.042  1.00 43.47 ? 6   C   A C6    1 
ATOM   107  P P     . A   A 1 7  ? -8.116  0.596   7.640   1.00 62.12 ? 7   A   A P     1 
ATOM   108  O OP1   . A   A 1 7  ? -9.018  0.639   6.457   1.00 63.14 ? 7   A   A OP1   1 
ATOM   109  O OP2   . A   A 1 7  ? -6.983  -0.371  7.670   1.00 60.46 ? 7   A   A OP2   1 
ATOM   110  O "O5'" . A   A 1 7  ? -7.574  2.077   7.893   1.00 58.19 ? 7   A   A "O5'" 1 
ATOM   111  C "C5'" . A   A 1 7  ? -8.488  3.159   8.036   1.00 51.34 ? 7   A   A "C5'" 1 
ATOM   112  C "C4'" . A   A 1 7  ? -7.832  4.330   8.731   1.00 51.11 ? 7   A   A "C4'" 1 
ATOM   113  O "O4'" . A   A 1 7  ? -7.358  3.927   10.044  1.00 49.98 ? 7   A   A "O4'" 1 
ATOM   114  C "C3'" . A   A 1 7  ? -6.590  4.915   8.079   1.00 49.72 ? 7   A   A "C3'" 1 
ATOM   115  O "O3'" . A   A 1 7  ? -6.930  5.799   7.014   1.00 51.85 ? 7   A   A "O3'" 1 
ATOM   116  C "C2'" . A   A 1 7  ? -5.971  5.679   9.244   1.00 48.63 ? 7   A   A "C2'" 1 
ATOM   117  O "O2'" . A   A 1 7  ? -6.628  6.906   9.488   1.00 44.41 ? 7   A   A "O2'" 1 
ATOM   118  C "C1'" . A   A 1 7  ? -6.239  4.724   10.408  1.00 46.17 ? 7   A   A "C1'" 1 
ATOM   119  N N9    . A   A 1 7  ? -5.105  3.842   10.700  1.00 40.47 ? 7   A   A N9    1 
ATOM   120  C C8    . A   A 1 7  ? -4.996  2.494   10.470  1.00 40.00 ? 7   A   A C8    1 
ATOM   121  N N7    . A   A 1 7  ? -3.849  1.982   10.851  1.00 35.69 ? 7   A   A N7    1 
ATOM   122  C C5    . A   A 1 7  ? -3.156  3.066   11.364  1.00 35.31 ? 7   A   A C5    1 
ATOM   123  C C6    . A   A 1 7  ? -1.877  3.184   11.931  1.00 33.63 ? 7   A   A C6    1 
ATOM   124  N N6    . A   A 1 7  ? -1.044  2.156   12.092  1.00 32.92 ? 7   A   A N6    1 
ATOM   125  N N1    . A   A 1 7  ? -1.479  4.408   12.338  1.00 33.43 ? 7   A   A N1    1 
ATOM   126  C C2    . A   A 1 7  ? -2.326  5.440   12.184  1.00 34.99 ? 7   A   A C2    1 
ATOM   127  N N3    . A   A 1 7  ? -3.557  5.453   11.673  1.00 35.10 ? 7   A   A N3    1 
ATOM   128  C C4    . A   A 1 7  ? -3.916  4.219   11.275  1.00 37.44 ? 7   A   A C4    1 
ATOM   129  P P     . C   A 1 8  ? -5.971  5.901   5.726   1.00 51.22 ? 8   C   A P     1 
ATOM   130  O OP1   . C   A 1 8  ? -6.640  6.781   4.734   1.00 49.52 ? 8   C   A OP1   1 
ATOM   131  O OP2   . C   A 1 8  ? -5.596  4.507   5.340   1.00 47.30 ? 8   C   A OP2   1 
ATOM   132  O "O5'" . C   A 1 8  ? -4.679  6.663   6.269   1.00 47.17 ? 8   C   A "O5'" 1 
ATOM   133  C "C5'" . C   A 1 8  ? -4.761  8.017   6.709   1.00 43.45 ? 8   C   A "C5'" 1 
ATOM   134  C "C4'" . C   A 1 8  ? -3.420  8.477   7.236   1.00 42.99 ? 8   C   A "C4'" 1 
ATOM   135  O "O4'" . C   A 1 8  ? -3.113  7.804   8.489   1.00 41.44 ? 8   C   A "O4'" 1 
ATOM   136  C "C3'" . C   A 1 8  ? -2.232  8.141   6.353   1.00 41.77 ? 8   C   A "C3'" 1 
ATOM   137  O "O3'" . C   A 1 8  ? -2.087  9.080   5.305   1.00 44.09 ? 8   C   A "O3'" 1 
ATOM   138  C "C2'" . C   A 1 8  ? -1.080  8.215   7.341   1.00 39.63 ? 8   C   A "C2'" 1 
ATOM   139  O "O2'" . C   A 1 8  ? -0.671  9.544   7.611   1.00 39.27 ? 8   C   A "O2'" 1 
ATOM   140  C "C1'" . C   A 1 8  ? -1.714  7.579   8.578   1.00 36.21 ? 8   C   A "C1'" 1 
ATOM   141  N N1    . C   A 1 8  ? -1.483  6.127   8.612   1.00 35.10 ? 8   C   A N1    1 
ATOM   142  C C2    . C   A 1 8  ? -0.250  5.654   9.059   1.00 29.25 ? 8   C   A C2    1 
ATOM   143  O O2    . C   A 1 8  ? 0.598   6.469   9.428   1.00 31.69 ? 8   C   A O2    1 
ATOM   144  N N3    . C   A 1 8  ? -0.014  4.325   9.081   1.00 24.56 ? 8   C   A N3    1 
ATOM   145  C C4    . C   A 1 8  ? -0.959  3.474   8.683   1.00 26.09 ? 8   C   A C4    1 
ATOM   146  N N4    . C   A 1 8  ? -0.677  2.163   8.720   1.00 21.63 ? 8   C   A N4    1 
ATOM   147  C C5    . C   A 1 8  ? -2.233  3.925   8.229   1.00 27.46 ? 8   C   A C5    1 
ATOM   148  C C6    . C   A 1 8  ? -2.452  5.249   8.210   1.00 32.99 ? 8   C   A C6    1 
ATOM   149  P P     . A   A 1 9  ? -1.632  8.575   3.850   1.00 45.89 ? 9   A   A P     1 
ATOM   150  O OP1   . A   A 1 9  ? -1.853  9.711   2.910   1.00 43.33 ? 9   A   A OP1   1 
ATOM   151  O OP2   . A   A 1 9  ? -2.268  7.250   3.586   1.00 37.48 ? 9   A   A OP2   1 
ATOM   152  O "O5'" . A   A 1 9  ? -0.059  8.374   4.003   1.00 42.50 ? 9   A   A "O5'" 1 
ATOM   153  C "C5'" . A   A 1 9  ? 0.778   9.477   4.329   1.00 37.80 ? 9   A   A "C5'" 1 
ATOM   154  C "C4'" . A   A 1 9  ? 2.179   8.998   4.620   1.00 37.81 ? 9   A   A "C4'" 1 
ATOM   155  O "O4'" . A   A 1 9  ? 2.209   8.275   5.882   1.00 35.01 ? 9   A   A "O4'" 1 
ATOM   156  C "C3'" . A   A 1 9  ? 2.756   8.008   3.622   1.00 33.62 ? 9   A   A "C3'" 1 
ATOM   157  O "O3'" . A   A 1 9  ? 3.290   8.681   2.496   1.00 34.69 ? 9   A   A "O3'" 1 
ATOM   158  C "C2'" . A   A 1 9  ? 3.860   7.375   4.447   1.00 33.25 ? 9   A   A "C2'" 1 
ATOM   159  O "O2'" . A   A 1 9  ? 4.943   8.264   4.610   1.00 33.11 ? 9   A   A "O2'" 1 
ATOM   160  C "C1'" . A   A 1 9  ? 3.159   7.223   5.795   1.00 33.54 ? 9   A   A "C1'" 1 
ATOM   161  N N9    . A   A 1 9  ? 2.450   5.950   5.886   1.00 29.13 ? 9   A   A N9    1 
ATOM   162  C C8    . A   A 1 9  ? 1.121   5.688   5.655   1.00 27.98 ? 9   A   A C8    1 
ATOM   163  N N7    . A   A 1 9  ? 0.791   4.428   5.838   1.00 24.79 ? 9   A   A N7    1 
ATOM   164  C C5    . A   A 1 9  ? 1.985   3.824   6.208   1.00 26.28 ? 9   A   A C5    1 
ATOM   165  C C6    . A   A 1 9  ? 2.312   2.509   6.533   1.00 20.37 ? 9   A   A C6    1 
ATOM   166  N N6    . A   A 1 9  ? 1.432   1.511   6.552   1.00 24.71 ? 9   A   A N6    1 
ATOM   167  N N1    . A   A 1 9  ? 3.596   2.238   6.841   1.00 24.75 ? 9   A   A N1    1 
ATOM   168  C C2    . A   A 1 9  ? 4.485   3.231   6.818   1.00 22.01 ? 9   A   A C2    1 
ATOM   169  N N3    . A   A 1 9  ? 4.303   4.511   6.534   1.00 27.13 ? 9   A   A N3    1 
ATOM   170  C C4    . A   A 1 9  ? 3.014   4.749   6.233   1.00 28.75 ? 9   A   A C4    1 
ATOM   171  P P     . C   A 1 10 ? 3.216   7.991   1.047   1.00 37.30 ? 10  C   A P     1 
ATOM   172  O OP1   . C   A 1 10 ? 3.591   9.047   0.074   1.00 37.78 ? 10  C   A OP1   1 
ATOM   173  O OP2   . C   A 1 10 ? 1.912   7.274   0.906   1.00 36.50 ? 10  C   A OP2   1 
ATOM   174  O "O5'" . C   A 1 10 ? 4.358   6.882   1.071   1.00 34.10 ? 10  C   A "O5'" 1 
ATOM   175  C "C5'" . C   A 1 10 ? 5.690   7.224   1.399   1.00 27.26 ? 10  C   A "C5'" 1 
ATOM   176  C "C4'" . C   A 1 10 ? 6.426   6.010   1.918   1.00 27.53 ? 10  C   A "C4'" 1 
ATOM   177  O "O4'" . C   A 1 10 ? 5.709   5.467   3.057   1.00 20.18 ? 10  C   A "O4'" 1 
ATOM   178  C "C3'" . C   A 1 10 ? 6.532   4.798   1.006   1.00 25.04 ? 10  C   A "C3'" 1 
ATOM   179  O "O3'" . C   A 1 10 ? 7.541   4.967   0.023   1.00 28.08 ? 10  C   A "O3'" 1 
ATOM   180  C "C2'" . C   A 1 10 ? 6.926   3.725   2.009   1.00 25.21 ? 10  C   A "C2'" 1 
ATOM   181  O "O2'" . C   A 1 10 ? 8.273   3.863   2.420   1.00 22.46 ? 10  C   A "O2'" 1 
ATOM   182  C "C1'" . C   A 1 10 ? 6.023   4.089   3.190   1.00 23.54 ? 10  C   A "C1'" 1 
ATOM   183  N N1    . C   A 1 10 ? 4.775   3.314   3.202   1.00 20.19 ? 10  C   A N1    1 
ATOM   184  C C2    . C   A 1 10 ? 4.821   1.997   3.652   1.00 19.73 ? 10  C   A C2    1 
ATOM   185  O O2    . C   A 1 10 ? 5.913   1.534   4.007   1.00 20.47 ? 10  C   A O2    1 
ATOM   186  N N3    . C   A 1 10 ? 3.681   1.259   3.687   1.00 16.22 ? 10  C   A N3    1 
ATOM   187  C C4    . C   A 1 10 ? 2.532   1.796   3.273   1.00 19.33 ? 10  C   A C4    1 
ATOM   188  N N4    . C   A 1 10 ? 1.437   1.030   3.305   1.00 18.72 ? 10  C   A N4    1 
ATOM   189  C C5    . C   A 1 10 ? 2.455   3.141   2.802   1.00 17.88 ? 10  C   A C5    1 
ATOM   190  C C6    . C   A 1 10 ? 3.593   3.858   2.784   1.00 21.62 ? 10  C   A C6    1 
ATOM   191  P P     . C   A 1 11 ? 7.510   4.062   -1.308  1.00 29.49 ? 11  C   A P     1 
ATOM   192  O OP1   . C   A 1 11 ? 8.491   4.640   -2.249  1.00 29.73 ? 11  C   A OP1   1 
ATOM   193  O OP2   . C   A 1 11 ? 6.102   3.875   -1.729  1.00 32.28 ? 11  C   A OP2   1 
ATOM   194  O "O5'" . C   A 1 11 ? 8.059   2.652   -0.827  1.00 28.38 ? 11  C   A "O5'" 1 
ATOM   195  C "C5'" . C   A 1 11 ? 9.409   2.503   -0.434  1.00 26.27 ? 11  C   A "C5'" 1 
ATOM   196  C "C4'" . C   A 1 11 ? 9.670   1.076   -0.043  1.00 26.50 ? 11  C   A "C4'" 1 
ATOM   197  O "O4'" . C   A 1 11 ? 8.781   0.738   1.049   1.00 23.56 ? 11  C   A "O4'" 1 
ATOM   198  C "C3'" . C   A 1 11 ? 9.315   0.042   -1.094  1.00 26.72 ? 11  C   A "C3'" 1 
ATOM   199  O "O3'" . C   A 1 11 ? 10.329  -0.118  -2.064  1.00 29.95 ? 11  C   A "O3'" 1 
ATOM   200  C "C2'" . C   A 1 11 ? 9.145   -1.207  -0.247  1.00 23.11 ? 11  C   A "C2'" 1 
ATOM   201  O "O2'" . C   A 1 11 ? 10.378  -1.714  0.207   1.00 18.28 ? 11  C   A "O2'" 1 
ATOM   202  C "C1'" . C   A 1 11 ? 8.408   -0.629  0.951   1.00 23.72 ? 11  C   A "C1'" 1 
ATOM   203  N N1    . C   A 1 11 ? 6.944   -0.708  0.838   1.00 20.42 ? 11  C   A N1    1 
ATOM   204  C C2    . C   A 1 11 ? 6.326   -1.910  1.150   1.00 18.41 ? 11  C   A C2    1 
ATOM   205  O O2    . C   A 1 11 ? 7.041   -2.900  1.409   1.00 17.20 ? 11  C   A O2    1 
ATOM   206  N N3    . C   A 1 11 ? 4.974   -1.981  1.159   1.00 20.73 ? 11  C   A N3    1 
ATOM   207  C C4    . C   A 1 11 ? 4.249   -0.909  0.839   1.00 23.71 ? 11  C   A C4    1 
ATOM   208  N N4    . C   A 1 11 ? 2.921   -1.025  0.870   1.00 17.96 ? 11  C   A N4    1 
ATOM   209  C C5    . C   A 1 11 ? 4.860   0.330   0.471   1.00 23.06 ? 11  C   A C5    1 
ATOM   210  C C6    . C   A 1 11 ? 6.199   0.382   0.478   1.00 20.81 ? 11  C   A C6    1 
ATOM   211  P P     . G   A 1 12 ? 9.936   -0.696  -3.516  1.00 32.49 ? 12  G   A P     1 
ATOM   212  O OP1   . G   A 1 12 ? 11.198  -0.783  -4.297  1.00 37.74 ? 12  G   A OP1   1 
ATOM   213  O OP2   . G   A 1 12 ? 8.784   0.066   -4.057  1.00 24.64 ? 12  G   A OP2   1 
ATOM   214  O "O5'" . G   A 1 12 ? 9.476   -2.189  -3.221  1.00 32.57 ? 12  G   A "O5'" 1 
ATOM   215  C "C5'" . G   A 1 12 ? 10.440  -3.192  -2.956  1.00 30.95 ? 12  G   A "C5'" 1 
ATOM   216  C "C4'" . G   A 1 12 ? 9.766   -4.525  -2.791  1.00 30.70 ? 12  G   A "C4'" 1 
ATOM   217  O "O4'" . G   A 1 12 ? 8.841   -4.454  -1.676  1.00 30.77 ? 12  G   A "O4'" 1 
ATOM   218  C "C3'" . G   A 1 12 ? 8.872   -4.950  -3.938  1.00 32.03 ? 12  G   A "C3'" 1 
ATOM   219  O "O3'" . G   A 1 12 ? 9.612   -5.491  -5.018  1.00 32.91 ? 12  G   A "O3'" 1 
ATOM   220  C "C2'" . G   A 1 12 ? 7.997   -5.997  -3.264  1.00 27.86 ? 12  G   A "C2'" 1 
ATOM   221  O "O2'" . G   A 1 12 ? 8.693   -7.203  -3.050  1.00 28.71 ? 12  G   A "O2'" 1 
ATOM   222  C "C1'" . G   A 1 12 ? 7.747   -5.331  -1.914  1.00 28.16 ? 12  G   A "C1'" 1 
ATOM   223  N N9    . G   A 1 12 ? 6.508   -4.558  -1.897  1.00 25.66 ? 12  G   A N9    1 
ATOM   224  C C8    . G   A 1 12 ? 6.351   -3.203  -2.082  1.00 20.95 ? 12  G   A C8    1 
ATOM   225  N N7    . G   A 1 12 ? 5.105   -2.815  -1.989  1.00 16.07 ? 12  G   A N7    1 
ATOM   226  C C5    . G   A 1 12 ? 4.401   -3.986  -1.732  1.00 17.84 ? 12  G   A C5    1 
ATOM   227  C C6    . G   A 1 12 ? 3.007   -4.205  -1.535  1.00 17.26 ? 12  G   A C6    1 
ATOM   228  O O6    . G   A 1 12 ? 2.076   -3.375  -1.547  1.00 17.27 ? 12  G   A O6    1 
ATOM   229  N N1    . G   A 1 12 ? 2.733   -5.551  -1.308  1.00 15.93 ? 12  G   A N1    1 
ATOM   230  C C2    . G   A 1 12 ? 3.668   -6.553  -1.278  1.00 16.46 ? 12  G   A C2    1 
ATOM   231  N N2    . G   A 1 12 ? 3.211   -7.779  -1.035  1.00 15.20 ? 12  G   A N2    1 
ATOM   232  N N3    . G   A 1 12 ? 4.961   -6.365  -1.467  1.00 17.02 ? 12  G   A N3    1 
ATOM   233  C C4    . G   A 1 12 ? 5.254   -5.067  -1.681  1.00 19.67 ? 12  G   A C4    1 
ATOM   234  P P     . G   A 1 13 ? 8.940   -5.557  -6.476  1.00 34.37 ? 13  G   A P     1 
ATOM   235  O OP1   . G   A 1 13 ? 9.990   -6.067  -7.397  1.00 40.93 ? 13  G   A OP1   1 
ATOM   236  O OP2   . G   A 1 13 ? 8.274   -4.268  -6.771  1.00 33.85 ? 13  G   A OP2   1 
ATOM   237  O "O5'" . G   A 1 13 ? 7.794   -6.663  -6.325  1.00 34.36 ? 13  G   A "O5'" 1 
ATOM   238  C "C5'" . G   A 1 13 ? 8.119   -8.009  -6.002  1.00 34.09 ? 13  G   A "C5'" 1 
ATOM   239  C "C4'" . G   A 1 13 ? 6.862   -8.821  -5.785  1.00 30.80 ? 13  G   A "C4'" 1 
ATOM   240  O "O4'" . G   A 1 13 ? 6.119   -8.228  -4.692  1.00 31.29 ? 13  G   A "O4'" 1 
ATOM   241  C "C3'" . G   A 1 13 ? 5.850   -8.826  -6.919  1.00 32.64 ? 13  G   A "C3'" 1 
ATOM   242  O "O3'" . G   A 1 13 ? 6.175   -9.770  -7.930  1.00 32.84 ? 13  G   A "O3'" 1 
ATOM   243  C "C2'" . G   A 1 13 ? 4.571   -9.219  -6.199  1.00 30.90 ? 13  G   A "C2'" 1 
ATOM   244  O "O2'" . G   A 1 13 ? 4.501   -10.607 -5.954  1.00 27.83 ? 13  G   A "O2'" 1 
ATOM   245  C "C1'" . G   A 1 13 ? 4.733   -8.468  -4.876  1.00 30.72 ? 13  G   A "C1'" 1 
ATOM   246  N N9    . G   A 1 13 ? 4.042   -7.189  -4.873  1.00 27.59 ? 13  G   A N9    1 
ATOM   247  C C8    . G   A 1 13 ? 4.573   -5.946  -5.122  1.00 26.06 ? 13  G   A C8    1 
ATOM   248  N N7    . G   A 1 13 ? 3.686   -4.987  -5.054  1.00 25.46 ? 13  G   A N7    1 
ATOM   249  C C5    . G   A 1 13 ? 2.500   -5.639  -4.737  1.00 22.57 ? 13  G   A C5    1 
ATOM   250  C C6    . G   A 1 13 ? 1.200   -5.123  -4.534  1.00 23.83 ? 13  G   A C6    1 
ATOM   251  O O6    . G   A 1 13 ? 0.822   -3.942  -4.586  1.00 24.63 ? 13  G   A O6    1 
ATOM   252  N N1    . G   A 1 13 ? 0.287   -6.135  -4.243  1.00 22.27 ? 13  G   A N1    1 
ATOM   253  C C2    . G   A 1 13 ? 0.593   -7.474  -4.157  1.00 23.38 ? 13  G   A C2    1 
ATOM   254  N N2    . G   A 1 13 ? -0.419  -8.299  -3.877  1.00 19.24 ? 13  G   A N2    1 
ATOM   255  N N3    . G   A 1 13 ? 1.807   -7.967  -4.340  1.00 22.98 ? 13  G   A N3    1 
ATOM   256  C C4    . G   A 1 13 ? 2.703   -6.998  -4.624  1.00 25.95 ? 13  G   A C4    1 
ATOM   257  P P     . U   A 1 14 ? 5.738   -9.477  -9.453  1.00 37.94 ? 14  U   A P     1 
ATOM   258  O OP1   . U   A 1 14 ? 6.404   -10.517 -10.291 1.00 41.43 ? 14  U   A OP1   1 
ATOM   259  O OP2   . U   A 1 14 ? 5.927   -8.042  -9.785  1.00 32.42 ? 14  U   A OP2   1 
ATOM   260  O "O5'" . U   A 1 14 ? 4.167   -9.733  -9.449  1.00 32.22 ? 14  U   A "O5'" 1 
ATOM   261  C "C5'" . U   A 1 14 ? 3.646   -11.020 -9.168  1.00 31.54 ? 14  U   A "C5'" 1 
ATOM   262  C "C4'" . U   A 1 14 ? 2.158   -10.938 -8.920  1.00 31.52 ? 14  U   A "C4'" 1 
ATOM   263  O "O4'" . U   A 1 14 ? 1.906   -10.124 -7.743  1.00 28.86 ? 14  U   A "O4'" 1 
ATOM   264  C "C3'" . U   A 1 14 ? 1.323   -10.247 -9.983  1.00 29.72 ? 14  U   A "C3'" 1 
ATOM   265  O "O3'" . U   A 1 14 ? 1.030   -11.100 -11.072 1.00 32.84 ? 14  U   A "O3'" 1 
ATOM   266  C "C2'" . U   A 1 14 ? 0.058   -9.941  -9.206  1.00 28.48 ? 14  U   A "C2'" 1 
ATOM   267  O "O2'" . U   A 1 14 ? -0.721  -11.105 -9.016  1.00 28.15 ? 14  U   A "O2'" 1 
ATOM   268  C "C1'" . U   A 1 14 ? 0.645   -9.487  -7.873  1.00 27.66 ? 14  U   A "C1'" 1 
ATOM   269  N N1    . U   A 1 14 ? 0.850   -8.035  -7.876  1.00 27.12 ? 14  U   A N1    1 
ATOM   270  C C2    . U   A 1 14 ? -0.244  -7.267  -7.612  1.00 24.89 ? 14  U   A C2    1 
ATOM   271  O O2    . U   A 1 14 ? -1.331  -7.755  -7.391  1.00 27.61 ? 14  U   A O2    1 
ATOM   272  N N3    . U   A 1 14 ? -0.027  -5.912  -7.622  1.00 24.72 ? 14  U   A N3    1 
ATOM   273  C C4    . U   A 1 14 ? 1.165   -5.267  -7.868  1.00 26.60 ? 14  U   A C4    1 
ATOM   274  O O4    . U   A 1 14 ? 1.231   -4.039  -7.740  1.00 25.69 ? 14  U   A O4    1 
ATOM   275  C C5    . U   A 1 14 ? 2.262   -6.143  -8.152  1.00 26.86 ? 14  U   A C5    1 
ATOM   276  C C6    . U   A 1 14 ? 2.072   -7.466  -8.142  1.00 26.56 ? 14  U   A C6    1 
ATOM   277  P P     . G   A 1 15 ? 0.443   -10.473 -12.423 1.00 33.13 ? 15  G   A P     1 
ATOM   278  O OP1   . G   A 1 15 ? 0.182   -11.587 -13.368 1.00 34.04 ? 15  G   A OP1   1 
ATOM   279  O OP2   . G   A 1 15 ? 1.341   -9.354  -12.821 1.00 30.46 ? 15  G   A OP2   1 
ATOM   280  O "O5'" . G   A 1 15 ? -0.965  -9.859  -12.008 1.00 31.53 ? 15  G   A "O5'" 1 
ATOM   281  C "C5'" . G   A 1 15 ? -2.083  -10.691 -11.749 1.00 29.34 ? 15  G   A "C5'" 1 
ATOM   282  C "C4'" . G   A 1 15 ? -3.321  -9.846  -11.570 1.00 33.28 ? 15  G   A "C4'" 1 
ATOM   283  O "O4'" . G   A 1 15 ? -3.134  -8.960  -10.437 1.00 33.84 ? 15  G   A "O4'" 1 
ATOM   284  C "C3'" . G   A 1 15 ? -3.636  -8.903  -12.720 1.00 34.49 ? 15  G   A "C3'" 1 
ATOM   285  O "O3'" . G   A 1 15 ? -4.347  -9.591  -13.746 1.00 41.08 ? 15  G   A "O3'" 1 
ATOM   286  C "C2'" . G   A 1 15 ? -4.486  -7.839  -12.038 1.00 34.03 ? 15  G   A "C2'" 1 
ATOM   287  O "O2'" . G   A 1 15 ? -5.832  -8.222  -11.819 1.00 37.37 ? 15  G   A "O2'" 1 
ATOM   288  C "C1'" . G   A 1 15 ? -3.786  -7.723  -10.685 1.00 32.58 ? 15  G   A "C1'" 1 
ATOM   289  N N9    . G   A 1 15 ? -2.788  -6.660  -10.649 1.00 29.71 ? 15  G   A N9    1 
ATOM   290  C C8    . G   A 1 15 ? -1.435  -6.779  -10.868 1.00 27.27 ? 15  G   A C8    1 
ATOM   291  N N7    . G   A 1 15 ? -0.799  -5.645  -10.745 1.00 29.99 ? 15  G   A N7    1 
ATOM   292  C C5    . G   A 1 15 ? -1.793  -4.725  -10.426 1.00 29.94 ? 15  G   A C5    1 
ATOM   293  C C6    . G   A 1 15 ? -1.714  -3.326  -10.160 1.00 29.43 ? 15  G   A C6    1 
ATOM   294  O O6    . G   A 1 15 ? -0.712  -2.602  -10.125 1.00 33.44 ? 15  G   A O6    1 
ATOM   295  N N1    . G   A 1 15 ? -2.966  -2.781  -9.903  1.00 26.96 ? 15  G   A N1    1 
ATOM   296  C C2    . G   A 1 15 ? -4.140  -3.486  -9.887  1.00 27.49 ? 15  G   A C2    1 
ATOM   297  N N2    . G   A 1 15 ? -5.247  -2.782  -9.638  1.00 29.08 ? 15  G   A N2    1 
ATOM   298  N N3    . G   A 1 15 ? -4.225  -4.787  -10.107 1.00 29.97 ? 15  G   A N3    1 
ATOM   299  C C4    . G   A 1 15 ? -3.024  -5.336  -10.374 1.00 27.68 ? 15  G   A C4    1 
ATOM   300  P P     . A   A 1 16 ? -3.936  -9.379  -15.288 1.00 40.83 ? 16  A   A P     1 
ATOM   301  O OP1   . A   A 1 16 ? -4.320  -10.614 -16.006 1.00 45.23 ? 16  A   A OP1   1 
ATOM   302  O OP2   . A   A 1 16 ? -2.540  -8.883  -15.385 1.00 45.51 ? 16  A   A OP2   1 
ATOM   303  O "O5'" . A   A 1 16 ? -4.889  -8.197  -15.764 1.00 45.05 ? 16  A   A "O5'" 1 
ATOM   304  C "C5'" . A   A 1 16 ? -6.048  -8.477  -16.519 1.00 41.34 ? 16  A   A "C5'" 1 
ATOM   305  C "C4'" . A   A 1 16 ? -5.857  -8.026  -17.943 1.00 41.18 ? 16  A   A "C4'" 1 
ATOM   306  O "O4'" . A   A 1 16 ? -6.726  -8.814  -18.785 1.00 41.93 ? 16  A   A "O4'" 1 
ATOM   307  C "C3'" . A   A 1 16 ? -6.202  -6.571  -18.232 1.00 41.49 ? 16  A   A "C3'" 1 
ATOM   308  O "O3'" . A   A 1 16 ? -5.059  -5.729  -18.029 1.00 39.72 ? 16  A   A "O3'" 1 
ATOM   309  C "C2'" . A   A 1 16 ? -6.617  -6.618  -19.702 1.00 40.47 ? 16  A   A "C2'" 1 
ATOM   310  O "O2'" . A   A 1 16 ? -5.515  -6.586  -20.585 1.00 41.21 ? 16  A   A "O2'" 1 
ATOM   311  C "C1'" . A   A 1 16 ? -7.257  -8.006  -19.807 1.00 40.62 ? 16  A   A "C1'" 1 
ATOM   312  N N9    . A   A 1 16 ? -8.708  -8.062  -19.701 1.00 36.32 ? 16  A   A N9    1 
ATOM   313  C C8    . A   A 1 16 ? -9.448  -8.470  -18.621 1.00 37.58 ? 16  A   A C8    1 
ATOM   314  N N7    . A   A 1 16 ? -10.742 -8.459  -18.833 1.00 40.16 ? 16  A   A N7    1 
ATOM   315  C C5    . A   A 1 16 ? -10.858 -8.007  -20.140 1.00 41.53 ? 16  A   A C5    1 
ATOM   316  C C6    . A   A 1 16 ? -11.973 -7.786  -20.968 1.00 43.51 ? 16  A   A C6    1 
ATOM   317  N N6    . A   A 1 16 ? -13.231 -8.021  -20.584 1.00 43.78 ? 16  A   A N6    1 
ATOM   318  N N1    . A   A 1 16 ? -11.749 -7.317  -22.221 1.00 42.63 ? 16  A   A N1    1 
ATOM   319  C C2    . A   A 1 16 ? -10.479 -7.104  -22.605 1.00 42.11 ? 16  A   A C2    1 
ATOM   320  N N3    . A   A 1 16 ? -9.347  -7.289  -21.919 1.00 38.63 ? 16  A   A N3    1 
ATOM   321  C C4    . A   A 1 16 ? -9.611  -7.744  -20.681 1.00 38.10 ? 16  A   A C4    1 
ATOM   322  P P     . A   A 1 17 ? -5.259  -4.193  -17.573 1.00 42.74 ? 17  A   A P     1 
ATOM   323  O OP1   . A   A 1 17 ? -3.908  -3.560  -17.573 1.00 40.37 ? 17  A   A OP1   1 
ATOM   324  O OP2   . A   A 1 17 ? -6.084  -4.167  -16.332 1.00 35.89 ? 17  A   A OP2   1 
ATOM   325  O "O5'" . A   A 1 17 ? -6.121  -3.529  -18.739 1.00 41.31 ? 17  A   A "O5'" 1 
ATOM   326  C "C5'" . A   A 1 17 ? -5.544  -3.213  -20.008 1.00 45.05 ? 17  A   A "C5'" 1 
ATOM   327  C "C4'" . A   A 1 17 ? -6.611  -2.703  -20.952 1.00 46.16 ? 17  A   A "C4'" 1 
ATOM   328  O "O4'" . A   A 1 17 ? -7.535  -3.784  -21.248 1.00 47.65 ? 17  A   A "O4'" 1 
ATOM   329  C "C3'" . A   A 1 17 ? -7.482  -1.585  -20.391 1.00 47.90 ? 17  A   A "C3'" 1 
ATOM   330  O "O3'" . A   A 1 17 ? -6.892  -0.307  -20.635 1.00 50.64 ? 17  A   A "O3'" 1 
ATOM   331  C "C2'" . A   A 1 17 ? -8.771  -1.746  -21.188 1.00 50.55 ? 17  A   A "C2'" 1 
ATOM   332  O "O2'" . A   A 1 17 ? -8.713  -1.118  -22.456 1.00 51.79 ? 17  A   A "O2'" 1 
ATOM   333  C "C1'" . A   A 1 17 ? -8.848  -3.268  -21.352 1.00 49.55 ? 17  A   A "C1'" 1 
ATOM   334  N N9    . A   A 1 17 ? -9.674  -3.918  -20.338 1.00 50.33 ? 17  A   A N9    1 
ATOM   335  C C8    . A   A 1 17 ? -9.304  -4.359  -19.091 1.00 51.14 ? 17  A   A C8    1 
ATOM   336  N N7    . A   A 1 17 ? -10.283 -4.908  -18.414 1.00 51.90 ? 17  A   A N7    1 
ATOM   337  C C5    . A   A 1 17 ? -11.371 -4.824  -19.273 1.00 54.71 ? 17  A   A C5    1 
ATOM   338  C C6    . A   A 1 17 ? -12.721 -5.236  -19.150 1.00 57.54 ? 17  A   A C6    1 
ATOM   339  N N6    . A   A 1 17 ? -13.223 -5.835  -18.063 1.00 56.35 ? 17  A   A N6    1 
ATOM   340  N N1    . A   A 1 17 ? -13.546 -5.008  -20.200 1.00 56.55 ? 17  A   A N1    1 
ATOM   341  C C2    . A   A 1 17 ? -13.044 -4.402  -21.289 1.00 57.48 ? 17  A   A C2    1 
ATOM   342  N N3    . A   A 1 17 ? -11.802 -3.967  -21.518 1.00 55.81 ? 17  A   A N3    1 
ATOM   343  C C4    . A   A 1 17 ? -11.008 -4.213  -20.460 1.00 52.96 ? 17  A   A C4    1 
ATOM   344  P P     . G   A 1 18 ? -6.150  0.477   -19.439 1.00 45.46 ? 18  G   A P     1 
ATOM   345  O OP1   . G   A 1 18 ? -5.101  1.350   -20.031 1.00 49.89 ? 18  G   A OP1   1 
ATOM   346  O OP2   . G   A 1 18 ? -5.777  -0.519  -18.409 1.00 50.73 ? 18  G   A OP2   1 
ATOM   347  O "O5'" . G   A 1 18 ? -7.275  1.405   -18.802 1.00 47.29 ? 18  G   A "O5'" 1 
ATOM   348  C "C5'" . G   A 1 18 ? -7.858  2.474   -19.541 1.00 46.75 ? 18  G   A "C5'" 1 
ATOM   349  C "C4'" . G   A 1 18 ? -7.727  3.767   -18.770 1.00 46.60 ? 18  G   A "C4'" 1 
ATOM   350  O "O4'" . G   A 1 18 ? -7.683  3.447   -17.349 1.00 49.19 ? 18  G   A "O4'" 1 
ATOM   351  C "C3'" . G   A 1 18 ? -6.447  4.550   -19.009 1.00 46.92 ? 18  G   A "C3'" 1 
ATOM   352  O "O3'" . G   A 1 18 ? -6.591  5.422   -20.123 1.00 46.02 ? 18  G   A "O3'" 1 
ATOM   353  C "C2'" . G   A 1 18 ? -6.321  5.332   -17.714 1.00 46.36 ? 18  G   A "C2'" 1 
ATOM   354  O "O2'" . G   A 1 18 ? -7.236  6.409   -17.647 1.00 47.30 ? 18  G   A "O2'" 1 
ATOM   355  C "C1'" . G   A 1 18 ? -6.715  4.259   -16.701 1.00 47.04 ? 18  G   A "C1'" 1 
ATOM   356  N N9    . G   A 1 18 ? -5.570  3.416   -16.362 1.00 48.28 ? 18  G   A N9    1 
ATOM   357  C C8    . G   A 1 18 ? -5.437  2.064   -16.573 1.00 46.60 ? 18  G   A C8    1 
ATOM   358  N N7    . G   A 1 18 ? -4.268  1.602   -16.220 1.00 45.91 ? 18  G   A N7    1 
ATOM   359  C C5    . G   A 1 18 ? -3.593  2.711   -15.731 1.00 46.85 ? 18  G   A C5    1 
ATOM   360  C C6    . G   A 1 18 ? -2.278  2.833   -15.212 1.00 47.06 ? 18  G   A C6    1 
ATOM   361  O O6    . G   A 1 18 ? -1.412  1.955   -15.086 1.00 49.08 ? 18  G   A O6    1 
ATOM   362  N N1    . G   A 1 18 ? -2.000  4.139   -14.827 1.00 44.81 ? 18  G   A N1    1 
ATOM   363  C C2    . G   A 1 18 ? -2.873  5.196   -14.934 1.00 46.69 ? 18  G   A C2    1 
ATOM   364  N N2    . G   A 1 18 ? -2.417  6.392   -14.523 1.00 48.01 ? 18  G   A N2    1 
ATOM   365  N N3    . G   A 1 18 ? -4.098  5.095   -15.414 1.00 45.68 ? 18  G   A N3    1 
ATOM   366  C C4    . G   A 1 18 ? -4.389  3.836   -15.793 1.00 47.65 ? 18  G   A C4    1 
ATOM   367  P P     . U   A 1 19 ? -5.286  5.924   -20.919 1.00 50.09 ? 19  U   A P     1 
ATOM   368  O OP1   . U   A 1 19 ? -5.763  6.791   -22.025 1.00 51.16 ? 19  U   A OP1   1 
ATOM   369  O OP2   . U   A 1 19 ? -4.409  4.759   -21.222 1.00 46.32 ? 19  U   A OP2   1 
ATOM   370  O "O5'" . U   A 1 19 ? -4.537  6.867   -19.878 1.00 50.19 ? 19  U   A "O5'" 1 
ATOM   371  C "C5'" . U   A 1 19 ? -5.148  8.070   -19.420 1.00 51.40 ? 19  U   A "C5'" 1 
ATOM   372  C "C4'" . U   A 1 19 ? -4.151  8.901   -18.654 1.00 52.92 ? 19  U   A "C4'" 1 
ATOM   373  O "O4'" . U   A 1 19 ? -3.743  8.179   -17.461 1.00 51.99 ? 19  U   A "O4'" 1 
ATOM   374  C "C3'" . U   A 1 19 ? -2.843  9.167   -19.379 1.00 53.92 ? 19  U   A "C3'" 1 
ATOM   375  O "O3'" . U   A 1 19 ? -2.951  10.271  -20.263 1.00 57.27 ? 19  U   A "O3'" 1 
ATOM   376  C "C2'" . U   A 1 19 ? -1.907  9.467   -18.221 1.00 52.94 ? 19  U   A "C2'" 1 
ATOM   377  O "O2'" . U   A 1 19 ? -2.108  10.766  -17.695 1.00 53.11 ? 19  U   A "O2'" 1 
ATOM   378  C "C1'" . U   A 1 19 ? -2.369  8.423   -17.206 1.00 50.23 ? 19  U   A "C1'" 1 
ATOM   379  N N1    . U   A 1 19 ? -1.650  7.151   -17.342 1.00 46.89 ? 19  U   A N1    1 
ATOM   380  C C2    . U   A 1 19 ? -0.366  7.089   -16.841 1.00 46.09 ? 19  U   A C2    1 
ATOM   381  O O2    . U   A 1 19 ? 0.182   8.037   -16.324 1.00 45.32 ? 19  U   A O2    1 
ATOM   382  N N3    . U   A 1 19 ? 0.252   5.871   -16.969 1.00 45.01 ? 19  U   A N3    1 
ATOM   383  C C4    . U   A 1 19 ? -0.276  4.731   -17.535 1.00 44.84 ? 19  U   A C4    1 
ATOM   384  O O4    . U   A 1 19 ? 0.370   3.681   -17.494 1.00 42.39 ? 19  U   A O4    1 
ATOM   385  C C5    . U   A 1 19 ? -1.608  4.881   -18.049 1.00 44.58 ? 19  U   A C5    1 
ATOM   386  C C6    . U   A 1 19 ? -2.231  6.057   -17.937 1.00 44.45 ? 19  U   A C6    1 
ATOM   387  P P     . C   A 1 20 ? -1.955  10.378  -21.521 1.00 58.65 ? 20  C   A P     1 
ATOM   388  O OP1   . C   A 1 20 ? -2.360  11.605  -22.256 1.00 58.80 ? 20  C   A OP1   1 
ATOM   389  O OP2   . C   A 1 20 ? -1.928  9.070   -22.229 1.00 59.44 ? 20  C   A OP2   1 
ATOM   390  O "O5'" . C   A 1 20 ? -0.519  10.618  -20.869 1.00 58.07 ? 20  C   A "O5'" 1 
ATOM   391  C "C5'" . C   A 1 20 ? -0.202  11.852  -20.233 1.00 56.22 ? 20  C   A "C5'" 1 
ATOM   392  C "C4'" . C   A 1 20 ? 1.234   11.838  -19.764 1.00 55.76 ? 20  C   A "C4'" 1 
ATOM   393  O "O4'" . C   A 1 20 ? 1.385   10.809  -18.751 1.00 53.68 ? 20  C   A "O4'" 1 
ATOM   394  C "C3'" . C   A 1 20 ? 2.262   11.455  -20.817 1.00 56.18 ? 20  C   A "C3'" 1 
ATOM   395  O "O3'" . C   A 1 20 ? 2.644   12.554  -21.638 1.00 57.92 ? 20  C   A "O3'" 1 
ATOM   396  C "C2'" . C   A 1 20 ? 3.424   10.970  -19.963 1.00 55.07 ? 20  C   A "C2'" 1 
ATOM   397  O "O2'" . C   A 1 20 ? 4.200   12.026  -19.442 1.00 52.94 ? 20  C   A "O2'" 1 
ATOM   398  C "C1'" . C   A 1 20 ? 2.685   10.245  -18.836 1.00 53.87 ? 20  C   A "C1'" 1 
ATOM   399  N N1    . C   A 1 20 ? 2.559   8.803   -19.098 1.00 50.47 ? 20  C   A N1    1 
ATOM   400  C C2    . C   A 1 20 ? 3.653   7.973   -18.827 1.00 49.33 ? 20  C   A C2    1 
ATOM   401  O O2    . C   A 1 20 ? 4.680   8.471   -18.346 1.00 45.27 ? 20  C   A O2    1 
ATOM   402  N N3    . C   A 1 20 ? 3.564   6.650   -19.096 1.00 49.10 ? 20  C   A N3    1 
ATOM   403  C C4    . C   A 1 20 ? 2.440   6.150   -19.608 1.00 48.14 ? 20  C   A C4    1 
ATOM   404  N N4    . C   A 1 20 ? 2.407   4.841   -19.868 1.00 49.17 ? 20  C   A N4    1 
ATOM   405  C C5    . C   A 1 20 ? 1.304   6.969   -19.880 1.00 49.78 ? 20  C   A C5    1 
ATOM   406  C C6    . C   A 1 20 ? 1.405   8.278   -19.611 1.00 50.42 ? 20  C   A C6    1 
ATOM   407  P P     . G   A 1 21 ? 3.204   12.277  -23.124 1.00 60.46 ? 21  G   A P     1 
ATOM   408  O OP1   . G   A 1 21 ? 3.293   13.589  -23.815 1.00 62.23 ? 21  G   A OP1   1 
ATOM   409  O OP2   . G   A 1 21 ? 2.412   11.180  -23.741 1.00 62.60 ? 21  G   A OP2   1 
ATOM   410  O "O5'" . G   A 1 21 ? 4.677   11.722  -22.887 1.00 59.38 ? 21  G   A "O5'" 1 
ATOM   411  C "C5'" . G   A 1 21 ? 5.662   12.535  -22.269 1.00 61.28 ? 21  G   A "C5'" 1 
ATOM   412  C "C4'" . G   A 1 21 ? 6.875   11.710  -21.925 1.00 61.94 ? 21  G   A "C4'" 1 
ATOM   413  O "O4'" . G   A 1 21 ? 6.501   10.683  -20.970 1.00 62.57 ? 21  G   A "O4'" 1 
ATOM   414  C "C3'" . G   A 1 21 ? 7.467   10.909  -23.069 1.00 63.21 ? 21  G   A "C3'" 1 
ATOM   415  O "O3'" . G   A 1 21 ? 8.306   11.695  -23.894 1.00 64.87 ? 21  G   A "O3'" 1 
ATOM   416  C "C2'" . G   A 1 21 ? 8.263   9.843   -22.329 1.00 63.34 ? 21  G   A "C2'" 1 
ATOM   417  O "O2'" . G   A 1 21 ? 9.529   10.280  -21.874 1.00 65.08 ? 21  G   A "O2'" 1 
ATOM   418  C "C1'" . G   A 1 21 ? 7.333   9.546   -21.152 1.00 62.61 ? 21  G   A "C1'" 1 
ATOM   419  N N9    . G   A 1 21 ? 6.492   8.395   -21.452 1.00 60.14 ? 21  G   A N9    1 
ATOM   420  C C8    . G   A 1 21 ? 5.149   8.387   -21.748 1.00 59.17 ? 21  G   A C8    1 
ATOM   421  N N7    . G   A 1 21 ? 4.693   7.190   -22.010 1.00 58.37 ? 21  G   A N7    1 
ATOM   422  C C5    . G   A 1 21 ? 5.800   6.361   -21.875 1.00 57.71 ? 21  G   A C5    1 
ATOM   423  C C6    . G   A 1 21 ? 5.930   4.955   -22.047 1.00 55.87 ? 21  G   A C6    1 
ATOM   424  O O6    . G   A 1 21 ? 5.064   4.138   -22.383 1.00 54.95 ? 21  G   A O6    1 
ATOM   425  N N1    . G   A 1 21 ? 7.231   4.526   -21.791 1.00 54.42 ? 21  G   A N1    1 
ATOM   426  C C2    . G   A 1 21 ? 8.276   5.342   -21.425 1.00 54.78 ? 21  G   A C2    1 
ATOM   427  N N2    . G   A 1 21 ? 9.454   4.739   -21.201 1.00 54.64 ? 21  G   A N2    1 
ATOM   428  N N3    . G   A 1 21 ? 8.172   6.653   -21.282 1.00 54.66 ? 21  G   A N3    1 
ATOM   429  C C4    . G   A 1 21 ? 6.915   7.089   -21.518 1.00 57.27 ? 21  G   A C4    1 
ATOM   430  P P     . C   A 1 22 ? 8.508   11.282  -25.431 1.00 67.19 ? 22  C   A P     1 
ATOM   431  O OP1   . C   A 1 22 ? 9.446   12.281  -26.015 1.00 66.75 ? 22  C   A OP1   1 
ATOM   432  O OP2   . C   A 1 22 ? 7.159   11.090  -26.041 1.00 61.18 ? 22  C   A OP2   1 
ATOM   433  O "O5'" . C   A 1 22 ? 9.262   9.874   -25.356 1.00 63.44 ? 22  C   A "O5'" 1 
ATOM   434  C "C5'" . C   A 1 22 ? 10.636  9.803   -24.970 1.00 60.43 ? 22  C   A "C5'" 1 
ATOM   435  C "C4'" . C   A 1 22 ? 11.173  8.398   -25.137 1.00 59.61 ? 22  C   A "C4'" 1 
ATOM   436  O "O4'" . C   A 1 22 ? 10.498  7.495   -24.221 1.00 60.50 ? 22  C   A "O4'" 1 
ATOM   437  C "C3'" . C   A 1 22 ? 10.978  7.733   -26.490 1.00 58.24 ? 22  C   A "C3'" 1 
ATOM   438  O "O3'" . C   A 1 22 ? 11.819  8.192   -27.550 1.00 57.31 ? 22  C   A "O3'" 1 
ATOM   439  C "C2'" . C   A 1 22 ? 11.171  6.263   -26.142 1.00 58.66 ? 22  C   A "C2'" 1 
ATOM   440  O "O2'" . C   A 1 22 ? 12.532  5.891   -26.022 1.00 59.75 ? 22  C   A "O2'" 1 
ATOM   441  C "C1'" . C   A 1 22 ? 10.476  6.187   -24.777 1.00 58.18 ? 22  C   A "C1'" 1 
ATOM   442  N N1    . C   A 1 22 ? 9.075   5.757   -24.907 1.00 56.21 ? 22  C   A N1    1 
ATOM   443  C C2    . C   A 1 22 ? 8.791   4.388   -24.893 1.00 56.48 ? 22  C   A C2    1 
ATOM   444  O O2    . C   A 1 22 ? 9.724   3.581   -24.722 1.00 58.30 ? 22  C   A O2    1 
ATOM   445  N N3    . C   A 1 22 ? 7.510   3.979   -25.060 1.00 55.01 ? 22  C   A N3    1 
ATOM   446  C C4    . C   A 1 22 ? 6.536   4.877   -25.224 1.00 53.86 ? 22  C   A C4    1 
ATOM   447  N N4    . C   A 1 22 ? 5.291   4.427   -25.395 1.00 52.14 ? 22  C   A N4    1 
ATOM   448  C C5    . C   A 1 22 ? 6.796   6.277   -25.221 1.00 54.33 ? 22  C   A C5    1 
ATOM   449  C C6    . C   A 1 22 ? 8.068   6.669   -25.059 1.00 55.08 ? 22  C   A C6    1 
ATOM   450  P P     . G   B 1 2  ? 3.954   -6.819  -24.445 1.00 70.00 ? 25  G   B P     1 
ATOM   451  O OP1   . G   B 1 2  ? 3.016   -5.927  -25.274 1.00 69.91 ? 25  G   B OP1   1 
ATOM   452  O OP2   . G   B 1 2  ? 3.725   -6.654  -22.928 1.00 69.89 ? 25  G   B OP2   1 
ATOM   453  O "O5'" . G   B 1 2  ? 5.462   -6.254  -24.709 1.00 70.00 ? 25  G   B "O5'" 1 
ATOM   454  C "C5'" . G   B 1 2  ? 6.615   -7.045  -24.371 1.00 69.97 ? 25  G   B "C5'" 1 
ATOM   455  C "C4'" . G   B 1 2  ? 7.848   -6.180  -24.371 1.00 69.97 ? 25  G   B "C4'" 1 
ATOM   456  O "O4'" . G   B 1 2  ? 7.829   -5.346  -25.565 1.00 69.73 ? 25  G   B "O4'" 1 
ATOM   457  C "C3'" . G   B 1 2  ? 7.930   -5.177  -23.232 1.00 69.65 ? 25  G   B "C3'" 1 
ATOM   458  O "O3'" . G   B 1 2  ? 8.454   -5.758  -22.040 1.00 69.90 ? 25  G   B "O3'" 1 
ATOM   459  C "C2'" . G   B 1 2  ? 8.862   -4.127  -23.821 1.00 69.66 ? 25  G   B "C2'" 1 
ATOM   460  O "O2'" . G   B 1 2  ? 10.218  -4.536  -23.812 1.00 68.37 ? 25  G   B "O2'" 1 
ATOM   461  C "C1'" . G   B 1 2  ? 8.345   -4.060  -25.259 1.00 69.32 ? 25  G   B "C1'" 1 
ATOM   462  N N9    . G   B 1 2  ? 7.271   -3.081  -25.417 1.00 68.49 ? 25  G   B N9    1 
ATOM   463  C C8    . G   B 1 2  ? 5.925   -3.331  -25.566 1.00 67.06 ? 25  G   B C8    1 
ATOM   464  N N7    . G   B 1 2  ? 5.209   -2.240  -25.666 1.00 65.91 ? 25  G   B N7    1 
ATOM   465  C C5    . G   B 1 2  ? 6.139   -1.207  -25.582 1.00 66.17 ? 25  G   B C5    1 
ATOM   466  C C6    . G   B 1 2  ? 5.959   0.208   -25.632 1.00 64.62 ? 25  G   B C6    1 
ATOM   467  O O6    . G   B 1 2  ? 4.909   0.854   -25.760 1.00 63.43 ? 25  G   B O6    1 
ATOM   468  N N1    . G   B 1 2  ? 7.174   0.879   -25.512 1.00 62.28 ? 25  G   B N1    1 
ATOM   469  C C2    . G   B 1 2  ? 8.399   0.276   -25.363 1.00 61.25 ? 25  G   B C2    1 
ATOM   470  N N2    . G   B 1 2  ? 9.452   1.093   -25.262 1.00 60.30 ? 25  G   B N2    1 
ATOM   471  N N3    . G   B 1 2  ? 8.579   -1.032  -25.319 1.00 63.77 ? 25  G   B N3    1 
ATOM   472  C C4    . G   B 1 2  ? 7.414   -1.709  -25.433 1.00 66.83 ? 25  G   B C4    1 
ATOM   473  P P     . C   B 1 3  ? 8.143   -5.071  -20.617 1.00 69.78 ? 26  C   B P     1 
ATOM   474  O OP1   . C   B 1 3  ? 8.575   -5.991  -19.532 1.00 69.01 ? 26  C   B OP1   1 
ATOM   475  O OP2   . C   B 1 3  ? 6.732   -4.591  -20.660 1.00 70.00 ? 26  C   B OP2   1 
ATOM   476  O "O5'" . C   B 1 3  ? 9.117   -3.808  -20.573 1.00 69.93 ? 26  C   B "O5'" 1 
ATOM   477  C "C5'" . C   B 1 3  ? 10.531  -3.976  -20.654 1.00 68.40 ? 26  C   B "C5'" 1 
ATOM   478  C "C4'" . C   B 1 3  ? 11.217  -2.636  -20.566 1.00 67.03 ? 26  C   B "C4'" 1 
ATOM   479  O "O4'" . C   B 1 3  ? 10.859  -1.832  -21.718 1.00 67.26 ? 26  C   B "O4'" 1 
ATOM   480  C "C3'" . C   B 1 3  ? 10.809  -1.789  -19.378 1.00 67.61 ? 26  C   B "C3'" 1 
ATOM   481  O "O3'" . C   B 1 3  ? 11.568  -2.151  -18.231 1.00 69.58 ? 26  C   B "O3'" 1 
ATOM   482  C "C2'" . C   B 1 3  ? 11.142  -0.383  -19.862 1.00 67.80 ? 26  C   B "C2'" 1 
ATOM   483  O "O2'" . C   B 1 3  ? 12.520  -0.089  -19.764 1.00 68.12 ? 26  C   B "O2'" 1 
ATOM   484  C "C1'" . C   B 1 3  ? 10.753  -0.471  -21.337 1.00 66.09 ? 26  C   B "C1'" 1 
ATOM   485  N N1    . C   B 1 3  ? 9.383   -0.017  -21.625 1.00 65.31 ? 26  C   B N1    1 
ATOM   486  C C2    . C   B 1 3  ? 9.094   1.353   -21.551 1.00 63.75 ? 26  C   B C2    1 
ATOM   487  O O2    . C   B 1 3  ? 9.991   2.136   -21.212 1.00 63.82 ? 26  C   B O2    1 
ATOM   488  N N3    . C   B 1 3  ? 7.848   1.785   -21.844 1.00 61.74 ? 26  C   B N3    1 
ATOM   489  C C4    . C   B 1 3  ? 6.903   0.905   -22.187 1.00 64.21 ? 26  C   B C4    1 
ATOM   490  N N4    . C   B 1 3  ? 5.683   1.370   -22.474 1.00 63.27 ? 26  C   B N4    1 
ATOM   491  C C5    . C   B 1 3  ? 7.165   -0.498  -22.255 1.00 63.65 ? 26  C   B C5    1 
ATOM   492  C C6    . C   B 1 3  ? 8.407   -0.909  -21.969 1.00 64.11 ? 26  C   B C6    1 
ATOM   493  P P     . G   B 1 4  ? 10.980  -1.865  -16.764 1.00 69.05 ? 27  G   B P     1 
ATOM   494  O OP1   . G   B 1 4  ? 11.942  -2.420  -15.771 1.00 68.66 ? 27  G   B OP1   1 
ATOM   495  O OP2   . G   B 1 4  ? 9.562   -2.310  -16.740 1.00 70.00 ? 27  G   B OP2   1 
ATOM   496  O "O5'" . G   B 1 4  ? 11.014  -0.278  -16.652 1.00 67.03 ? 27  G   B "O5'" 1 
ATOM   497  C "C5'" . G   B 1 4  ? 12.253  0.417   -16.727 1.00 63.61 ? 27  G   B "C5'" 1 
ATOM   498  C "C4'" . G   B 1 4  ? 12.018  1.900   -16.680 1.00 60.56 ? 27  G   B "C4'" 1 
ATOM   499  O "O4'" . G   B 1 4  ? 11.342  2.336   -17.891 1.00 59.02 ? 27  G   B "O4'" 1 
ATOM   500  C "C3'" . G   B 1 4  ? 11.072  2.355   -15.590 1.00 59.98 ? 27  G   B "C3'" 1 
ATOM   501  O "O3'" . G   B 1 4  ? 11.684  2.406   -14.314 1.00 63.34 ? 27  G   B "O3'" 1 
ATOM   502  C "C2'" . G   B 1 4  ? 10.654  3.728   -16.096 1.00 57.92 ? 27  G   B "C2'" 1 
ATOM   503  O "O2'" . G   B 1 4  ? 11.641  4.718   -15.892 1.00 54.55 ? 27  G   B "O2'" 1 
ATOM   504  C "C1'" . G   B 1 4  ? 10.507  3.450   -17.590 1.00 56.32 ? 27  G   B "C1'" 1 
ATOM   505  N N9    . G   B 1 4  ? 9.130   3.122   -17.952 1.00 52.74 ? 27  G   B N9    1 
ATOM   506  C C8    . G   B 1 4  ? 8.600   1.878   -18.202 1.00 49.99 ? 27  G   B C8    1 
ATOM   507  N N7    . G   B 1 4  ? 7.328   1.915   -18.496 1.00 46.04 ? 27  G   B N7    1 
ATOM   508  C C5    . G   B 1 4  ? 7.002   3.264   -18.438 1.00 47.22 ? 27  G   B C5    1 
ATOM   509  C C6    . G   B 1 4  ? 5.765   3.923   -18.667 1.00 47.07 ? 27  G   B C6    1 
ATOM   510  O O6    . G   B 1 4  ? 4.674   3.431   -18.985 1.00 46.57 ? 27  G   B O6    1 
ATOM   511  N N1    . G   B 1 4  ? 5.882   5.300   -18.496 1.00 48.72 ? 27  G   B N1    1 
ATOM   512  C C2    . G   B 1 4  ? 7.041   5.960   -18.160 1.00 47.39 ? 27  G   B C2    1 
ATOM   513  N N2    . G   B 1 4  ? 6.959   7.293   -18.054 1.00 48.75 ? 27  G   B N2    1 
ATOM   514  N N3    . G   B 1 4  ? 8.195   5.358   -17.945 1.00 47.06 ? 27  G   B N3    1 
ATOM   515  C C4    . G   B 1 4  ? 8.105   4.020   -18.102 1.00 49.33 ? 27  G   B C4    1 
ATOM   516  P P     . U   B 1 5  ? 10.757  2.296   -13.013 1.00 66.71 ? 28  U   B P     1 
ATOM   517  O OP1   . U   B 1 5  ? 11.343  3.133   -11.931 1.00 65.88 ? 28  U   B OP1   1 
ATOM   518  O OP2   . U   B 1 5  ? 10.462  0.858   -12.765 1.00 65.73 ? 28  U   B OP2   1 
ATOM   519  O "O5'" . U   B 1 5  ? 9.419   2.999   -13.504 1.00 65.85 ? 28  U   B "O5'" 1 
ATOM   520  C "C5'" . U   B 1 5  ? 8.567   3.655   -12.595 1.00 63.39 ? 28  U   B "C5'" 1 
ATOM   521  C "C4'" . U   B 1 5  ? 8.699   5.146   -12.751 1.00 62.92 ? 28  U   B "C4'" 1 
ATOM   522  O "O4'" . U   B 1 5  ? 8.479   5.539   -14.134 1.00 62.84 ? 28  U   B "O4'" 1 
ATOM   523  C "C3'" . U   B 1 5  ? 7.646   5.901   -11.971 1.00 63.28 ? 28  U   B "C3'" 1 
ATOM   524  O "O3'" . U   B 1 5  ? 8.041   6.022   -10.620 1.00 62.30 ? 28  U   B "O3'" 1 
ATOM   525  C "C2'" . U   B 1 5  ? 7.565   7.215   -12.729 1.00 63.69 ? 28  U   B "C2'" 1 
ATOM   526  O "O2'" . U   B 1 5  ? 8.630   8.090   -12.426 1.00 65.27 ? 28  U   B "O2'" 1 
ATOM   527  C "C1'" . U   B 1 5  ? 7.679   6.714   -14.172 1.00 62.62 ? 28  U   B "C1'" 1 
ATOM   528  N N1    . U   B 1 5  ? 6.368   6.352   -14.729 1.00 61.95 ? 28  U   B N1    1 
ATOM   529  C C2    . U   B 1 5  ? 5.466   7.374   -14.982 1.00 60.77 ? 28  U   B C2    1 
ATOM   530  O O2    . U   B 1 5  ? 5.720   8.549   -14.772 1.00 59.31 ? 28  U   B O2    1 
ATOM   531  N N3    . U   B 1 5  ? 4.256   6.965   -15.488 1.00 59.07 ? 28  U   B N3    1 
ATOM   532  C C4    . U   B 1 5  ? 3.861   5.668   -15.761 1.00 57.57 ? 28  U   B C4    1 
ATOM   533  O O4    . U   B 1 5  ? 2.724   5.460   -16.187 1.00 53.71 ? 28  U   B O4    1 
ATOM   534  C C5    . U   B 1 5  ? 4.849   4.670   -15.479 1.00 57.47 ? 28  U   B C5    1 
ATOM   535  C C6    . U   B 1 5  ? 6.038   5.034   -14.986 1.00 60.58 ? 28  U   B C6    1 
ATOM   536  P P     . C   B 1 6  ? 6.972   5.707   -9.474  1.00 61.00 ? 29  C   B P     1 
ATOM   537  O OP1   . C   B 1 6  ? 7.629   5.879   -8.152  1.00 63.45 ? 29  C   B OP1   1 
ATOM   538  O OP2   . C   B 1 6  ? 6.283   4.427   -9.790  1.00 59.29 ? 29  C   B OP2   1 
ATOM   539  O "O5'" . C   B 1 6  ? 5.918   6.876   -9.669  1.00 56.17 ? 29  C   B "O5'" 1 
ATOM   540  C "C5'" . C   B 1 6  ? 4.601   6.703   -9.228  1.00 51.36 ? 29  C   B "C5'" 1 
ATOM   541  C "C4'" . C   B 1 6  ? 3.685   7.638   -9.953  1.00 47.97 ? 29  C   B "C4'" 1 
ATOM   542  O "O4'" . C   B 1 6  ? 3.760   7.419   -11.388 1.00 48.31 ? 29  C   B "O4'" 1 
ATOM   543  C "C3'" . C   B 1 6  ? 2.248   7.341   -9.606  1.00 47.00 ? 29  C   B "C3'" 1 
ATOM   544  O "O3'" . C   B 1 6  ? 1.933   7.955   -8.375  1.00 47.20 ? 29  C   B "O3'" 1 
ATOM   545  C "C2'" . C   B 1 6  ? 1.500   7.874   -10.816 1.00 44.66 ? 29  C   B "C2'" 1 
ATOM   546  O "O2'" . C   B 1 6  ? 1.348   9.275   -10.795 1.00 42.59 ? 29  C   B "O2'" 1 
ATOM   547  C "C1'" . C   B 1 6  ? 2.449   7.452   -11.942 1.00 45.85 ? 29  C   B "C1'" 1 
ATOM   548  N N1    . C   B 1 6  ? 2.137   6.107   -12.466 1.00 42.13 ? 29  C   B N1    1 
ATOM   549  C C2    . C   B 1 6  ? 0.915   5.908   -13.126 1.00 40.44 ? 29  C   B C2    1 
ATOM   550  O O2    . C   B 1 6  ? 0.140   6.867   -13.256 1.00 40.10 ? 29  C   B O2    1 
ATOM   551  N N3    . C   B 1 6  ? 0.613   4.674   -13.605 1.00 39.46 ? 29  C   B N3    1 
ATOM   552  C C4    . C   B 1 6  ? 1.481   3.667   -13.451 1.00 40.22 ? 29  C   B C4    1 
ATOM   553  N N4    . C   B 1 6  ? 1.145   2.473   -13.948 1.00 34.72 ? 29  C   B N4    1 
ATOM   554  C C5    . C   B 1 6  ? 2.736   3.845   -12.783 1.00 39.26 ? 29  C   B C5    1 
ATOM   555  C C6    . C   B 1 6  ? 3.017   5.070   -12.311 1.00 41.07 ? 29  C   B C6    1 
ATOM   556  P P     . A   B 1 7  ? 1.198   7.091   -7.246  1.00 49.63 ? 30  A   B P     1 
ATOM   557  O OP1   . A   B 1 7  ? 1.122   7.918   -6.011  1.00 50.03 ? 30  A   B OP1   1 
ATOM   558  O OP2   . A   B 1 7  ? 1.838   5.749   -7.199  1.00 43.50 ? 30  A   B OP2   1 
ATOM   559  O "O5'" . A   B 1 7  ? -0.274  6.950   -7.828  1.00 49.56 ? 30  A   B "O5'" 1 
ATOM   560  C "C5'" . A   B 1 7  ? -0.961  8.101   -8.304  1.00 47.00 ? 30  A   B "C5'" 1 
ATOM   561  C "C4'" . A   B 1 7  ? -2.209  7.699   -9.045  1.00 45.75 ? 30  A   B "C4'" 1 
ATOM   562  O "O4'" . A   B 1 7  ? -1.872  7.115   -10.330 1.00 44.15 ? 30  A   B "O4'" 1 
ATOM   563  C "C3'" . A   B 1 7  ? -3.031  6.619   -8.373  1.00 45.12 ? 30  A   B "C3'" 1 
ATOM   564  O "O3'" . A   B 1 7  ? -3.798  7.146   -7.300  1.00 45.00 ? 30  A   B "O3'" 1 
ATOM   565  C "C2'" . A   B 1 7  ? -3.874  6.109   -9.534  1.00 44.68 ? 30  A   B "C2'" 1 
ATOM   566  O "O2'" . A   B 1 7  ? -4.970  6.952   -9.838  1.00 42.47 ? 30  A   B "O2'" 1 
ATOM   567  C "C1'" . A   B 1 7  ? -2.851  6.148   -10.674 1.00 42.49 ? 30  A   B "C1'" 1 
ATOM   568  N N9    . A   B 1 7  ? -2.182  4.864   -10.857 1.00 40.40 ? 30  A   B N9    1 
ATOM   569  C C8    . A   B 1 7  ? -0.908  4.499   -10.499 1.00 39.48 ? 30  A   B C8    1 
ATOM   570  N N7    . A   B 1 7  ? -0.611  3.259   -10.795 1.00 37.54 ? 30  A   B N7    1 
ATOM   571  C C5    . A   B 1 7  ? -1.767  2.774   -11.391 1.00 37.72 ? 30  A   B C5    1 
ATOM   572  C C6    . A   B 1 7  ? -2.101  1.523   -11.927 1.00 36.83 ? 30  A   B C6    1 
ATOM   573  N N6    . A   B 1 7  ? -1.271  0.479   -11.945 1.00 35.04 ? 30  A   B N6    1 
ATOM   574  N N1    . A   B 1 7  ? -3.339  1.375   -12.451 1.00 37.79 ? 30  A   B N1    1 
ATOM   575  C C2    . A   B 1 7  ? -4.176  2.420   -12.426 1.00 35.64 ? 30  A   B C2    1 
ATOM   576  N N3    . A   B 1 7  ? -3.980  3.640   -11.943 1.00 37.57 ? 30  A   B N3    1 
ATOM   577  C C4    . A   B 1 7  ? -2.741  3.753   -11.436 1.00 38.88 ? 30  A   B C4    1 
ATOM   578  P P     . C   B 1 8  ? -3.963  6.280   -5.960  1.00 45.53 ? 31  C   B P     1 
ATOM   579  O OP1   . C   B 1 8  ? -4.677  7.105   -4.954  1.00 47.52 ? 31  C   B OP1   1 
ATOM   580  O OP2   . C   B 1 8  ? -2.638  5.696   -5.622  1.00 45.56 ? 31  C   B OP2   1 
ATOM   581  O "O5'" . C   B 1 8  ? -4.936  5.108   -6.414  1.00 45.47 ? 31  C   B "O5'" 1 
ATOM   582  C "C5'" . C   B 1 8  ? -6.214  5.414   -6.950  1.00 44.83 ? 31  C   B "C5'" 1 
ATOM   583  C "C4'" . C   B 1 8  ? -6.870  4.162   -7.461  1.00 43.65 ? 31  C   B "C4'" 1 
ATOM   584  O "O4'" . C   B 1 8  ? -6.161  3.674   -8.632  1.00 42.48 ? 31  C   B "O4'" 1 
ATOM   585  C "C3'" . C   B 1 8  ? -6.795  2.988   -6.508  1.00 45.10 ? 31  C   B "C3'" 1 
ATOM   586  O "O3'" . C   B 1 8  ? -7.758  3.081   -5.477  1.00 44.79 ? 31  C   B "O3'" 1 
ATOM   587  C "C2'" . C   B 1 8  ? -7.031  1.811   -7.440  1.00 43.60 ? 31  C   B "C2'" 1 
ATOM   588  O "O2'" . C   B 1 8  ? -8.394  1.652   -7.786  1.00 43.17 ? 31  C   B "O2'" 1 
ATOM   589  C "C1'" . C   B 1 8  ? -6.223  2.254   -8.663  1.00 41.33 ? 31  C   B "C1'" 1 
ATOM   590  N N1    . C   B 1 8  ? -4.850  1.723   -8.646  1.00 39.79 ? 31  C   B N1    1 
ATOM   591  C C2    . C   B 1 8  ? -4.628  0.437   -9.148  1.00 39.13 ? 31  C   B C2    1 
ATOM   592  O O2    . C   B 1 8  ? -5.600  -0.226  -9.545  1.00 40.65 ? 31  C   B O2    1 
ATOM   593  N N3    . C   B 1 8  ? -3.370  -0.053  -9.179  1.00 37.24 ? 31  C   B N3    1 
ATOM   594  C C4    . C   B 1 8  ? -2.356  0.683   -8.714  1.00 36.84 ? 31  C   B C4    1 
ATOM   595  N N4    . C   B 1 8  ? -1.130  0.160   -8.777  1.00 34.52 ? 31  C   B N4    1 
ATOM   596  C C5    . C   B 1 8  ? -2.556  1.985   -8.169  1.00 34.97 ? 31  C   B C5    1 
ATOM   597  C C6    . C   B 1 8  ? -3.809  2.465   -8.157  1.00 38.01 ? 31  C   B C6    1 
ATOM   598  P P     . A   B 1 9  ? -7.470  2.351   -4.084  1.00 45.61 ? 32  A   B P     1 
ATOM   599  O OP1   . A   B 1 9  ? -8.555  2.721   -3.137  1.00 45.69 ? 32  A   B OP1   1 
ATOM   600  O OP2   . A   B 1 9  ? -6.051  2.612   -3.726  1.00 45.21 ? 32  A   B OP2   1 
ATOM   601  O "O5'" . A   B 1 9  ? -7.635  0.814   -4.453  1.00 45.24 ? 32  A   B "O5'" 1 
ATOM   602  C "C5'" . A   B 1 9  ? -8.885  0.322   -4.915  1.00 43.43 ? 32  A   B "C5'" 1 
ATOM   603  C "C4'" . A   B 1 9  ? -8.784  -1.151  -5.220  1.00 42.32 ? 32  A   B "C4'" 1 
ATOM   604  O "O4'" . A   B 1 9  ? -7.951  -1.365  -6.389  1.00 39.45 ? 32  A   B "O4'" 1 
ATOM   605  C "C3'" . A   B 1 9  ? -8.118  -1.990  -4.150  1.00 40.93 ? 32  A   B "C3'" 1 
ATOM   606  O "O3'" . A   B 1 9  ? -9.022  -2.321  -3.114  1.00 43.25 ? 32  A   B "O3'" 1 
ATOM   607  C "C2'" . A   B 1 9  ? -7.721  -3.224  -4.940  1.00 40.38 ? 32  A   B "C2'" 1 
ATOM   608  O "O2'" . A   B 1 9  ? -8.840  -4.057  -5.167  1.00 37.82 ? 32  A   B "O2'" 1 
ATOM   609  C "C1'" . A   B 1 9  ? -7.244  -2.587  -6.247  1.00 37.80 ? 32  A   B "C1'" 1 
ATOM   610  N N9    . A   B 1 9  ? -5.823  -2.262  -6.211  1.00 38.63 ? 32  A   B N9    1 
ATOM   611  C C8    . A   B 1 9  ? -5.264  -1.045  -5.926  1.00 34.51 ? 32  A   B C8    1 
ATOM   612  N N7    . A   B 1 9  ? -3.957  -1.042  -5.982  1.00 36.79 ? 32  A   B N7    1 
ATOM   613  C C5    . A   B 1 9  ? -3.633  -2.344  -6.326  1.00 35.28 ? 32  A   B C5    1 
ATOM   614  C C6    . A   B 1 9  ? -2.402  -2.986  -6.551  1.00 37.54 ? 32  A   B C6    1 
ATOM   615  N N6    . A   B 1 9  ? -1.218  -2.370  -6.460  1.00 34.99 ? 32  A   B N6    1 
ATOM   616  N N1    . A   B 1 9  ? -2.427  -4.297  -6.877  1.00 34.39 ? 32  A   B N1    1 
ATOM   617  C C2    . A   B 1 9  ? -3.610  -4.909  -6.966  1.00 35.34 ? 32  A   B C2    1 
ATOM   618  N N3    . A   B 1 9  ? -4.833  -4.414  -6.776  1.00 37.95 ? 32  A   B N3    1 
ATOM   619  C C4    . A   B 1 9  ? -4.772  -3.111  -6.460  1.00 35.37 ? 32  A   B C4    1 
ATOM   620  P P     . C   B 1 10 ? -8.453  -2.636  -1.651  1.00 45.95 ? 33  C   B P     1 
ATOM   621  O OP1   . C   B 1 10 ? -9.611  -2.691  -0.723  1.00 47.75 ? 33  C   B OP1   1 
ATOM   622  O OP2   . C   B 1 10 ? -7.335  -1.687  -1.383  1.00 46.84 ? 33  C   B OP2   1 
ATOM   623  O "O5'" . C   B 1 10 ? -7.839  -4.098  -1.784  1.00 40.84 ? 33  C   B "O5'" 1 
ATOM   624  C "C5'" . C   B 1 10 ? -8.669  -5.204  -2.110  1.00 36.21 ? 33  C   B "C5'" 1 
ATOM   625  C "C4'" . C   B 1 10 ? -7.825  -6.419  -2.396  1.00 30.53 ? 33  C   B "C4'" 1 
ATOM   626  O "O4'" . C   B 1 10 ? -6.995  -6.147  -3.551  1.00 29.04 ? 33  C   B "O4'" 1 
ATOM   627  C "C3'" . C   B 1 10 ? -6.835  -6.796  -1.309  1.00 31.51 ? 33  C   B "C3'" 1 
ATOM   628  O "O3'" . C   B 1 10 ? -7.444  -7.599  -0.306  1.00 32.61 ? 33  C   B "O3'" 1 
ATOM   629  C "C2'" . C   B 1 10 ? -5.787  -7.572  -2.093  1.00 28.98 ? 33  C   B "C2'" 1 
ATOM   630  O "O2'" . C   B 1 10 ? -6.192  -8.888  -2.391  1.00 28.44 ? 33  C   B "O2'" 1 
ATOM   631  C "C1'" . C   B 1 10 ? -5.726  -6.759  -3.386  1.00 29.51 ? 33  C   B "C1'" 1 
ATOM   632  N N1    . C   B 1 10 ? -4.699  -5.704  -3.342  1.00 26.93 ? 33  C   B N1    1 
ATOM   633  C C2    . C   B 1 10 ? -3.388  -6.039  -3.684  1.00 29.30 ? 33  C   B C2    1 
ATOM   634  O O2    . C   B 1 10 ? -3.144  -7.199  -4.021  1.00 33.02 ? 33  C   B O2    1 
ATOM   635  N N3    . C   B 1 10 ? -2.422  -5.091  -3.639  1.00 26.96 ? 33  C   B N3    1 
ATOM   636  C C4    . C   B 1 10 ? -2.732  -3.848  -3.275  1.00 27.19 ? 33  C   B C4    1 
ATOM   637  N N4    . C   B 1 10 ? -1.756  -2.945  -3.247  1.00 29.10 ? 33  C   B N4    1 
ATOM   638  C C5    . C   B 1 10 ? -4.068  -3.475  -2.922  1.00 25.66 ? 33  C   B C5    1 
ATOM   639  C C6    . C   B 1 10 ? -5.010  -4.427  -2.969  1.00 24.54 ? 33  C   B C6    1 
ATOM   640  P P     . C   B 1 11 ? -6.707  -7.786  1.107   1.00 35.30 ? 34  C   B P     1 
ATOM   641  O OP1   . C   B 1 11 ? -7.519  -8.722  1.914   1.00 36.98 ? 34  C   B OP1   1 
ATOM   642  O OP2   . C   B 1 11 ? -6.361  -6.451  1.657   1.00 33.79 ? 34  C   B OP2   1 
ATOM   643  O "O5'" . C   B 1 11 ? -5.340  -8.509  0.726   1.00 34.00 ? 34  C   B "O5'" 1 
ATOM   644  C "C5'" . C   B 1 11 ? -5.316  -9.875  0.346   1.00 29.74 ? 34  C   B "C5'" 1 
ATOM   645  C "C4'" . C   B 1 11 ? -3.888  -10.336 0.161   1.00 29.43 ? 34  C   B "C4'" 1 
ATOM   646  O "O4'" . C   B 1 11 ? -3.266  -9.563  -0.904  1.00 26.61 ? 34  C   B "O4'" 1 
ATOM   647  C "C3'" . C   B 1 11 ? -2.955  -10.109 1.340   1.00 27.35 ? 34  C   B "C3'" 1 
ATOM   648  O "O3'" . C   B 1 11 ? -3.060  -11.132 2.309   1.00 30.00 ? 34  C   B "O3'" 1 
ATOM   649  C "C2'" . C   B 1 11 ? -1.596  -10.162 0.665   1.00 26.48 ? 34  C   B "C2'" 1 
ATOM   650  O "O2'" . C   B 1 11 ? -1.222  -11.486 0.338   1.00 28.48 ? 34  C   B "O2'" 1 
ATOM   651  C "C1'" . C   B 1 11 ? -1.884  -9.404  -0.627  1.00 23.71 ? 34  C   B "C1'" 1 
ATOM   652  N N1    . C   B 1 11 ? -1.585  -7.966  -0.513  1.00 23.60 ? 34  C   B N1    1 
ATOM   653  C C2    . C   B 1 11 ? -0.280  -7.555  -0.725  1.00 19.91 ? 34  C   B C2    1 
ATOM   654  O O2    . C   B 1 11 ? 0.591   -8.421  -0.893  1.00 23.51 ? 34  C   B O2    1 
ATOM   655  N N3    . C   B 1 11 ? 0.010   -6.235  -0.725  1.00 20.12 ? 34  C   B N3    1 
ATOM   656  C C4    . C   B 1 11 ? -0.958  -5.342  -0.491  1.00 24.59 ? 34  C   B C4    1 
ATOM   657  N N4    . C   B 1 11 ? -0.639  -4.045  -0.541  1.00 25.25 ? 34  C   B N4    1 
ATOM   658  C C5    . C   B 1 11 ? -2.295  -5.740  -0.210  1.00 18.74 ? 34  C   B C5    1 
ATOM   659  C C6    . C   B 1 11 ? -2.564  -7.051  -0.233  1.00 21.84 ? 34  C   B C6    1 
ATOM   660  P P     . G   B 1 12 ? -2.954  -10.756 3.862   1.00 35.13 ? 35  G   B P     1 
ATOM   661  O OP1   . G   B 1 12 ? -3.202  -12.015 4.610   1.00 35.63 ? 35  G   B OP1   1 
ATOM   662  O OP2   . G   B 1 12 ? -3.808  -9.568  4.103   1.00 36.16 ? 35  G   B OP2   1 
ATOM   663  O "O5'" . G   B 1 12 ? -1.437  -10.294 4.080   1.00 37.69 ? 35  G   B "O5'" 1 
ATOM   664  C "C5'" . G   B 1 12 ? -0.436  -11.233 4.439   1.00 32.18 ? 35  G   B "C5'" 1 
ATOM   665  C "C4'" . G   B 1 12 ? 0.951   -10.702 4.124   1.00 33.18 ? 35  G   B "C4'" 1 
ATOM   666  O "O4'" . G   B 1 12 ? 0.921   -9.958  2.874   1.00 32.26 ? 35  G   B "O4'" 1 
ATOM   667  C "C3'" . G   B 1 12 ? 1.589   -9.675  5.048   1.00 31.00 ? 35  G   B "C3'" 1 
ATOM   668  O "O3'" . G   B 1 12 ? 2.097   -10.235 6.246   1.00 30.60 ? 35  G   B "O3'" 1 
ATOM   669  C "C2'" . G   B 1 12 ? 2.744   -9.206  4.180   1.00 28.52 ? 35  G   B "C2'" 1 
ATOM   670  O "O2'" . G   B 1 12 ? 3.769   -10.177 4.091   1.00 26.89 ? 35  G   B "O2'" 1 
ATOM   671  C "C1'" . G   B 1 12 ? 2.050   -9.090  2.825   1.00 28.90 ? 35  G   B "C1'" 1 
ATOM   672  N N9    . G   B 1 12 ? 1.598   -7.720  2.618   1.00 27.55 ? 35  G   B N9    1 
ATOM   673  C C8    . G   B 1 12 ? 0.320   -7.231  2.721   1.00 24.42 ? 35  G   B C8    1 
ATOM   674  N N7    . G   B 1 12 ? 0.245   -5.945  2.492   1.00 23.90 ? 35  G   B N7    1 
ATOM   675  C C5    . G   B 1 12 ? 1.557   -5.565  2.226   1.00 24.45 ? 35  G   B C5    1 
ATOM   676  C C6    . G   B 1 12 ? 2.104   -4.291  1.911   1.00 22.25 ? 35  G   B C6    1 
ATOM   677  O O6    . G   B 1 12 ? 1.524   -3.213  1.796   1.00 22.98 ? 35  G   B O6    1 
ATOM   678  N N1    . G   B 1 12 ? 3.475   -4.356  1.715   1.00 23.31 ? 35  G   B N1    1 
ATOM   679  C C2    . G   B 1 12 ? 4.232   -5.502  1.797   1.00 24.37 ? 35  G   B C2    1 
ATOM   680  N N2    . G   B 1 12 ? 5.549   -5.358  1.552   1.00 18.52 ? 35  G   B N2    1 
ATOM   681  N N3    . G   B 1 12 ? 3.735   -6.696  2.090   1.00 21.13 ? 35  G   B N3    1 
ATOM   682  C C4    . G   B 1 12 ? 2.401   -6.651  2.293   1.00 23.78 ? 35  G   B C4    1 
ATOM   683  P P     . G   B 1 13 ? 2.273   -9.295  7.542   1.00 35.30 ? 36  G   B P     1 
ATOM   684  O OP1   . G   B 1 13 ? 2.532   -10.214 8.686   1.00 35.70 ? 36  G   B OP1   1 
ATOM   685  O OP2   . G   B 1 13 ? 1.129   -8.342  7.606   1.00 31.43 ? 36  G   B OP2   1 
ATOM   686  O "O5'" . G   B 1 13 ? 3.602   -8.455  7.255   1.00 31.44 ? 36  G   B "O5'" 1 
ATOM   687  C "C5'" . G   B 1 13 ? 4.831   -9.113  6.966   1.00 24.87 ? 36  G   B "C5'" 1 
ATOM   688  C "C4'" . G   B 1 13 ? 5.862   -8.112  6.505   1.00 25.82 ? 36  G   B "C4'" 1 
ATOM   689  O "O4'" . G   B 1 13 ? 5.392   -7.477  5.288   1.00 20.84 ? 36  G   B "O4'" 1 
ATOM   690  C "C3'" . G   B 1 13 ? 6.121   -6.941  7.440   1.00 26.06 ? 36  G   B "C3'" 1 
ATOM   691  O "O3'" . G   B 1 13 ? 7.050   -7.286  8.462   1.00 30.26 ? 36  G   B "O3'" 1 
ATOM   692  C "C2'" . G   B 1 13 ? 6.716   -5.918  6.490   1.00 22.18 ? 36  G   B "C2'" 1 
ATOM   693  O "O2'" . G   B 1 13 ? 8.045   -6.251  6.166   1.00 24.89 ? 36  G   B "O2'" 1 
ATOM   694  C "C1'" . G   B 1 13 ? 5.851   -6.132  5.251   1.00 22.74 ? 36  G   B "C1'" 1 
ATOM   695  N N9    . G   B 1 13 ? 4.691   -5.253  5.207   1.00 18.53 ? 36  G   B N9    1 
ATOM   696  C C8    . G   B 1 13 ? 3.379   -5.602  5.410   1.00 23.42 ? 36  G   B C8    1 
ATOM   697  N N7    . G   B 1 13 ? 2.557   -4.595  5.272   1.00 23.04 ? 36  G   B N7    1 
ATOM   698  C C5    . G   B 1 13 ? 3.382   -3.522  4.975   1.00 17.18 ? 36  G   B C5    1 
ATOM   699  C C6    . G   B 1 13 ? 3.064   -2.171  4.725   1.00 19.87 ? 36  G   B C6    1 
ATOM   700  O O6    . G   B 1 13 ? 1.950   -1.631  4.714   1.00 23.21 ? 36  G   B O6    1 
ATOM   701  N N1    . G   B 1 13 ? 4.203   -1.419  4.461   1.00 17.99 ? 36  G   B N1    1 
ATOM   702  C C2    . G   B 1 13 ? 5.484   -1.909  4.446   1.00 16.86 ? 36  G   B C2    1 
ATOM   703  N N2    . G   B 1 13 ? 6.458   -1.034  4.164   1.00 18.38 ? 36  G   B N2    1 
ATOM   704  N N3    . G   B 1 13 ? 5.792   -3.168  4.687   1.00 20.17 ? 36  G   B N3    1 
ATOM   705  C C4    . G   B 1 13 ? 4.699   -3.913  4.937   1.00 17.12 ? 36  G   B C4    1 
ATOM   706  P P     . U   B 1 14 ? 6.982   -6.536  9.891   1.00 32.39 ? 37  U   B P     1 
ATOM   707  O OP1   . U   B 1 14 ? 7.897   -7.278  10.803  1.00 31.06 ? 37  U   B OP1   1 
ATOM   708  O OP2   . U   B 1 14 ? 5.560   -6.343  10.266  1.00 29.11 ? 37  U   B OP2   1 
ATOM   709  O "O5'" . U   B 1 14 ? 7.626   -5.108  9.603   1.00 29.69 ? 37  U   B "O5'" 1 
ATOM   710  C "C5'" . U   B 1 14 ? 8.992   -5.010  9.209   1.00 27.92 ? 37  U   B "C5'" 1 
ATOM   711  C "C4'" . U   B 1 14 ? 9.330   -3.595  8.806   1.00 29.41 ? 37  U   B "C4'" 1 
ATOM   712  O "O4'" . U   B 1 14 ? 8.532   -3.220  7.652   1.00 28.73 ? 37  U   B "O4'" 1 
ATOM   713  C "C3'" . U   B 1 14 ? 8.978   -2.504  9.801   1.00 29.04 ? 37  U   B "C3'" 1 
ATOM   714  O "O3'" . U   B 1 14 ? 9.901   -2.383  10.864  1.00 26.11 ? 37  U   B "O3'" 1 
ATOM   715  C "C2'" . U   B 1 14 ? 9.001   -1.274  8.909   1.00 29.28 ? 37  U   B "C2'" 1 
ATOM   716  O "O2'" . U   B 1 14 ? 10.315  -0.875  8.571   1.00 26.10 ? 37  U   B "O2'" 1 
ATOM   717  C "C1'" . U   B 1 14 ? 8.289   -1.817  7.673   1.00 26.90 ? 37  U   B "C1'" 1 
ATOM   718  N N1    . U   B 1 14 ? 6.838   -1.584  7.738   1.00 23.47 ? 37  U   B N1    1 
ATOM   719  C C2    . U   B 1 14 ? 6.385   -0.304  7.461   1.00 22.71 ? 37  U   B C2    1 
ATOM   720  O O2    . U   B 1 14 ? 7.135   0.621   7.191   1.00 20.78 ? 37  U   B O2    1 
ATOM   721  N N3    . U   B 1 14 ? 5.020   -0.145  7.518   1.00 21.43 ? 37  U   B N3    1 
ATOM   722  C C4    . U   B 1 14 ? 4.083   -1.109  7.831   1.00 25.21 ? 37  U   B C4    1 
ATOM   723  O O4    . U   B 1 14 ? 2.876   -0.824  7.785   1.00 25.23 ? 37  U   B O4    1 
ATOM   724  C C5    . U   B 1 14 ? 4.634   -2.405  8.127   1.00 21.35 ? 37  U   B C5    1 
ATOM   725  C C6    . U   B 1 14 ? 5.957   -2.593  8.067   1.00 22.27 ? 37  U   B C6    1 
ATOM   726  P P     . G   B 1 15 ? 9.388   -1.799  12.266  1.00 27.78 ? 38  G   B P     1 
ATOM   727  O OP1   . G   B 1 15 ? 10.555  -1.889  13.189  1.00 29.37 ? 38  G   B OP1   1 
ATOM   728  O OP2   . G   B 1 15 ? 8.111   -2.464  12.630  1.00 22.88 ? 38  G   B OP2   1 
ATOM   729  O "O5'" . G   B 1 15 ? 9.063   -0.273  11.960  1.00 17.95 ? 38  G   B "O5'" 1 
ATOM   730  C "C5'" . G   B 1 15 ? 10.109  0.638   11.653  1.00 17.66 ? 38  G   B "C5'" 1 
ATOM   731  C "C4'" . G   B 1 15 ? 9.539   2.007   11.371  1.00 21.98 ? 38  G   B "C4'" 1 
ATOM   732  O "O4'" . G   B 1 15 ? 8.645   1.924   10.233  1.00 23.70 ? 38  G   B "O4'" 1 
ATOM   733  C "C3'" . G   B 1 15 ? 8.657   2.620   12.444  1.00 21.16 ? 38  G   B "C3'" 1 
ATOM   734  O "O3'" . G   B 1 15 ? 9.444   3.258   13.409  1.00 26.80 ? 38  G   B "O3'" 1 
ATOM   735  C "C2'" . G   B 1 15 ? 7.906   3.674   11.649  1.00 21.76 ? 38  G   B "C2'" 1 
ATOM   736  O "O2'" . G   B 1 15 ? 8.680   4.826   11.371  1.00 18.55 ? 38  G   B "O2'" 1 
ATOM   737  C "C1'" . G   B 1 15 ? 7.634   2.910   10.356  1.00 21.69 ? 38  G   B "C1'" 1 
ATOM   738  N N9    . G   B 1 15 ? 6.349   2.236   10.434  1.00 22.99 ? 38  G   B N9    1 
ATOM   739  C C8    . G   B 1 15 ? 6.103   0.934   10.799  1.00 20.68 ? 38  G   B C8    1 
ATOM   740  N N7    . G   B 1 15 ? 4.830   0.639   10.799  1.00 20.34 ? 38  G   B N7    1 
ATOM   741  C C5    . G   B 1 15 ? 4.204   1.818   10.404  1.00 18.99 ? 38  G   B C5    1 
ATOM   742  C C6    . G   B 1 15 ? 2.827   2.122   10.238  1.00 20.20 ? 38  G   B C6    1 
ATOM   743  O O6    . G   B 1 15 ? 1.850   1.376   10.373  1.00 23.22 ? 38  G   B O6    1 
ATOM   744  N N1    . G   B 1 15 ? 2.637   3.445   9.871   1.00 17.20 ? 38  G   B N1    1 
ATOM   745  C C2    . G   B 1 15 ? 3.638   4.361   9.667   1.00 17.24 ? 38  G   B C2    1 
ATOM   746  N N2    . G   B 1 15 ? 3.250   5.589   9.317   1.00 16.99 ? 38  G   B N2    1 
ATOM   747  N N3    . G   B 1 15 ? 4.923   4.090   9.797   1.00 19.11 ? 38  G   B N3    1 
ATOM   748  C C4    . G   B 1 15 ? 5.130   2.806   10.172  1.00 20.24 ? 38  G   B C4    1 
ATOM   749  P P     . A   B 1 16 ? 9.428   2.735   14.916  1.00 27.82 ? 39  A   B P     1 
ATOM   750  O OP1   . A   B 1 16 ? 10.707  2.008   15.086  1.00 35.47 ? 39  A   B OP1   1 
ATOM   751  O OP2   . A   B 1 16 ? 8.153   2.035   15.221  1.00 31.28 ? 39  A   B OP2   1 
ATOM   752  O "O5'" . A   B 1 16 ? 9.492   4.096   15.728  1.00 26.66 ? 39  A   B "O5'" 1 
ATOM   753  C "C5'" . A   B 1 16 ? 8.402   5.010   15.700  1.00 29.16 ? 39  A   B "C5'" 1 
ATOM   754  C "C4'" . A   B 1 16 ? 8.360   5.781   16.998  1.00 29.81 ? 39  A   B "C4'" 1 
ATOM   755  O "O4'" . A   B 1 16 ? 9.468   6.713   17.053  1.00 27.97 ? 39  A   B "O4'" 1 
ATOM   756  C "C3'" . A   B 1 16 ? 7.149   6.655   17.249  1.00 29.74 ? 39  A   B "C3'" 1 
ATOM   757  O "O3'" . A   B 1 16 ? 6.124   5.820   17.763  1.00 27.60 ? 39  A   B "O3'" 1 
ATOM   758  C "C2'" . A   B 1 16 ? 7.672   7.587   18.339  1.00 29.69 ? 39  A   B "C2'" 1 
ATOM   759  O "O2'" . A   B 1 16 ? 7.716   6.929   19.595  1.00 31.44 ? 39  A   B "O2'" 1 
ATOM   760  C "C1'" . A   B 1 16 ? 9.113   7.814   17.873  1.00 29.76 ? 39  A   B "C1'" 1 
ATOM   761  N N9    . A   B 1 16 ? 9.312   9.032   17.095  1.00 27.88 ? 39  A   B N9    1 
ATOM   762  C C8    . A   B 1 16 ? 9.154   9.190   15.743  1.00 26.59 ? 39  A   B C8    1 
ATOM   763  N N7    . A   B 1 16 ? 9.442   10.393  15.315  1.00 28.42 ? 39  A   B N7    1 
ATOM   764  C C5    . A   B 1 16 ? 9.816   11.074  16.465  1.00 26.81 ? 39  A   B C5    1 
ATOM   765  C C6    . A   B 1 16 ? 10.254  12.390  16.682  1.00 25.45 ? 39  A   B C6    1 
ATOM   766  N N6    . A   B 1 16 ? 10.418  13.282  15.706  1.00 25.75 ? 39  A   B N6    1 
ATOM   767  N N1    . A   B 1 16 ? 10.528  12.759  17.952  1.00 24.51 ? 39  A   B N1    1 
ATOM   768  C C2    . A   B 1 16 ? 10.376  11.853  18.928  1.00 23.41 ? 39  A   B C2    1 
ATOM   769  N N3    . A   B 1 16 ? 9.983   10.587  18.845  1.00 24.01 ? 39  A   B N3    1 
ATOM   770  C C4    . A   B 1 16 ? 9.719   10.254  17.571  1.00 24.55 ? 39  A   B C4    1 
ATOM   771  P P     . A   B 1 17 ? 4.644   5.927   17.171  1.00 30.97 ? 40  A   B P     1 
ATOM   772  O OP1   . A   B 1 17 ? 4.033   4.573   17.298  1.00 25.77 ? 40  A   B OP1   1 
ATOM   773  O OP2   . A   B 1 17 ? 4.696   6.601   15.845  1.00 24.03 ? 40  A   B OP2   1 
ATOM   774  O "O5'" . A   B 1 17 ? 3.901   6.921   18.167  1.00 30.46 ? 40  A   B "O5'" 1 
ATOM   775  C "C5'" . A   B 1 17 ? 3.817   6.645   19.561  1.00 31.55 ? 40  A   B "C5'" 1 
ATOM   776  C "C4'" . A   B 1 17 ? 3.689   7.943   20.309  1.00 34.59 ? 40  A   B "C4'" 1 
ATOM   777  O "O4'" . A   B 1 17 ? 4.874   8.727   20.010  1.00 34.47 ? 40  A   B "O4'" 1 
ATOM   778  C "C3'" . A   B 1 17 ? 2.521   8.807   19.843  1.00 38.48 ? 40  A   B "C3'" 1 
ATOM   779  O "O3'" . A   B 1 17 ? 1.348   8.504   20.605  1.00 45.81 ? 40  A   B "O3'" 1 
ATOM   780  C "C2'" . A   B 1 17 ? 3.024   10.223  20.127  1.00 36.59 ? 40  A   B "C2'" 1 
ATOM   781  O "O2'" . A   B 1 17 ? 2.876   10.610  21.479  1.00 38.54 ? 40  A   B "O2'" 1 
ATOM   782  C "C1'" . A   B 1 17 ? 4.523   10.087  19.859  1.00 31.57 ? 40  A   B "C1'" 1 
ATOM   783  N N9    . A   B 1 17 ? 4.982   10.556  18.551  1.00 28.04 ? 40  A   B N9    1 
ATOM   784  C C8    . A   B 1 17 ? 4.646   10.111  17.299  1.00 24.94 ? 40  A   B C8    1 
ATOM   785  N N7    . A   B 1 17 ? 5.238   10.771  16.328  1.00 24.51 ? 40  A   B N7    1 
ATOM   786  C C5    . A   B 1 17 ? 6.015   11.711  16.989  1.00 25.45 ? 40  A   B C5    1 
ATOM   787  C C6    . A   B 1 17 ? 6.879   12.729  16.527  1.00 25.68 ? 40  A   B C6    1 
ATOM   788  N N6    . A   B 1 17 ? 7.105   12.986  15.236  1.00 22.66 ? 40  A   B N6    1 
ATOM   789  N N1    . A   B 1 17 ? 7.503   13.487  17.454  1.00 24.07 ? 40  A   B N1    1 
ATOM   790  C C2    . A   B 1 17 ? 7.269   13.244  18.745  1.00 23.96 ? 40  A   B C2    1 
ATOM   791  N N3    . A   B 1 17 ? 6.476   12.330  19.299  1.00 24.78 ? 40  A   B N3    1 
ATOM   792  C C4    . A   B 1 17 ? 5.872   11.587  18.356  1.00 26.17 ? 40  A   B C4    1 
ATOM   793  P P     . G   B 1 18 ? 0.215   7.512   20.009  1.00 49.54 ? 41  G   B P     1 
ATOM   794  O OP1   . G   B 1 18 ? -0.779  7.285   21.095  1.00 50.71 ? 41  G   B OP1   1 
ATOM   795  O OP2   . G   B 1 18 ? 0.881   6.339   19.381  1.00 48.81 ? 41  G   B OP2   1 
ATOM   796  O "O5'" . G   B 1 18 ? -0.500  8.378   18.881  1.00 43.78 ? 41  G   B "O5'" 1 
ATOM   797  C "C5'" . G   B 1 18 ? -1.123  9.623   19.202  1.00 35.68 ? 41  G   B "C5'" 1 
ATOM   798  C "C4'" . G   B 1 18 ? -2.380  9.798   18.390  1.00 34.03 ? 41  G   B "C4'" 1 
ATOM   799  O "O4'" . G   B 1 18 ? -2.068  9.548   16.992  1.00 31.22 ? 41  G   B "O4'" 1 
ATOM   800  C "C3'" . G   B 1 18 ? -3.504  8.828   18.728  1.00 32.53 ? 41  G   B "C3'" 1 
ATOM   801  O "O3'" . G   B 1 18 ? -4.325  9.414   19.729  1.00 29.91 ? 41  G   B "O3'" 1 
ATOM   802  C "C2'" . G   B 1 18 ? -4.248  8.720   17.406  1.00 32.35 ? 41  G   B "C2'" 1 
ATOM   803  O "O2'" . G   B 1 18 ? -5.101  9.822   17.194  1.00 36.45 ? 41  G   B "O2'" 1 
ATOM   804  C "C1'" . G   B 1 18 ? -3.089  8.762   16.406  1.00 32.44 ? 41  G   B "C1'" 1 
ATOM   805  N N9    . G   B 1 18 ? -2.543  7.434   16.165  1.00 31.52 ? 41  G   B N9    1 
ATOM   806  C C8    . G   B 1 18 ? -1.272  6.994   16.456  1.00 31.04 ? 41  G   B C8    1 
ATOM   807  N N7    . G   B 1 18 ? -1.086  5.735   16.167  1.00 29.36 ? 41  G   B N7    1 
ATOM   808  C C5    . G   B 1 18 ? -2.306  5.321   15.651  1.00 27.65 ? 41  G   B C5    1 
ATOM   809  C C6    . G   B 1 18 ? -2.710  4.057   15.189  1.00 23.77 ? 41  G   B C6    1 
ATOM   810  O O6    . G   B 1 18 ? -2.058  3.016   15.151  1.00 26.49 ? 41  G   B O6    1 
ATOM   811  N N1    . G   B 1 18 ? -4.030  4.070   14.745  1.00 27.49 ? 41  G   B N1    1 
ATOM   812  C C2    . G   B 1 18 ? -4.856  5.174   14.757  1.00 29.79 ? 41  G   B C2    1 
ATOM   813  N N2    . G   B 1 18 ? -6.100  4.989   14.293  1.00 32.32 ? 41  G   B N2    1 
ATOM   814  N N3    . G   B 1 18 ? -4.488  6.366   15.193  1.00 25.94 ? 41  G   B N3    1 
ATOM   815  C C4    . G   B 1 18 ? -3.209  6.365   15.626  1.00 28.69 ? 41  G   B C4    1 
ATOM   816  P P     . U   B 1 19 ? -5.250  8.486   20.665  1.00 29.53 ? 42  U   B P     1 
ATOM   817  O OP1   . U   B 1 19 ? -5.952  9.430   21.580  1.00 31.46 ? 42  U   B OP1   1 
ATOM   818  O OP2   . U   B 1 19 ? -4.485  7.349   21.234  1.00 28.82 ? 42  U   B OP2   1 
ATOM   819  O "O5'" . U   B 1 19 ? -6.313  7.874   19.659  1.00 24.40 ? 42  U   B "O5'" 1 
ATOM   820  C "C5'" . U   B 1 19 ? -7.204  8.710   18.950  1.00 24.20 ? 42  U   B "C5'" 1 
ATOM   821  C "C4'" . U   B 1 19 ? -8.230  7.868   18.244  1.00 28.55 ? 42  U   B "C4'" 1 
ATOM   822  O "O4'" . U   B 1 19 ? -7.608  7.120   17.171  1.00 28.65 ? 42  U   B "O4'" 1 
ATOM   823  C "C3'" . U   B 1 19 ? -8.837  6.795   19.126  1.00 27.35 ? 42  U   B "C3'" 1 
ATOM   824  O "O3'" . U   B 1 19 ? -9.846  7.384   19.921  1.00 30.57 ? 42  U   B "O3'" 1 
ATOM   825  C "C2'" . U   B 1 19 ? -9.337  5.794   18.097  1.00 27.88 ? 42  U   B "C2'" 1 
ATOM   826  O "O2'" . U   B 1 19 ? -10.510 6.218   17.431  1.00 26.93 ? 42  U   B "O2'" 1 
ATOM   827  C "C1'" . U   B 1 19 ? -8.186  5.827   17.092  1.00 28.33 ? 42  U   B "C1'" 1 
ATOM   828  N N1    . U   B 1 19 ? -7.129  4.837   17.348  1.00 27.39 ? 42  U   B N1    1 
ATOM   829  C C2    . U   B 1 19 ? -7.335  3.553   16.890  1.00 29.69 ? 42  U   B C2    1 
ATOM   830  O O2    . U   B 1 19 ? -8.361  3.208   16.327  1.00 31.65 ? 42  U   B O2    1 
ATOM   831  N N3    . U   B 1 19 ? -6.298  2.681   17.115  1.00 31.66 ? 42  U   B N3    1 
ATOM   832  C C4    . U   B 1 19 ? -5.102  2.960   17.747  1.00 31.81 ? 42  U   B C4    1 
ATOM   833  O O4    . U   B 1 19 ? -4.244  2.078   17.835  1.00 25.23 ? 42  U   B O4    1 
ATOM   834  C C5    . U   B 1 19 ? -4.974  4.312   18.215  1.00 28.73 ? 42  U   B C5    1 
ATOM   835  C C6    . U   B 1 19 ? -5.969  5.182   18.006  1.00 26.90 ? 42  U   B C6    1 
ATOM   836  P P     . C   B 1 20 ? -10.502 6.552   21.119  1.00 31.58 ? 43  C   B P     1 
ATOM   837  O OP1   . C   B 1 20 ? -11.412 7.478   21.837  1.00 35.80 ? 43  C   B OP1   1 
ATOM   838  O OP2   . C   B 1 20 ? -9.459  5.816   21.887  1.00 30.00 ? 43  C   B OP2   1 
ATOM   839  O "O5'" . C   B 1 20 ? -11.402 5.532   20.309  1.00 31.81 ? 43  C   B "O5'" 1 
ATOM   840  C "C5'" . C   B 1 20 ? -11.867 4.372   20.922  1.00 37.87 ? 43  C   B "C5'" 1 
ATOM   841  C "C4'" . C   B 1 20 ? -12.523 3.483   19.911  1.00 39.56 ? 43  C   B "C4'" 1 
ATOM   842  O "O4'" . C   B 1 20 ? -11.653 3.274   18.766  1.00 41.05 ? 43  C   B "O4'" 1 
ATOM   843  C "C3'" . C   B 1 20 ? -12.709 2.122   20.531  1.00 40.74 ? 43  C   B "C3'" 1 
ATOM   844  O "O3'" . C   B 1 20 ? -13.924 2.133   21.250  1.00 40.65 ? 43  C   B "O3'" 1 
ATOM   845  C "C2'" . C   B 1 20 ? -12.590 1.194   19.339  1.00 40.55 ? 43  C   B "C2'" 1 
ATOM   846  O "O2'" . C   B 1 20 ? -13.764 1.170   18.555  1.00 43.73 ? 43  C   B "O2'" 1 
ATOM   847  C "C1'" . C   B 1 20 ? -11.459 1.883   18.572  1.00 39.61 ? 43  C   B "C1'" 1 
ATOM   848  N N1    . C   B 1 20 ? -10.121 1.568   19.096  1.00 38.12 ? 43  C   B N1    1 
ATOM   849  C C2    . C   B 1 20 ? -9.659  0.254   19.037  1.00 38.80 ? 43  C   B C2    1 
ATOM   850  O O2    . C   B 1 20 ? -10.402 -0.618  18.563  1.00 44.51 ? 43  C   B O2    1 
ATOM   851  N N3    . C   B 1 20 ? -8.414  -0.034  19.501  1.00 35.37 ? 43  C   B N3    1 
ATOM   852  C C4    . C   B 1 20 ? -7.648  0.938   20.013  1.00 35.77 ? 43  C   B C4    1 
ATOM   853  N N4    . C   B 1 20 ? -6.425  0.615   20.451  1.00 29.68 ? 43  C   B N4    1 
ATOM   854  C C5    . C   B 1 20 ? -8.105  2.288   20.098  1.00 35.06 ? 43  C   B C5    1 
ATOM   855  C C6    . C   B 1 20 ? -9.335  2.555   19.631  1.00 37.52 ? 43  C   B C6    1 
ATOM   856  P P     . G   B 1 21 ? -13.884 1.906   22.836  1.00 45.88 ? 44  G   B P     1 
ATOM   857  O OP1   . G   B 1 21 ? -15.216 2.300   23.362  1.00 48.20 ? 44  G   B OP1   1 
ATOM   858  O OP2   . G   B 1 21 ? -12.660 2.516   23.420  1.00 41.05 ? 44  G   B OP2   1 
ATOM   859  O "O5'" . G   B 1 21 ? -13.750 0.325   22.911  1.00 46.55 ? 44  G   B "O5'" 1 
ATOM   860  C "C5'" . G   B 1 21 ? -14.620 -0.484  22.128  1.00 48.71 ? 44  G   B "C5'" 1 
ATOM   861  C "C4'" . G   B 1 21 ? -14.044 -1.862  21.951  1.00 49.25 ? 44  G   B "C4'" 1 
ATOM   862  O "O4'" . G   B 1 21 ? -12.920 -1.827  21.036  1.00 48.83 ? 44  G   B "O4'" 1 
ATOM   863  C "C3'" . G   B 1 21 ? -13.461 -2.485  23.200  1.00 51.73 ? 44  G   B "C3'" 1 
ATOM   864  O "O3'" . G   B 1 21 ? -14.476 -3.002  24.045  1.00 54.69 ? 44  G   B "O3'" 1 
ATOM   865  C "C2'" . G   B 1 21 ? -12.586 -3.572  22.599  1.00 49.67 ? 44  G   B "C2'" 1 
ATOM   866  O "O2'" . G   B 1 21 ? -13.341 -4.672  22.141  1.00 53.52 ? 44  G   B "O2'" 1 
ATOM   867  C "C1'" . G   B 1 21 ? -11.987 -2.831  21.404  1.00 49.65 ? 44  G   B "C1'" 1 
ATOM   868  N N9    . G   B 1 21 ? -10.735 -2.184  21.777  1.00 48.93 ? 44  G   B N9    1 
ATOM   869  C C8    . G   B 1 21 ? -10.516 -0.846  22.006  1.00 48.53 ? 44  G   B C8    1 
ATOM   870  N N7    . G   B 1 21 ? -9.290  -0.583  22.375  1.00 48.14 ? 44  G   B N7    1 
ATOM   871  C C5    . G   B 1 21 ? -8.659  -1.820  22.380  1.00 45.86 ? 44  G   B C5    1 
ATOM   872  C C6    . G   B 1 21 ? -7.326  -2.170  22.712  1.00 43.04 ? 44  G   B C6    1 
ATOM   873  O O6    . G   B 1 21 ? -6.401  -1.432  23.082  1.00 39.87 ? 44  G   B O6    1 
ATOM   874  N N1    . G   B 1 21 ? -7.114  -3.537  22.587  1.00 43.80 ? 44  G   B N1    1 
ATOM   875  C C2    . G   B 1 21 ? -8.059  -4.452  22.191  1.00 46.52 ? 44  G   B C2    1 
ATOM   876  N N2    . G   B 1 21 ? -7.660  -5.729  22.122  1.00 47.54 ? 44  G   B N2    1 
ATOM   877  N N3    . G   B 1 21 ? -9.304  -4.141  21.884  1.00 44.96 ? 44  G   B N3    1 
ATOM   878  C C4    . G   B 1 21 ? -9.535  -2.817  22.002  1.00 48.14 ? 44  G   B C4    1 
ATOM   879  P P     . C   B 1 22 ? -14.225 -3.075  25.628  1.00 55.97 ? 45  C   B P     1 
ATOM   880  O OP1   . C   B 1 22 ? -15.451 -3.696  26.205  1.00 56.89 ? 45  C   B OP1   1 
ATOM   881  O OP2   . C   B 1 22 ? -13.779 -1.736  26.102  1.00 54.97 ? 45  C   B OP2   1 
ATOM   882  O "O5'" . C   B 1 22 ? -13.010 -4.098  25.784  1.00 55.44 ? 45  C   B "O5'" 1 
ATOM   883  C "C5'" . C   B 1 22 ? -13.156 -5.460  25.380  1.00 56.60 ? 45  C   B "C5'" 1 
ATOM   884  C "C4'" . C   B 1 22 ? -11.888 -6.237  25.650  1.00 57.65 ? 45  C   B "C4'" 1 
ATOM   885  O "O4'" . C   B 1 22 ? -10.802 -5.738  24.820  1.00 58.59 ? 45  C   B "O4'" 1 
ATOM   886  C "C3'" . C   B 1 22 ? -11.330 -6.147  27.059  1.00 58.95 ? 45  C   B "C3'" 1 
ATOM   887  O "O3'" . C   B 1 22 ? -12.066 -6.889  28.048  1.00 60.28 ? 45  C   B "O3'" 1 
ATOM   888  C "C2'" . C   B 1 22 ? -9.885  -6.583  26.845  1.00 60.07 ? 45  C   B "C2'" 1 
ATOM   889  O "O2'" . C   B 1 22 ? -9.737  -7.989  26.727  1.00 60.49 ? 45  C   B "O2'" 1 
ATOM   890  C "C1'" . C   B 1 22 ? -9.567  -5.908  25.506  1.00 59.76 ? 45  C   B "C1'" 1 
ATOM   891  N N1    . C   B 1 22 ? -8.937  -4.586  25.675  1.00 59.44 ? 45  C   B N1    1 
ATOM   892  C C2    . C   B 1 22 ? -7.580  -4.523  26.029  1.00 60.20 ? 45  C   B C2    1 
ATOM   893  O O2    . C   B 1 22 ? -6.946  -5.584  26.186  1.00 58.47 ? 45  C   B O2    1 
ATOM   894  N N3    . C   B 1 22 ? -6.995  -3.308  26.198  1.00 58.66 ? 45  C   B N3    1 
ATOM   895  C C4    . C   B 1 22 ? -7.713  -2.194  26.030  1.00 56.90 ? 45  C   B C4    1 
ATOM   896  N N4    . C   B 1 22 ? -7.099  -1.020  26.209  1.00 53.98 ? 45  C   B N4    1 
ATOM   897  C C5    . C   B 1 22 ? -9.094  -2.232  25.671  1.00 57.38 ? 45  C   B C5    1 
ATOM   898  C C6    . C   B 1 22 ? -9.659  -3.437  25.501  1.00 59.20 ? 45  C   B C6    1 
HETATM 899  C C1    . NMY C 2 .  ? -1.578  -2.413  -14.133 1.00 32.81 ? 50  NMY A C1    1 
HETATM 900  O O1    . NMY C 2 .  ? -1.612  -2.189  -15.537 1.00 34.29 ? 50  NMY A O1    1 
HETATM 901  C C2    . NMY C 2 .  ? -1.481  -3.959  -13.915 1.00 31.31 ? 50  NMY A C2    1 
HETATM 902  N N2    . NMY C 2 .  ? -0.309  -4.529  -14.594 1.00 30.74 ? 50  NMY A N2    1 
HETATM 903  C C3    . NMY C 2 .  ? -2.826  -4.639  -14.388 1.00 28.43 ? 50  NMY A C3    1 
HETATM 904  O O3    . NMY C 2 .  ? -2.749  -6.013  -14.187 1.00 30.14 ? 50  NMY A O3    1 
HETATM 905  C C4    . NMY C 2 .  ? -4.026  -3.982  -13.595 1.00 30.50 ? 50  NMY A C4    1 
HETATM 906  O O4    . NMY C 2 .  ? -5.259  -4.560  -13.973 1.00 32.31 ? 50  NMY A O4    1 
HETATM 907  C C5    . NMY C 2 .  ? -4.076  -2.441  -13.858 1.00 33.27 ? 50  NMY A C5    1 
HETATM 908  O O5    . NMY C 2 .  ? -2.805  -1.859  -13.469 1.00 34.21 ? 50  NMY A O5    1 
HETATM 909  C C6    . NMY C 2 .  ? -5.229  -1.743  -13.075 1.00 35.46 ? 50  NMY A C6    1 
HETATM 910  C C7    . NMY C 2 .  ? 0.217   0.397   -18.486 1.00 44.61 ? 50  NMY A C7    1 
HETATM 911  N N7    . NMY C 2 .  ? 0.651   1.620   -19.189 1.00 47.24 ? 50  NMY A N7    1 
HETATM 912  C C12   . NMY C 2 .  ? 0.862   0.335   -17.080 1.00 43.19 ? 50  NMY A C12   1 
HETATM 913  C C11   . NMY C 2 .  ? 0.399   -0.977  -16.340 1.00 44.55 ? 50  NMY A C11   1 
HETATM 914  O O11   . NMY C 2 .  ? 0.973   -1.053  -14.994 1.00 47.06 ? 50  NMY A O11   1 
HETATM 915  C C10   . NMY C 2 .  ? -1.163  -0.978  -16.170 1.00 41.86 ? 50  NMY A C10   1 
HETATM 916  C C9    . NMY C 2 .  ? -1.868  -0.879  -17.563 1.00 43.49 ? 50  NMY A C9    1 
HETATM 917  N N9    . NMY C 2 .  ? -3.329  -0.876  -17.377 1.00 43.18 ? 50  NMY A N9    1 
HETATM 918  C C8    . NMY C 2 .  ? -1.391  0.427   -18.308 1.00 44.18 ? 50  NMY A C8    1 
HETATM 919  C C13   . NMY C 2 .  ? 2.238   -1.525  -14.692 1.00 50.27 ? 50  NMY A C13   1 
HETATM 920  C C14   . NMY C 2 .  ? 2.827   -0.827  -13.432 1.00 51.95 ? 50  NMY A C14   1 
HETATM 921  C C15   . NMY C 2 .  ? 3.681   -1.960  -12.880 1.00 53.96 ? 50  NMY A C15   1 
HETATM 922  C C16   . NMY C 2 .  ? 2.913   -3.271  -13.149 1.00 52.71 ? 50  NMY A C16   1 
HETATM 923  O O16   . NMY C 2 .  ? 2.316   -2.961  -14.413 1.00 52.62 ? 50  NMY A O16   1 
HETATM 924  C C17   . NMY C 2 .  ? 1.824   -3.641  -12.075 1.00 51.81 ? 50  NMY A C17   1 
HETATM 925  C C21   . NMY C 2 .  ? 8.707   -4.159  -13.101 1.00 66.19 ? 50  NMY A C21   1 
HETATM 926  C C20   . NMY C 2 .  ? 8.682   -2.632  -12.575 1.00 65.97 ? 50  NMY A C20   1 
HETATM 927  C C19   . NMY C 2 .  ? 7.487   -1.823  -13.311 1.00 64.35 ? 50  NMY A C19   1 
HETATM 928  C C18   . NMY C 2 .  ? 6.104   -2.545  -12.945 1.00 62.86 ? 50  NMY A C18   1 
HETATM 929  O O18   . NMY C 2 .  ? 4.999   -1.926  -13.575 1.00 58.65 ? 50  NMY A O18   1 
HETATM 930  C C22   . NMY C 2 .  ? 7.279   -4.846  -12.721 1.00 65.99 ? 50  NMY A C22   1 
HETATM 931  O O22   . NMY C 2 .  ? 6.159   -4.045  -13.330 1.00 64.84 ? 50  NMY A O22   1 
HETATM 932  C C23   . NMY C 2 .  ? 7.188   -6.330  -13.213 1.00 67.19 ? 50  NMY A C23   1 
HETATM 933  N N6    . NMY C 2 .  ? -5.278  -0.343  -13.324 1.00 30.77 ? 50  NMY A N6    1 
HETATM 934  O O14   . NMY C 2 .  ? 3.438   0.403   -13.703 1.00 48.63 ? 50  NMY A O14   1 
HETATM 935  O O20   . NMY C 2 .  ? 8.444   -2.605  -11.090 1.00 66.99 ? 50  NMY A O20   1 
HETATM 936  O O21   . NMY C 2 .  ? 8.949   -4.157  -14.520 1.00 68.45 ? 50  NMY A O21   1 
HETATM 937  O O17   . NMY C 2 .  ? 1.511   -5.061  -12.192 1.00 53.01 ? 50  NMY A O17   1 
HETATM 938  O O12   . NMY C 2 .  ? 2.255   0.307   -17.244 1.00 41.01 ? 50  NMY A O12   1 
HETATM 939  N N19   . NMY C 2 .  ? 6.570   -6.494  -14.570 1.00 67.37 ? 50  NMY A N19   1 
HETATM 940  N N23   . NMY C 2 .  ? 7.649   -1.790  -14.793 1.00 64.57 ? 50  NMY A N23   1 
HETATM 941  C C1    . NMY D 2 .  ? 2.068   2.293   14.185  1.00 21.41 ? 51  NMY B C1    1 
HETATM 942  O O1    . NMY D 2 .  ? 1.968   2.524   15.592  1.00 21.43 ? 51  NMY B O1    1 
HETATM 943  C C2    . NMY D 2 .  ? 3.522   1.837   13.899  1.00 21.24 ? 51  NMY B C2    1 
HETATM 944  N N2    . NMY D 2 .  ? 3.863   0.662   14.660  1.00 19.46 ? 51  NMY B N2    1 
HETATM 945  C C3    . NMY D 2 .  ? 4.497   3.008   14.210  1.00 25.20 ? 51  NMY B C3    1 
HETATM 946  O O3    . NMY D 2 .  ? 5.802   2.601   13.936  1.00 27.24 ? 51  NMY B O3    1 
HETATM 947  C C4    . NMY D 2 .  ? 4.069   4.243   13.349  1.00 25.00 ? 51  NMY B C4    1 
HETATM 948  O O4    . NMY D 2 .  ? 4.926   5.336   13.605  1.00 27.15 ? 51  NMY B O4    1 
HETATM 949  C C5    . NMY D 2 .  ? 2.599   4.656   13.664  1.00 25.36 ? 51  NMY B C5    1 
HETATM 950  O O5    . NMY D 2 .  ? 1.752   3.530   13.417  1.00 21.56 ? 51  NMY B O5    1 
HETATM 951  C C6    . NMY D 2 .  ? 2.122   5.863   12.791  1.00 29.57 ? 51  NMY B C6    1 
HETATM 952  C C7    . NMY D 2 .  ? -0.873  1.687   18.735  1.00 20.85 ? 51  NMY B C7    1 
HETATM 953  N N7    . NMY D 2 .  ? -2.144  1.619   19.468  1.00 23.28 ? 51  NMY B N7    1 
HETATM 954  C C12   . NMY D 2 .  ? -1.006  0.933   17.402  1.00 21.19 ? 51  NMY B C12   1 
HETATM 955  C C11   . NMY D 2 .  ? 0.345   0.982   16.618  1.00 25.00 ? 51  NMY B C11   1 
HETATM 956  O O11   . NMY D 2 .  ? 0.235   0.303   15.343  1.00 31.33 ? 51  NMY B O11   1 
HETATM 957  C C10   . NMY D 2 .  ? 0.721   2.467   16.299  1.00 23.01 ? 51  NMY B C10   1 
HETATM 958  C C9    . NMY D 2 .  ? 0.851   3.303   17.616  1.00 21.74 ? 51  NMY B C9    1 
HETATM 959  N N9    . NMY D 2 .  ? 1.206   4.695   17.284  1.00 16.76 ? 51  NMY B N9    1 
HETATM 960  C C8    . NMY D 2 .  ? -0.512  3.237   18.418  1.00 20.64 ? 51  NMY B C8    1 
HETATM 961  C C13   . NMY D 2 .  ? 0.417   -1.025  15.142  1.00 37.52 ? 51  NMY B C13   1 
HETATM 962  C C14   . NMY D 2 .  ? -0.547  -1.559  14.051  1.00 43.26 ? 51  NMY B C14   1 
HETATM 963  C C15   . NMY D 2 .  ? 0.318   -2.666  13.477  1.00 46.60 ? 51  NMY B C15   1 
HETATM 964  C C16   . NMY D 2 .  ? 1.763   -2.149  13.489  1.00 45.09 ? 51  NMY B C16   1 
HETATM 965  O O16   . NMY D 2 .  ? 1.751   -1.398  14.703  1.00 41.90 ? 51  NMY B O16   1 
HETATM 966  C C17   . NMY D 2 .  ? 2.174   -1.266  12.261  1.00 45.42 ? 51  NMY B C17   1 
HETATM 967  C C21   . NMY D 2 .  ? 1.904   -7.828  14.203  1.00 60.54 ? 51  NMY B C21   1 
HETATM 968  C C20   . NMY D 2 .  ? 0.320   -7.672  13.902  1.00 61.34 ? 51  NMY B C20   1 
HETATM 969  C C19   . NMY D 2 .  ? -0.230  -6.294  14.548  1.00 57.65 ? 51  NMY B C19   1 
HETATM 970  C C18   . NMY D 2 .  ? 0.549   -5.103  13.839  1.00 55.42 ? 51  NMY B C18   1 
HETATM 971  O O18   . NMY D 2 .  ? 0.152   -3.859  14.348  1.00 51.86 ? 51  NMY B O18   1 
HETATM 972  C C22   . NMY D 2 .  ? 2.664   -6.571  13.494  1.00 60.14 ? 51  NMY B C22   1 
HETATM 973  O O22   . NMY D 2 .  ? 2.086   -5.282  14.010  1.00 58.10 ? 51  NMY B O22   1 
HETATM 974  C C23   . NMY D 2 .  ? 4.214   -6.597  13.736  1.00 60.83 ? 51  NMY B C23   1 
HETATM 975  N N6    . NMY D 2 .  ? 0.778   6.230   13.072  1.00 29.26 ? 51  NMY B N6    1 
HETATM 976  O O14   . NMY D 2 .  ? -1.813  -1.884  14.548  1.00 41.59 ? 51  NMY B O14   1 
HETATM 977  O O20   . NMY D 2 .  ? 0.070   -7.624  12.408  1.00 64.05 ? 51  NMY B O20   1 
HETATM 978  O O21   . NMY D 2 .  ? 2.116   -7.881  15.635  1.00 60.77 ? 51  NMY B O21   1 
HETATM 979  O O17   . NMY D 2 .  ? 3.625   -1.255  12.200  1.00 49.63 ? 51  NMY B O17   1 
HETATM 980  O O12   . NMY D 2 .  ? -1.307  -0.392  17.683  1.00 23.40 ? 51  NMY B O12   1 
HETATM 981  N N19   . NMY D 2 .  ? 4.693   -5.639  14.779  1.00 60.82 ? 51  NMY B N19   1 
HETATM 982  N N23   . NMY D 2 .  ? -0.037  -6.222  16.034  1.00 55.03 ? 51  NMY B N23   1 
HETATM 983  O O     . HOH E 3 .  ? 2.823   2.785   -17.229 1.00 35.13 ? 203 HOH A O     1 
HETATM 984  O O     . HOH E 3 .  ? 3.752   -0.289  -3.149  1.00 31.24 ? 205 HOH A O     1 
HETATM 985  O O     . HOH E 3 .  ? 4.099   14.437  -27.304 1.00 43.73 ? 206 HOH A O     1 
HETATM 986  O O     . HOH E 3 .  ? 0.928   -0.814  -2.492  1.00 21.42 ? 210 HOH A O     1 
HETATM 987  O O     . HOH E 3 .  ? -0.828  1.806   1.716   1.00 32.01 ? 211 HOH A O     1 
HETATM 988  O O     . HOH E 3 .  ? 2.595   -1.724  -5.260  1.00 39.75 ? 212 HOH A O     1 
HETATM 989  O O     . HOH E 3 .  ? -0.426  -10.998 -4.362  1.00 34.33 ? 216 HOH A O     1 
HETATM 990  O O     . HOH E 3 .  ? -2.806  -0.046  7.993   1.00 40.17 ? 217 HOH A O     1 
HETATM 991  O O     . HOH E 3 .  ? 1.621   1.686   -0.522  1.00 36.05 ? 218 HOH A O     1 
HETATM 992  O O     . HOH E 3 .  ? -6.192  -1.096  -16.006 1.00 61.47 ? 219 HOH A O     1 
HETATM 993  O O     . HOH E 3 .  ? -6.338  6.066   1.095   1.00 32.70 ? 220 HOH A O     1 
HETATM 994  O O     . HOH E 3 .  ? -8.710  -6.815  -15.821 1.00 48.14 ? 221 HOH A O     1 
HETATM 995  O O     . HOH E 3 .  ? -4.474  -9.858  26.184  1.00 47.16 ? 222 HOH A O     1 
HETATM 996  O O     . HOH E 3 .  ? 1.882   2.154   -3.975  1.00 33.93 ? 223 HOH A O     1 
HETATM 997  O O     . HOH E 3 .  ? 6.885   15.094  -28.134 1.00 55.26 ? 224 HOH A O     1 
HETATM 998  O O     . HOH E 3 .  ? -0.365  -13.457 -10.103 1.00 55.07 ? 227 HOH A O     1 
HETATM 999  O O     . HOH E 3 .  ? -4.403  -5.213  6.383   1.00 37.94 ? 228 HOH A O     1 
HETATM 1000 O O     . HOH E 3 .  ? -2.891  -6.902  -20.037 1.00 40.40 ? 230 HOH A O     1 
HETATM 1001 O O     . HOH E 3 .  ? 10.017  -9.836  -10.655 1.00 39.26 ? 231 HOH A O     1 
HETATM 1002 O O     . HOH E 3 .  ? 12.227  6.469   -29.857 1.00 52.76 ? 232 HOH A O     1 
HETATM 1003 O O     . HOH E 3 .  ? -1.909  -3.531  19.740  1.00 41.50 ? 233 HOH A O     1 
HETATM 1004 O O     . HOH E 3 .  ? -8.227  -0.204  -12.106 1.00 35.34 ? 234 HOH A O     1 
HETATM 1005 O O     . HOH E 3 .  ? -9.687  0.507   15.935  1.00 30.78 ? 236 HOH A O     1 
HETATM 1006 O O     . HOH E 3 .  ? 0.097   -4.832  19.303  1.00 35.93 ? 237 HOH A O     1 
HETATM 1007 O O     . HOH E 3 .  ? -3.504  -8.998  10.770  1.00 42.95 ? 238 HOH A O     1 
HETATM 1008 O O     . HOH E 3 .  ? -8.733  -0.377  -17.216 1.00 55.23 ? 239 HOH A O     1 
HETATM 1009 O O     . HOH E 3 .  ? -3.854  -0.937  17.620  1.00 26.91 ? 240 HOH A O     1 
HETATM 1010 O O     . HOH E 3 .  ? -2.987  2.821   -20.204 1.00 45.41 ? 241 HOH A O     1 
HETATM 1011 O O     . HOH E 3 .  ? -1.990  -11.478 -15.248 1.00 39.75 ? 242 HOH A O     1 
HETATM 1012 O O     . HOH E 3 .  ? -2.818  -10.622 -7.758  1.00 50.75 ? 244 HOH A O     1 
HETATM 1013 O O     . HOH E 3 .  ? 3.302   0.984   -20.175 1.00 43.34 ? 246 HOH A O     1 
HETATM 1014 O O     . HOH E 3 .  ? 2.662   3.141   -22.639 1.00 35.58 ? 247 HOH A O     1 
HETATM 1015 O O     . HOH F 3 .  ? -10.797 9.328   15.091  1.00 25.24 ? 200 HOH B O     1 
HETATM 1016 O O     . HOH F 3 .  ? -3.356  -8.987  -5.846  1.00 20.52 ? 201 HOH B O     1 
HETATM 1017 O O     . HOH F 3 .  ? 1.927   7.245   15.636  1.00 17.09 ? 202 HOH B O     1 
HETATM 1018 O O     . HOH F 3 .  ? 11.962  14.755  18.734  1.00 18.91 ? 204 HOH B O     1 
HETATM 1019 O O     . HOH F 3 .  ? 2.884   -7.032  -27.303 1.00 45.75 ? 207 HOH B O     1 
HETATM 1020 O O     . HOH F 3 .  ? -1.824  -4.553  3.095   1.00 32.78 ? 208 HOH B O     1 
HETATM 1021 O O     . HOH F 3 .  ? -0.865  -2.216  3.524   1.00 33.35 ? 209 HOH B O     1 
HETATM 1022 O O     . HOH F 3 .  ? -2.550  -0.740  20.738  1.00 33.08 ? 213 HOH B O     1 
HETATM 1023 O O     . HOH F 3 .  ? 4.285   1.631   17.442  1.00 36.36 ? 214 HOH B O     1 
HETATM 1024 O O     . HOH F 3 .  ? -4.995  2.805   21.641  1.00 30.75 ? 215 HOH B O     1 
HETATM 1025 O O     . HOH F 3 .  ? -2.546  4.637   20.886  1.00 29.22 ? 225 HOH B O     1 
HETATM 1026 O O     . HOH F 3 .  ? 1.497   0.269   -10.791 1.00 35.46 ? 226 HOH B O     1 
HETATM 1027 O O     . HOH F 3 .  ? -10.489 3.853   -7.209  1.00 39.58 ? 229 HOH B O     1 
HETATM 1028 O O     . HOH F 3 .  ? -1.887  -3.722  17.105  1.00 31.21 ? 235 HOH B O     1 
HETATM 1029 O O     . HOH F 3 .  ? 0.523   -5.201  -27.125 1.00 43.51 ? 243 HOH B O     1 
HETATM 1030 O O     . HOH F 3 .  ? -16.185 -4.794  22.869  1.00 40.50 ? 245 HOH B O     1 
# 
loop_
_pdbx_poly_seq_scheme.asym_id 
_pdbx_poly_seq_scheme.entity_id 
_pdbx_poly_seq_scheme.seq_id 
_pdbx_poly_seq_scheme.mon_id 
_pdbx_poly_seq_scheme.ndb_seq_num 
_pdbx_poly_seq_scheme.pdb_seq_num 
_pdbx_poly_seq_scheme.auth_seq_num 
_pdbx_poly_seq_scheme.pdb_mon_id 
_pdbx_poly_seq_scheme.auth_mon_id 
_pdbx_poly_seq_scheme.pdb_strand_id 
_pdbx_poly_seq_scheme.pdb_ins_code 
_pdbx_poly_seq_scheme.hetero 
A 1 1  C 1  1  ?  ? ? A . n 
A 1 2  G 2  2  2  G G A . n 
A 1 3  C 3  3  3  C C A . n 
A 1 4  G 4  4  4  G G A . n 
A 1 5  U 5  5  5  U U A . n 
A 1 6  C 6  6  6  C C A . n 
A 1 7  A 7  7  7  A A A . n 
A 1 8  C 8  8  8  C C A . n 
A 1 9  A 9  9  9  A A A . n 
A 1 10 C 10 10 10 C C A . n 
A 1 11 C 11 11 11 C C A . n 
A 1 12 G 12 12 12 G G A . n 
A 1 13 G 13 13 13 G G A . n 
A 1 14 U 14 14 14 U U A . n 
A 1 15 G 15 15 15 G G A . n 
A 1 16 A 16 16 16 A A A . n 
A 1 17 A 17 17 17 A A A . n 
A 1 18 G 18 18 18 G G A . n 
A 1 19 U 19 19 19 U U A . n 
A 1 20 C 20 20 20 C C A . n 
A 1 21 G 21 21 21 G G A . n 
A 1 22 C 22 22 22 C C A . n 
B 1 1  C 1  24 ?  ? ? B . n 
B 1 2  G 2  25 25 G G B . n 
B 1 3  C 3  26 26 C C B . n 
B 1 4  G 4  27 27 G G B . n 
B 1 5  U 5  28 28 U U B . n 
B 1 6  C 6  29 29 C C B . n 
B 1 7  A 7  30 30 A A B . n 
B 1 8  C 8  31 31 C C B . n 
B 1 9  A 9  32 32 A A B . n 
B 1 10 C 10 33 33 C C B . n 
B 1 11 C 11 34 34 C C B . n 
B 1 12 G 12 35 35 G G B . n 
B 1 13 G 13 36 36 G G B . n 
B 1 14 U 14 37 37 U U B . n 
B 1 15 G 15 38 38 G G B . n 
B 1 16 A 16 39 39 A A B . n 
B 1 17 A 17 40 40 A A B . n 
B 1 18 G 18 41 41 G G B . n 
B 1 19 U 19 42 42 U U B . n 
B 1 20 C 20 43 43 C C B . n 
B 1 21 G 21 44 44 G G B . n 
B 1 22 C 22 45 45 C C B . n 
# 
loop_
_pdbx_nonpoly_scheme.asym_id 
_pdbx_nonpoly_scheme.entity_id 
_pdbx_nonpoly_scheme.mon_id 
_pdbx_nonpoly_scheme.ndb_seq_num 
_pdbx_nonpoly_scheme.pdb_seq_num 
_pdbx_nonpoly_scheme.auth_seq_num 
_pdbx_nonpoly_scheme.pdb_mon_id 
_pdbx_nonpoly_scheme.auth_mon_id 
_pdbx_nonpoly_scheme.pdb_strand_id 
_pdbx_nonpoly_scheme.pdb_ins_code 
C 2 NMY 1  50  50  NMY NMY A . 
D 2 NMY 1  51  51  NMY NMY B . 
E 3 HOH 1  203 203 HOH HOH A . 
E 3 HOH 2  205 205 HOH HOH A . 
E 3 HOH 3  206 206 HOH HOH A . 
E 3 HOH 4  210 210 HOH HOH A . 
E 3 HOH 5  211 211 HOH HOH A . 
E 3 HOH 6  212 212 HOH HOH A . 
E 3 HOH 7  216 216 HOH HOH A . 
E 3 HOH 8  217 217 HOH HOH A . 
E 3 HOH 9  218 218 HOH HOH A . 
E 3 HOH 10 219 219 HOH HOH A . 
E 3 HOH 11 220 220 HOH HOH A . 
E 3 HOH 12 221 221 HOH HOH A . 
E 3 HOH 13 222 222 HOH HOH A . 
E 3 HOH 14 223 223 HOH HOH A . 
E 3 HOH 15 224 224 HOH HOH A . 
E 3 HOH 16 227 227 HOH HOH A . 
E 3 HOH 17 228 228 HOH HOH A . 
E 3 HOH 18 230 230 HOH HOH A . 
E 3 HOH 19 231 231 HOH HOH A . 
E 3 HOH 20 232 232 HOH HOH A . 
E 3 HOH 21 233 233 HOH HOH A . 
E 3 HOH 22 234 234 HOH HOH A . 
E 3 HOH 23 236 236 HOH HOH A . 
E 3 HOH 24 237 237 HOH HOH A . 
E 3 HOH 25 238 238 HOH HOH A . 
E 3 HOH 26 239 239 HOH HOH A . 
E 3 HOH 27 240 240 HOH HOH A . 
E 3 HOH 28 241 241 HOH HOH A . 
E 3 HOH 29 242 242 HOH HOH A . 
E 3 HOH 30 244 244 HOH HOH A . 
E 3 HOH 31 246 246 HOH HOH A . 
E 3 HOH 32 247 247 HOH HOH A . 
F 3 HOH 1  200 200 HOH HOH B . 
F 3 HOH 2  201 201 HOH HOH B . 
F 3 HOH 3  202 202 HOH HOH B . 
F 3 HOH 4  204 204 HOH HOH B . 
F 3 HOH 5  207 207 HOH HOH B . 
F 3 HOH 6  208 208 HOH HOH B . 
F 3 HOH 7  209 209 HOH HOH B . 
F 3 HOH 8  213 213 HOH HOH B . 
F 3 HOH 9  214 214 HOH HOH B . 
F 3 HOH 10 215 215 HOH HOH B . 
F 3 HOH 11 225 225 HOH HOH B . 
F 3 HOH 12 226 226 HOH HOH B . 
F 3 HOH 13 229 229 HOH HOH B . 
F 3 HOH 14 235 235 HOH HOH B . 
F 3 HOH 15 243 243 HOH HOH B . 
F 3 HOH 16 245 245 HOH HOH B . 
# 
_struct_site_keywords.site_id   1 
_struct_site_keywords.text      BIS-INTERCALATION 
# 
_pdbx_struct_assembly.id                   1 
_pdbx_struct_assembly.details              author_defined_assembly 
_pdbx_struct_assembly.method_details       ? 
_pdbx_struct_assembly.oligomeric_details   dimeric 
_pdbx_struct_assembly.oligomeric_count     2 
# 
_pdbx_struct_assembly_gen.assembly_id       1 
_pdbx_struct_assembly_gen.oper_expression   1 
_pdbx_struct_assembly_gen.asym_id_list      A,B,C,D,E,F 
# 
_pdbx_struct_oper_list.id                   1 
_pdbx_struct_oper_list.type                 'identity operation' 
_pdbx_struct_oper_list.name                 1_555 
_pdbx_struct_oper_list.symmetry_operation   x,y,z 
_pdbx_struct_oper_list.matrix[1][1]         1.0000000000 
_pdbx_struct_oper_list.matrix[1][2]         0.0000000000 
_pdbx_struct_oper_list.matrix[1][3]         0.0000000000 
_pdbx_struct_oper_list.vector[1]            0.0000000000 
_pdbx_struct_oper_list.matrix[2][1]         0.0000000000 
_pdbx_struct_oper_list.matrix[2][2]         1.0000000000 
_pdbx_struct_oper_list.matrix[2][3]         0.0000000000 
_pdbx_struct_oper_list.vector[2]            0.0000000000 
_pdbx_struct_oper_list.matrix[3][1]         0.0000000000 
_pdbx_struct_oper_list.matrix[3][2]         0.0000000000 
_pdbx_struct_oper_list.matrix[3][3]         1.0000000000 
_pdbx_struct_oper_list.vector[3]            0.0000000000 
# 
loop_
_pdbx_audit_revision_history.ordinal 
_pdbx_audit_revision_history.data_content_type 
_pdbx_audit_revision_history.major_revision 
_pdbx_audit_revision_history.minor_revision 
_pdbx_audit_revision_history.revision_date 
1 'Structure model' 1 0 2005-12-13 
2 'Structure model' 1 1 2008-05-01 
3 'Structure model' 1 2 2011-07-13 
4 'Structure model' 1 3 2023-08-23 
# 
_pdbx_audit_revision_details.ordinal             1 
_pdbx_audit_revision_details.revision_ordinal    1 
_pdbx_audit_revision_details.data_content_type   'Structure model' 
_pdbx_audit_revision_details.provider            repository 
_pdbx_audit_revision_details.type                'Initial release' 
_pdbx_audit_revision_details.description         ? 
_pdbx_audit_revision_details.details             ? 
# 
loop_
_pdbx_audit_revision_group.ordinal 
_pdbx_audit_revision_group.revision_ordinal 
_pdbx_audit_revision_group.data_content_type 
_pdbx_audit_revision_group.group 
1 2 'Structure model' 'Version format compliance' 
2 3 'Structure model' 'Version format compliance' 
3 4 'Structure model' 'Data collection'           
4 4 'Structure model' 'Database references'       
5 4 'Structure model' 'Derived calculations'      
6 4 'Structure model' 'Refinement description'    
# 
loop_
_pdbx_audit_revision_category.ordinal 
_pdbx_audit_revision_category.revision_ordinal 
_pdbx_audit_revision_category.data_content_type 
_pdbx_audit_revision_category.category 
1 4 'Structure model' chem_comp_atom                
2 4 'Structure model' chem_comp_bond                
3 4 'Structure model' database_2                    
4 4 'Structure model' pdbx_initial_refinement_model 
5 4 'Structure model' struct_site                   
# 
loop_
_pdbx_audit_revision_item.ordinal 
_pdbx_audit_revision_item.revision_ordinal 
_pdbx_audit_revision_item.data_content_type 
_pdbx_audit_revision_item.item 
1 4 'Structure model' '_database_2.pdbx_DOI'                
2 4 'Structure model' '_database_2.pdbx_database_accession' 
3 4 'Structure model' '_struct_site.pdbx_auth_asym_id'      
4 4 'Structure model' '_struct_site.pdbx_auth_comp_id'      
5 4 'Structure model' '_struct_site.pdbx_auth_seq_id'       
# 
loop_
_software.name 
_software.classification 
_software.version 
_software.citation_id 
_software.pdbx_ordinal 
HKL-2000  'data collection' .   ? 1 
SCALEPACK 'data scaling'    .   ? 2 
AMoRE     phasing           .   ? 3 
CNS       refinement        1.1 ? 4 
HKL-2000  'data reduction'  .   ? 5 
# 
_pdbx_validate_planes.id              1 
_pdbx_validate_planes.PDB_model_num   1 
_pdbx_validate_planes.auth_comp_id    U 
_pdbx_validate_planes.auth_asym_id    A 
_pdbx_validate_planes.auth_seq_id     5 
_pdbx_validate_planes.PDB_ins_code    ? 
_pdbx_validate_planes.label_alt_id    ? 
_pdbx_validate_planes.rmsd            0.066 
_pdbx_validate_planes.type            'SIDE CHAIN' 
# 
loop_
_pdbx_unobs_or_zero_occ_residues.id 
_pdbx_unobs_or_zero_occ_residues.PDB_model_num 
_pdbx_unobs_or_zero_occ_residues.polymer_flag 
_pdbx_unobs_or_zero_occ_residues.occupancy_flag 
_pdbx_unobs_or_zero_occ_residues.auth_asym_id 
_pdbx_unobs_or_zero_occ_residues.auth_comp_id 
_pdbx_unobs_or_zero_occ_residues.auth_seq_id 
_pdbx_unobs_or_zero_occ_residues.PDB_ins_code 
_pdbx_unobs_or_zero_occ_residues.label_asym_id 
_pdbx_unobs_or_zero_occ_residues.label_comp_id 
_pdbx_unobs_or_zero_occ_residues.label_seq_id 
1 1 Y 1 A C 1  ? A C 1 
2 1 Y 1 B C 24 ? B C 1 
# 
loop_
_chem_comp_atom.comp_id 
_chem_comp_atom.atom_id 
_chem_comp_atom.type_symbol 
_chem_comp_atom.pdbx_aromatic_flag 
_chem_comp_atom.pdbx_stereo_config 
_chem_comp_atom.pdbx_ordinal 
A   OP3    O N N 1   
A   P      P N N 2   
A   OP1    O N N 3   
A   OP2    O N N 4   
A   "O5'"  O N N 5   
A   "C5'"  C N N 6   
A   "C4'"  C N R 7   
A   "O4'"  O N N 8   
A   "C3'"  C N S 9   
A   "O3'"  O N N 10  
A   "C2'"  C N R 11  
A   "O2'"  O N N 12  
A   "C1'"  C N R 13  
A   N9     N Y N 14  
A   C8     C Y N 15  
A   N7     N Y N 16  
A   C5     C Y N 17  
A   C6     C Y N 18  
A   N6     N N N 19  
A   N1     N Y N 20  
A   C2     C Y N 21  
A   N3     N Y N 22  
A   C4     C Y N 23  
A   HOP3   H N N 24  
A   HOP2   H N N 25  
A   "H5'"  H N N 26  
A   "H5''" H N N 27  
A   "H4'"  H N N 28  
A   "H3'"  H N N 29  
A   "HO3'" H N N 30  
A   "H2'"  H N N 31  
A   "HO2'" H N N 32  
A   "H1'"  H N N 33  
A   H8     H N N 34  
A   H61    H N N 35  
A   H62    H N N 36  
A   H2     H N N 37  
C   OP3    O N N 38  
C   P      P N N 39  
C   OP1    O N N 40  
C   OP2    O N N 41  
C   "O5'"  O N N 42  
C   "C5'"  C N N 43  
C   "C4'"  C N R 44  
C   "O4'"  O N N 45  
C   "C3'"  C N S 46  
C   "O3'"  O N N 47  
C   "C2'"  C N R 48  
C   "O2'"  O N N 49  
C   "C1'"  C N R 50  
C   N1     N N N 51  
C   C2     C N N 52  
C   O2     O N N 53  
C   N3     N N N 54  
C   C4     C N N 55  
C   N4     N N N 56  
C   C5     C N N 57  
C   C6     C N N 58  
C   HOP3   H N N 59  
C   HOP2   H N N 60  
C   "H5'"  H N N 61  
C   "H5''" H N N 62  
C   "H4'"  H N N 63  
C   "H3'"  H N N 64  
C   "HO3'" H N N 65  
C   "H2'"  H N N 66  
C   "HO2'" H N N 67  
C   "H1'"  H N N 68  
C   H41    H N N 69  
C   H42    H N N 70  
C   H5     H N N 71  
C   H6     H N N 72  
G   OP3    O N N 73  
G   P      P N N 74  
G   OP1    O N N 75  
G   OP2    O N N 76  
G   "O5'"  O N N 77  
G   "C5'"  C N N 78  
G   "C4'"  C N R 79  
G   "O4'"  O N N 80  
G   "C3'"  C N S 81  
G   "O3'"  O N N 82  
G   "C2'"  C N R 83  
G   "O2'"  O N N 84  
G   "C1'"  C N R 85  
G   N9     N Y N 86  
G   C8     C Y N 87  
G   N7     N Y N 88  
G   C5     C Y N 89  
G   C6     C N N 90  
G   O6     O N N 91  
G   N1     N N N 92  
G   C2     C N N 93  
G   N2     N N N 94  
G   N3     N N N 95  
G   C4     C Y N 96  
G   HOP3   H N N 97  
G   HOP2   H N N 98  
G   "H5'"  H N N 99  
G   "H5''" H N N 100 
G   "H4'"  H N N 101 
G   "H3'"  H N N 102 
G   "HO3'" H N N 103 
G   "H2'"  H N N 104 
G   "HO2'" H N N 105 
G   "H1'"  H N N 106 
G   H8     H N N 107 
G   H1     H N N 108 
G   H21    H N N 109 
G   H22    H N N 110 
HOH O      O N N 111 
HOH H1     H N N 112 
HOH H2     H N N 113 
NMY C1     C N R 114 
NMY O1     O N N 115 
NMY C2     C N R 116 
NMY N2     N N N 117 
NMY C3     C N R 118 
NMY O3     O N N 119 
NMY C4     C N S 120 
NMY O4     O N N 121 
NMY C5     C N R 122 
NMY O5     O N N 123 
NMY C6     C N N 124 
NMY C7     C N R 125 
NMY N7     N N N 126 
NMY C12    C N S 127 
NMY C11    C N R 128 
NMY O11    O N N 129 
NMY C10    C N R 130 
NMY C9     C N S 131 
NMY N9     N N N 132 
NMY C8     C N N 133 
NMY C13    C N S 134 
NMY C14    C N R 135 
NMY C15    C N S 136 
NMY C16    C N R 137 
NMY O16    O N N 138 
NMY C17    C N N 139 
NMY C21    C N S 140 
NMY C20    C N R 141 
NMY C19    C N R 142 
NMY C18    C N R 143 
NMY O18    O N N 144 
NMY C22    C N S 145 
NMY O22    O N N 146 
NMY C23    C N N 147 
NMY N6     N N N 148 
NMY O14    O N N 149 
NMY O20    O N N 150 
NMY O21    O N N 151 
NMY O17    O N N 152 
NMY O12    O N N 153 
NMY N19    N N N 154 
NMY N23    N N N 155 
NMY H1     H N N 156 
NMY H2     H N N 157 
NMY HN21   H N N 158 
NMY HN22   H N N 159 
NMY H3     H N N 160 
NMY HO3    H N N 161 
NMY H4     H N N 162 
NMY HO4    H N N 163 
NMY H5     H N N 164 
NMY H61    H N N 165 
NMY H62    H N N 166 
NMY H7     H N N 167 
NMY H71    H N N 168 
NMY H72    H N N 169 
NMY H12    H N N 170 
NMY H11    H N N 171 
NMY H10    H N N 172 
NMY H9     H N N 173 
NMY H91    H N N 174 
NMY H92    H N N 175 
NMY H81    H N N 176 
NMY H82    H N N 177 
NMY H13    H N N 178 
NMY H14    H N N 179 
NMY H15    H N N 180 
NMY H16    H N N 181 
NMY H171   H N N 182 
NMY H172   H N N 183 
NMY H21    H N N 184 
NMY H20    H N N 185 
NMY H19    H N N 186 
NMY H18    H N N 187 
NMY H22    H N N 188 
NMY H231   H N N 189 
NMY H232   H N N 190 
NMY HN61   H N N 191 
NMY HN62   H N N 192 
NMY HO41   H N N 193 
NMY HO22   H N N 194 
NMY HO21   H N N 195 
NMY H17    H N N 196 
NMY HO12   H N N 197 
NMY H191   H N N 198 
NMY H192   H N N 199 
NMY HN31   H N N 200 
NMY HN32   H N N 201 
U   OP3    O N N 202 
U   P      P N N 203 
U   OP1    O N N 204 
U   OP2    O N N 205 
U   "O5'"  O N N 206 
U   "C5'"  C N N 207 
U   "C4'"  C N R 208 
U   "O4'"  O N N 209 
U   "C3'"  C N S 210 
U   "O3'"  O N N 211 
U   "C2'"  C N R 212 
U   "O2'"  O N N 213 
U   "C1'"  C N R 214 
U   N1     N N N 215 
U   C2     C N N 216 
U   O2     O N N 217 
U   N3     N N N 218 
U   C4     C N N 219 
U   O4     O N N 220 
U   C5     C N N 221 
U   C6     C N N 222 
U   HOP3   H N N 223 
U   HOP2   H N N 224 
U   "H5'"  H N N 225 
U   "H5''" H N N 226 
U   "H4'"  H N N 227 
U   "H3'"  H N N 228 
U   "HO3'" H N N 229 
U   "H2'"  H N N 230 
U   "HO2'" H N N 231 
U   "H1'"  H N N 232 
U   H3     H N N 233 
U   H5     H N N 234 
U   H6     H N N 235 
# 
loop_
_chem_comp_bond.comp_id 
_chem_comp_bond.atom_id_1 
_chem_comp_bond.atom_id_2 
_chem_comp_bond.value_order 
_chem_comp_bond.pdbx_aromatic_flag 
_chem_comp_bond.pdbx_stereo_config 
_chem_comp_bond.pdbx_ordinal 
A   OP3   P      sing N N 1   
A   OP3   HOP3   sing N N 2   
A   P     OP1    doub N N 3   
A   P     OP2    sing N N 4   
A   P     "O5'"  sing N N 5   
A   OP2   HOP2   sing N N 6   
A   "O5'" "C5'"  sing N N 7   
A   "C5'" "C4'"  sing N N 8   
A   "C5'" "H5'"  sing N N 9   
A   "C5'" "H5''" sing N N 10  
A   "C4'" "O4'"  sing N N 11  
A   "C4'" "C3'"  sing N N 12  
A   "C4'" "H4'"  sing N N 13  
A   "O4'" "C1'"  sing N N 14  
A   "C3'" "O3'"  sing N N 15  
A   "C3'" "C2'"  sing N N 16  
A   "C3'" "H3'"  sing N N 17  
A   "O3'" "HO3'" sing N N 18  
A   "C2'" "O2'"  sing N N 19  
A   "C2'" "C1'"  sing N N 20  
A   "C2'" "H2'"  sing N N 21  
A   "O2'" "HO2'" sing N N 22  
A   "C1'" N9     sing N N 23  
A   "C1'" "H1'"  sing N N 24  
A   N9    C8     sing Y N 25  
A   N9    C4     sing Y N 26  
A   C8    N7     doub Y N 27  
A   C8    H8     sing N N 28  
A   N7    C5     sing Y N 29  
A   C5    C6     sing Y N 30  
A   C5    C4     doub Y N 31  
A   C6    N6     sing N N 32  
A   C6    N1     doub Y N 33  
A   N6    H61    sing N N 34  
A   N6    H62    sing N N 35  
A   N1    C2     sing Y N 36  
A   C2    N3     doub Y N 37  
A   C2    H2     sing N N 38  
A   N3    C4     sing Y N 39  
C   OP3   P      sing N N 40  
C   OP3   HOP3   sing N N 41  
C   P     OP1    doub N N 42  
C   P     OP2    sing N N 43  
C   P     "O5'"  sing N N 44  
C   OP2   HOP2   sing N N 45  
C   "O5'" "C5'"  sing N N 46  
C   "C5'" "C4'"  sing N N 47  
C   "C5'" "H5'"  sing N N 48  
C   "C5'" "H5''" sing N N 49  
C   "C4'" "O4'"  sing N N 50  
C   "C4'" "C3'"  sing N N 51  
C   "C4'" "H4'"  sing N N 52  
C   "O4'" "C1'"  sing N N 53  
C   "C3'" "O3'"  sing N N 54  
C   "C3'" "C2'"  sing N N 55  
C   "C3'" "H3'"  sing N N 56  
C   "O3'" "HO3'" sing N N 57  
C   "C2'" "O2'"  sing N N 58  
C   "C2'" "C1'"  sing N N 59  
C   "C2'" "H2'"  sing N N 60  
C   "O2'" "HO2'" sing N N 61  
C   "C1'" N1     sing N N 62  
C   "C1'" "H1'"  sing N N 63  
C   N1    C2     sing N N 64  
C   N1    C6     sing N N 65  
C   C2    O2     doub N N 66  
C   C2    N3     sing N N 67  
C   N3    C4     doub N N 68  
C   C4    N4     sing N N 69  
C   C4    C5     sing N N 70  
C   N4    H41    sing N N 71  
C   N4    H42    sing N N 72  
C   C5    C6     doub N N 73  
C   C5    H5     sing N N 74  
C   C6    H6     sing N N 75  
G   OP3   P      sing N N 76  
G   OP3   HOP3   sing N N 77  
G   P     OP1    doub N N 78  
G   P     OP2    sing N N 79  
G   P     "O5'"  sing N N 80  
G   OP2   HOP2   sing N N 81  
G   "O5'" "C5'"  sing N N 82  
G   "C5'" "C4'"  sing N N 83  
G   "C5'" "H5'"  sing N N 84  
G   "C5'" "H5''" sing N N 85  
G   "C4'" "O4'"  sing N N 86  
G   "C4'" "C3'"  sing N N 87  
G   "C4'" "H4'"  sing N N 88  
G   "O4'" "C1'"  sing N N 89  
G   "C3'" "O3'"  sing N N 90  
G   "C3'" "C2'"  sing N N 91  
G   "C3'" "H3'"  sing N N 92  
G   "O3'" "HO3'" sing N N 93  
G   "C2'" "O2'"  sing N N 94  
G   "C2'" "C1'"  sing N N 95  
G   "C2'" "H2'"  sing N N 96  
G   "O2'" "HO2'" sing N N 97  
G   "C1'" N9     sing N N 98  
G   "C1'" "H1'"  sing N N 99  
G   N9    C8     sing Y N 100 
G   N9    C4     sing Y N 101 
G   C8    N7     doub Y N 102 
G   C8    H8     sing N N 103 
G   N7    C5     sing Y N 104 
G   C5    C6     sing N N 105 
G   C5    C4     doub Y N 106 
G   C6    O6     doub N N 107 
G   C6    N1     sing N N 108 
G   N1    C2     sing N N 109 
G   N1    H1     sing N N 110 
G   C2    N2     sing N N 111 
G   C2    N3     doub N N 112 
G   N2    H21    sing N N 113 
G   N2    H22    sing N N 114 
G   N3    C4     sing N N 115 
HOH O     H1     sing N N 116 
HOH O     H2     sing N N 117 
NMY C1    O5     sing N N 118 
NMY C1    O1     sing N N 119 
NMY C1    C2     sing N N 120 
NMY C1    H1     sing N N 121 
NMY O1    C10    sing N N 122 
NMY C2    N2     sing N N 123 
NMY C2    C3     sing N N 124 
NMY C2    H2     sing N N 125 
NMY N2    HN21   sing N N 126 
NMY N2    HN22   sing N N 127 
NMY C3    C4     sing N N 128 
NMY C3    O3     sing N N 129 
NMY C3    H3     sing N N 130 
NMY O3    HO3    sing N N 131 
NMY C4    C5     sing N N 132 
NMY C4    O4     sing N N 133 
NMY C4    H4     sing N N 134 
NMY O4    HO4    sing N N 135 
NMY C5    O5     sing N N 136 
NMY C5    C6     sing N N 137 
NMY C5    H5     sing N N 138 
NMY C6    N6     sing N N 139 
NMY C6    H61    sing N N 140 
NMY C6    H62    sing N N 141 
NMY C7    N7     sing N N 142 
NMY C7    C12    sing N N 143 
NMY C7    C8     sing N N 144 
NMY C7    H7     sing N N 145 
NMY N7    H71    sing N N 146 
NMY N7    H72    sing N N 147 
NMY C12   O12    sing N N 148 
NMY C12   C11    sing N N 149 
NMY C12   H12    sing N N 150 
NMY C11   O11    sing N N 151 
NMY C11   C10    sing N N 152 
NMY C11   H11    sing N N 153 
NMY O11   C13    sing N N 154 
NMY C10   C9     sing N N 155 
NMY C10   H10    sing N N 156 
NMY C9    C8     sing N N 157 
NMY C9    N9     sing N N 158 
NMY C9    H9     sing N N 159 
NMY N9    H91    sing N N 160 
NMY N9    H92    sing N N 161 
NMY C8    H81    sing N N 162 
NMY C8    H82    sing N N 163 
NMY C13   C14    sing N N 164 
NMY C13   O16    sing N N 165 
NMY C13   H13    sing N N 166 
NMY C14   O14    sing N N 167 
NMY C14   C15    sing N N 168 
NMY C14   H14    sing N N 169 
NMY C15   O18    sing N N 170 
NMY C15   C16    sing N N 171 
NMY C15   H15    sing N N 172 
NMY C16   O16    sing N N 173 
NMY C16   C17    sing N N 174 
NMY C16   H16    sing N N 175 
NMY C17   O17    sing N N 176 
NMY C17   H171   sing N N 177 
NMY C17   H172   sing N N 178 
NMY C21   C20    sing N N 179 
NMY C21   C22    sing N N 180 
NMY C21   O21    sing N N 181 
NMY C21   H21    sing N N 182 
NMY C20   C19    sing N N 183 
NMY C20   O20    sing N N 184 
NMY C20   H20    sing N N 185 
NMY C19   N23    sing N N 186 
NMY C19   C18    sing N N 187 
NMY C19   H19    sing N N 188 
NMY C18   O22    sing N N 189 
NMY C18   O18    sing N N 190 
NMY C18   H18    sing N N 191 
NMY C22   O22    sing N N 192 
NMY C22   C23    sing N N 193 
NMY C22   H22    sing N N 194 
NMY C23   N19    sing N N 195 
NMY C23   H231   sing N N 196 
NMY C23   H232   sing N N 197 
NMY N6    HN61   sing N N 198 
NMY N6    HN62   sing N N 199 
NMY O14   HO41   sing N N 200 
NMY O20   HO22   sing N N 201 
NMY O21   HO21   sing N N 202 
NMY O17   H17    sing N N 203 
NMY O12   HO12   sing N N 204 
NMY N19   H191   sing N N 205 
NMY N19   H192   sing N N 206 
NMY N23   HN31   sing N N 207 
NMY N23   HN32   sing N N 208 
U   OP3   P      sing N N 209 
U   OP3   HOP3   sing N N 210 
U   P     OP1    doub N N 211 
U   P     OP2    sing N N 212 
U   P     "O5'"  sing N N 213 
U   OP2   HOP2   sing N N 214 
U   "O5'" "C5'"  sing N N 215 
U   "C5'" "C4'"  sing N N 216 
U   "C5'" "H5'"  sing N N 217 
U   "C5'" "H5''" sing N N 218 
U   "C4'" "O4'"  sing N N 219 
U   "C4'" "C3'"  sing N N 220 
U   "C4'" "H4'"  sing N N 221 
U   "O4'" "C1'"  sing N N 222 
U   "C3'" "O3'"  sing N N 223 
U   "C3'" "C2'"  sing N N 224 
U   "C3'" "H3'"  sing N N 225 
U   "O3'" "HO3'" sing N N 226 
U   "C2'" "O2'"  sing N N 227 
U   "C2'" "C1'"  sing N N 228 
U   "C2'" "H2'"  sing N N 229 
U   "O2'" "HO2'" sing N N 230 
U   "C1'" N1     sing N N 231 
U   "C1'" "H1'"  sing N N 232 
U   N1    C2     sing N N 233 
U   N1    C6     sing N N 234 
U   C2    O2     doub N N 235 
U   C2    N3     sing N N 236 
U   N3    C4     sing N N 237 
U   N3    H3     sing N N 238 
U   C4    O4     doub N N 239 
U   C4    C5     sing N N 240 
U   C5    C6     doub N N 241 
U   C5    H5     sing N N 242 
U   C6    H6     sing N N 243 
# 
loop_
_ndb_struct_conf_na.entry_id 
_ndb_struct_conf_na.feature 
2ET4 'double helix'         
2ET4 'a-form double helix'  
2ET4 'mismatched base pair' 
2ET4 'internal loop'        
# 
loop_
_ndb_struct_na_base_pair.model_number 
_ndb_struct_na_base_pair.i_label_asym_id 
_ndb_struct_na_base_pair.i_label_comp_id 
_ndb_struct_na_base_pair.i_label_seq_id 
_ndb_struct_na_base_pair.i_symmetry 
_ndb_struct_na_base_pair.j_label_asym_id 
_ndb_struct_na_base_pair.j_label_comp_id 
_ndb_struct_na_base_pair.j_label_seq_id 
_ndb_struct_na_base_pair.j_symmetry 
_ndb_struct_na_base_pair.shear 
_ndb_struct_na_base_pair.stretch 
_ndb_struct_na_base_pair.stagger 
_ndb_struct_na_base_pair.buckle 
_ndb_struct_na_base_pair.propeller 
_ndb_struct_na_base_pair.opening 
_ndb_struct_na_base_pair.pair_number 
_ndb_struct_na_base_pair.pair_name 
_ndb_struct_na_base_pair.i_auth_asym_id 
_ndb_struct_na_base_pair.i_auth_seq_id 
_ndb_struct_na_base_pair.i_PDB_ins_code 
_ndb_struct_na_base_pair.j_auth_asym_id 
_ndb_struct_na_base_pair.j_auth_seq_id 
_ndb_struct_na_base_pair.j_PDB_ins_code 
_ndb_struct_na_base_pair.hbond_type_28 
_ndb_struct_na_base_pair.hbond_type_12 
1 A G 2  1_555 B C 22 1_555 -0.990 -0.169 0.541  6.018  0.859   7.339   1  A_G2:C45_B  A 2  ? B 45 ? 19 1 
1 A C 3  1_555 B G 21 1_555 0.216  0.060  0.291  -0.579 -4.558  4.117   2  A_C3:G44_B  A 3  ? B 44 ? 19 1 
1 A G 4  1_555 B C 20 1_555 0.177  -0.144 0.140  2.407  -1.844  -1.543  3  A_G4:C43_B  A 4  ? B 43 ? 19 1 
1 A U 5  1_555 B U 19 1_555 -2.425 -0.916 -0.733 1.844  -5.400  -25.472 4  A_U5:U42_B  A 5  ? B 42 ? ?  ? 
1 A C 6  1_555 B G 18 1_555 0.226  -0.306 -0.126 -1.970 4.723   2.458   5  A_C6:G41_B  A 6  ? B 41 ? 19 1 
1 A C 8  1_555 B G 15 1_555 0.171  -0.093 0.234  6.781  -24.244 2.244   6  A_C8:G38_B  A 8  ? B 38 ? 19 1 
1 A A 9  1_555 B U 14 1_555 0.555  -0.076 0.249  4.063  -15.230 0.783   7  A_A9:U37_B  A 9  ? B 37 ? 20 1 
1 A C 10 1_555 B G 13 1_555 0.443  -0.194 0.102  6.042  -16.039 3.902   8  A_C10:G36_B A 10 ? B 36 ? 19 1 
1 A C 11 1_555 B G 12 1_555 -0.144 -0.156 -0.002 -0.697 -11.435 -2.686  9  A_C11:G35_B A 11 ? B 35 ? 19 1 
1 A G 12 1_555 B C 11 1_555 -0.225 -0.148 0.233  0.152  -12.254 2.001   10 A_G12:C34_B A 12 ? B 34 ? 19 1 
1 A G 13 1_555 B C 10 1_555 -0.412 -0.100 0.152  -2.172 -19.664 0.281   11 A_G13:C33_B A 13 ? B 33 ? 19 1 
1 A U 14 1_555 B A 9  1_555 0.041  0.051  0.342  -0.575 -15.825 2.665   12 A_U14:A32_B A 14 ? B 32 ? 20 1 
1 A G 15 1_555 B C 8  1_555 -0.067 -0.076 -0.037 -8.538 -18.045 5.841   13 A_G15:C31_B A 15 ? B 31 ? 19 1 
1 A G 18 1_555 B C 6  1_555 -0.030 -0.087 -0.141 -5.723 0.754   -2.069  14 A_G18:C29_B A 18 ? B 29 ? 19 1 
1 A U 19 1_555 B U 5  1_555 2.766  -1.367 -0.373 -3.500 -10.616 -30.547 15 A_U19:U28_B A 19 ? B 28 ? ?  ? 
1 A C 20 1_555 B G 4  1_555 0.369  -0.303 0.116  2.552  -7.616  1.333   16 A_C20:G27_B A 20 ? B 27 ? 19 1 
1 A G 21 1_555 B C 3  1_555 0.004  -0.181 0.070  -2.290 1.085   0.652   17 A_G21:C26_B A 21 ? B 26 ? 19 1 
1 A C 22 1_555 B G 2  1_555 0.196  0.249  -0.466 0.146  -1.505  12.321  18 A_C22:G25_B A 22 ? B 25 ? ?  1 
# 
loop_
_ndb_struct_na_base_pair_step.model_number 
_ndb_struct_na_base_pair_step.i_label_asym_id_1 
_ndb_struct_na_base_pair_step.i_label_comp_id_1 
_ndb_struct_na_base_pair_step.i_label_seq_id_1 
_ndb_struct_na_base_pair_step.i_symmetry_1 
_ndb_struct_na_base_pair_step.j_label_asym_id_1 
_ndb_struct_na_base_pair_step.j_label_comp_id_1 
_ndb_struct_na_base_pair_step.j_label_seq_id_1 
_ndb_struct_na_base_pair_step.j_symmetry_1 
_ndb_struct_na_base_pair_step.i_label_asym_id_2 
_ndb_struct_na_base_pair_step.i_label_comp_id_2 
_ndb_struct_na_base_pair_step.i_label_seq_id_2 
_ndb_struct_na_base_pair_step.i_symmetry_2 
_ndb_struct_na_base_pair_step.j_label_asym_id_2 
_ndb_struct_na_base_pair_step.j_label_comp_id_2 
_ndb_struct_na_base_pair_step.j_label_seq_id_2 
_ndb_struct_na_base_pair_step.j_symmetry_2 
_ndb_struct_na_base_pair_step.shift 
_ndb_struct_na_base_pair_step.slide 
_ndb_struct_na_base_pair_step.rise 
_ndb_struct_na_base_pair_step.tilt 
_ndb_struct_na_base_pair_step.roll 
_ndb_struct_na_base_pair_step.twist 
_ndb_struct_na_base_pair_step.x_displacement 
_ndb_struct_na_base_pair_step.y_displacement 
_ndb_struct_na_base_pair_step.helical_rise 
_ndb_struct_na_base_pair_step.inclination 
_ndb_struct_na_base_pair_step.tip 
_ndb_struct_na_base_pair_step.helical_twist 
_ndb_struct_na_base_pair_step.step_number 
_ndb_struct_na_base_pair_step.step_name 
_ndb_struct_na_base_pair_step.i_auth_asym_id_1 
_ndb_struct_na_base_pair_step.i_auth_seq_id_1 
_ndb_struct_na_base_pair_step.i_PDB_ins_code_1 
_ndb_struct_na_base_pair_step.j_auth_asym_id_1 
_ndb_struct_na_base_pair_step.j_auth_seq_id_1 
_ndb_struct_na_base_pair_step.j_PDB_ins_code_1 
_ndb_struct_na_base_pair_step.i_auth_asym_id_2 
_ndb_struct_na_base_pair_step.i_auth_seq_id_2 
_ndb_struct_na_base_pair_step.i_PDB_ins_code_2 
_ndb_struct_na_base_pair_step.j_auth_asym_id_2 
_ndb_struct_na_base_pair_step.j_auth_seq_id_2 
_ndb_struct_na_base_pair_step.j_PDB_ins_code_2 
1 A G 2  1_555 B C 22 1_555 A C 3  1_555 B G 21 1_555 -0.767 -2.029 3.340 -1.964  4.999  37.307 -3.781 0.936  3.087 7.766  3.051   
37.678 1  AA_G2C3:G44C45_BB   A 2  ? B 45 ? A 3  ? B 44 ? 
1 A C 3  1_555 B G 21 1_555 A G 4  1_555 B C 20 1_555 -0.695 -1.846 2.831 -0.420  8.939  32.646 -4.320 1.141  2.269 15.541 0.729   
33.818 2  AA_C3G4:C43G44_BB   A 3  ? B 44 ? A 4  ? B 43 ? 
1 A G 4  1_555 B C 20 1_555 A U 5  1_555 B U 19 1_555 -1.071 -2.086 3.293 4.136   1.830  20.558 -6.442 4.581  2.830 5.048  -11.411 
21.045 3  AA_G4U5:U42C43_BB   A 4  ? B 43 ? A 5  ? B 42 ? 
1 A U 5  1_555 B U 19 1_555 A C 6  1_555 B G 18 1_555 2.236  -2.569 3.537 -4.015  -1.112 43.773 -3.320 -3.390 3.390 -1.488 5.371   
43.961 4  AA_U5C6:G41U42_BB   A 5  ? B 42 ? A 6  ? B 41 ? 
1 A C 6  1_555 B G 18 1_555 A C 8  1_555 B G 15 1_555 1.321  -3.645 6.199 -11.658 16.717 78.490 -3.593 -1.562 5.266 13.010 9.073   
80.677 5  AA_C6C8:G38G41_BB   A 6  ? B 41 ? A 8  ? B 38 ? 
1 A C 8  1_555 B G 15 1_555 A A 9  1_555 B U 14 1_555 -0.311 -1.518 3.167 -1.912  10.150 35.148 -3.688 0.257  2.654 16.376 3.085   
36.588 6  AA_C8A9:U37G38_BB   A 8  ? B 38 ? A 9  ? B 37 ? 
1 A A 9  1_555 B U 14 1_555 A C 10 1_555 B G 13 1_555 0.680  -1.674 3.181 2.321   1.228  29.294 -3.554 -0.857 3.153 2.422  -4.578  
29.409 7  AA_A9C10:G36U37_BB  A 9  ? B 37 ? A 10 ? B 36 ? 
1 A C 10 1_555 B G 13 1_555 A C 11 1_555 B G 12 1_555 -0.691 -1.796 3.335 0.447   6.788  32.223 -4.285 1.293  2.897 12.062 -0.795  
32.915 8  AA_C10C11:G35G36_BB A 10 ? B 36 ? A 11 ? B 35 ? 
1 A C 11 1_555 B G 12 1_555 A G 12 1_555 B C 11 1_555 -0.157 -1.521 3.071 -2.675  11.784 28.733 -4.759 -0.144 2.290 22.529 5.114   
31.121 9  AA_C11G12:C34G35_BB A 11 ? B 35 ? A 12 ? B 34 ? 
1 A G 12 1_555 B C 11 1_555 A G 13 1_555 B C 10 1_555 0.046  -1.530 3.309 1.010   6.304  30.923 -3.946 0.097  2.947 11.668 -1.870  
31.559 10 AA_G12G13:C33C34_BB A 12 ? B 34 ? A 13 ? B 33 ? 
1 A G 13 1_555 B C 10 1_555 A U 14 1_555 B A 9  1_555 0.322  -1.122 3.184 -1.350  5.162  33.515 -2.706 -0.757 2.968 8.881  2.323   
33.925 11 AA_G13U14:A32C33_BB A 13 ? B 33 ? A 14 ? B 32 ? 
1 A U 14 1_555 B A 9  1_555 A G 15 1_555 B C 8  1_555 0.237  -1.508 3.240 3.739   11.531 34.005 -3.949 0.106  2.618 18.983 -6.155  
36.041 12 AA_U14G15:C31A32_BB A 14 ? B 32 ? A 15 ? B 31 ? 
1 A G 18 1_555 B C 6  1_555 A U 19 1_555 B U 5  1_555 -2.600 -2.567 3.318 -1.703  1.874  43.389 -3.650 3.344  3.305 2.532  2.301   
43.459 13 AA_G18U19:U28C29_BB A 18 ? B 29 ? A 19 ? B 28 ? 
1 A U 19 1_555 B U 5  1_555 A C 20 1_555 B G 4  1_555 0.979  -2.563 3.013 -2.239  5.340  18.860 -9.523 -3.714 2.085 15.820 6.632   
19.721 14 AA_U19C20:G27U28_BB A 19 ? B 28 ? A 20 ? B 27 ? 
1 A C 20 1_555 B G 4  1_555 A G 21 1_555 B C 3  1_555 0.119  -1.837 3.340 -0.730  2.865  28.942 -4.281 -0.396 3.143 5.713  1.456   
29.090 15 AA_C20G21:C26G27_BB A 20 ? B 27 ? A 21 ? B 26 ? 
1 A G 21 1_555 B C 3  1_555 A C 22 1_555 B G 2  1_555 1.010  -2.149 3.203 7.661   7.318  31.555 -4.912 -0.554 2.811 13.006 -13.616 
33.243 16 AA_G21C22:G25C26_BB A 21 ? B 26 ? A 22 ? B 25 ? 
# 
loop_
_pdbx_entity_nonpoly.entity_id 
_pdbx_entity_nonpoly.name 
_pdbx_entity_nonpoly.comp_id 
2 NEOMYCIN NMY 
3 water    HOH 
# 
_pdbx_initial_refinement_model.id               1 
_pdbx_initial_refinement_model.entity_id_list   ? 
_pdbx_initial_refinement_model.type             'experimental model' 
_pdbx_initial_refinement_model.source_name      PDB 
_pdbx_initial_refinement_model.accession_code   1J7T 
_pdbx_initial_refinement_model.details          'PDB Entry: 1J7T' 
# 
